data_7O1Q
#
_entry.id   7O1Q
#
_cell.length_a   1.00
_cell.length_b   1.00
_cell.length_c   1.00
_cell.angle_alpha   90.00
_cell.angle_beta   90.00
_cell.angle_gamma   90.00
#
_symmetry.space_group_name_H-M   'P 1'
#
_entity_poly.entity_id   1
_entity_poly.type   'polypeptide(L)'
_entity_poly.pdbx_seq_one_letter_code
;ADSDINIKTGTTDIGSNTTVKTGDLVTYDKENGMHKKVFYSFIDDKNHNKKLLVIRTKGTIAGQYRVYSEEGANKSGLAW
PSAFKVQLQLPDNEVAQISDYYPRNDAEFRHDSGYEVHHQKLVFFAEDVGSNKGAIIGLMVGGVVIAYVQPDFKTILESP
TDKKVGWKVIFNNMVNQNWGPYDRDSWNPVYGNQLFMKTRNGSMKAADNFLDPNKASSLLSSGFSPDFATVITMDRKASK
QQTNIDVIYERVRDDYQLHWTSTNWKGTNTKDKWTDRSSERYKIDWEKEEMTN
;
_entity_poly.pdbx_strand_id   A,B,C,D,E,F,G
#
# COMPACT_ATOMS: atom_id res chain seq x y z
N ALA A 1 7.16 5.19 19.50
CA ALA A 1 8.46 4.52 19.63
C ALA A 1 9.42 5.40 20.39
N ASP A 2 10.57 4.82 20.75
CA ASP A 2 11.58 5.56 21.49
C ASP A 2 12.17 6.71 20.69
N SER A 3 11.98 6.74 19.38
CA SER A 3 12.40 7.89 18.59
C SER A 3 11.45 9.07 18.76
N ASP A 4 10.18 8.80 19.02
CA ASP A 4 9.18 9.84 19.15
C ASP A 4 9.34 10.65 20.44
N ILE A 5 10.20 10.19 21.35
CA ILE A 5 10.52 10.94 22.55
C ILE A 5 11.96 11.44 22.51
N ASN A 6 12.53 11.53 21.31
CA ASN A 6 13.86 12.09 21.10
C ASN A 6 14.95 11.25 21.73
N ILE A 7 14.78 9.93 21.71
CA ILE A 7 15.75 8.98 22.23
C ILE A 7 16.17 8.06 21.10
N LYS A 8 17.47 7.85 20.96
CA LYS A 8 17.99 7.00 19.90
C LYS A 8 17.38 5.61 19.98
N THR A 9 16.97 5.08 18.83
CA THR A 9 16.25 3.83 18.80
C THR A 9 17.12 2.69 19.29
N GLY A 10 16.51 1.78 20.05
CA GLY A 10 17.22 0.64 20.59
C GLY A 10 18.04 0.93 21.83
N THR A 11 18.02 2.17 22.31
CA THR A 11 18.85 2.51 23.46
C THR A 11 18.28 1.94 24.75
N THR A 12 16.96 1.98 24.91
CA THR A 12 16.30 1.49 26.11
C THR A 12 16.03 0.01 26.07
N ASP A 13 16.36 -0.66 24.97
CA ASP A 13 16.10 -2.09 24.84
C ASP A 13 17.15 -2.89 25.60
N ILE A 14 16.87 -4.17 25.76
CA ILE A 14 17.71 -5.08 26.52
C ILE A 14 18.46 -5.98 25.55
N GLY A 15 19.55 -6.57 26.04
CA GLY A 15 20.31 -7.52 25.27
C GLY A 15 21.51 -6.97 24.53
N SER A 16 21.92 -5.74 24.84
CA SER A 16 23.03 -5.13 24.15
C SER A 16 24.33 -5.53 24.83
N ASN A 17 25.23 -6.18 24.09
CA ASN A 17 26.55 -6.53 24.58
C ASN A 17 26.47 -7.51 25.75
N THR A 18 25.68 -8.57 25.55
CA THR A 18 25.53 -9.62 26.54
C THR A 18 25.42 -10.96 25.83
N THR A 19 25.76 -12.01 26.56
CA THR A 19 25.69 -13.37 26.05
C THR A 19 24.36 -13.99 26.44
N VAL A 20 23.66 -14.55 25.46
CA VAL A 20 22.32 -15.09 25.63
C VAL A 20 22.40 -16.61 25.51
N LYS A 21 21.76 -17.31 26.43
CA LYS A 21 21.79 -18.77 26.44
C LYS A 21 20.45 -19.30 25.95
N THR A 22 20.45 -19.84 24.73
CA THR A 22 19.22 -20.32 24.11
C THR A 22 19.10 -21.82 24.27
N GLY A 23 17.93 -22.33 23.91
CA GLY A 23 17.70 -23.76 23.94
C GLY A 23 16.34 -24.12 23.39
N ASP A 24 16.23 -25.37 22.96
CA ASP A 24 14.99 -25.94 22.46
C ASP A 24 14.62 -27.14 23.32
N LEU A 25 13.32 -27.29 23.58
CA LEU A 25 12.80 -28.45 24.29
C LEU A 25 11.58 -28.94 23.55
N VAL A 26 11.65 -30.16 23.02
CA VAL A 26 10.63 -30.70 22.12
C VAL A 26 10.05 -31.97 22.73
N THR A 27 8.78 -32.23 22.44
CA THR A 27 8.16 -33.48 22.86
C THR A 27 6.81 -33.61 22.18
N TYR A 28 6.45 -34.85 21.85
CA TYR A 28 5.23 -35.14 21.11
C TYR A 28 4.31 -35.98 21.96
N ASP A 29 3.13 -35.45 22.25
CA ASP A 29 2.07 -36.19 22.92
C ASP A 29 1.22 -36.84 21.83
N LYS A 30 1.42 -38.14 21.63
CA LYS A 30 0.68 -38.87 20.62
C LYS A 30 -0.80 -38.93 20.94
N GLU A 31 -1.14 -39.18 22.20
CA GLU A 31 -2.53 -39.36 22.57
C GLU A 31 -3.34 -38.11 22.27
N ASN A 32 -2.81 -36.95 22.63
CA ASN A 32 -3.47 -35.68 22.38
C ASN A 32 -3.06 -35.06 21.05
N GLY A 33 -2.11 -35.66 20.34
CA GLY A 33 -1.74 -35.18 19.03
C GLY A 33 -1.14 -33.80 19.04
N MET A 34 -0.19 -33.56 19.95
CA MET A 34 0.41 -32.24 20.11
C MET A 34 1.92 -32.35 19.94
N HIS A 35 2.47 -31.53 19.06
CA HIS A 35 3.91 -31.34 18.97
C HIS A 35 4.23 -30.07 19.76
N LYS A 36 4.84 -30.24 20.91
CA LYS A 36 5.14 -29.13 21.81
C LYS A 36 6.62 -28.79 21.70
N LYS A 37 6.91 -27.50 21.51
CA LYS A 37 8.27 -27.01 21.54
C LYS A 37 8.32 -25.76 22.41
N VAL A 38 9.42 -25.61 23.12
CA VAL A 38 9.69 -24.44 23.93
C VAL A 38 11.06 -23.93 23.53
N PHE A 39 11.10 -22.70 23.04
CA PHE A 39 12.36 -22.03 22.74
C PHE A 39 12.65 -21.06 23.87
N TYR A 40 13.67 -21.35 24.66
CA TYR A 40 13.97 -20.54 25.83
C TYR A 40 15.27 -19.77 25.61
N SER A 41 15.28 -18.54 26.10
CA SER A 41 16.45 -17.68 26.00
C SER A 41 16.68 -17.02 27.35
N PHE A 42 17.83 -17.27 27.94
CA PHE A 42 18.24 -16.64 29.19
C PHE A 42 19.07 -15.41 28.89
N ILE A 43 18.69 -14.29 29.52
CA ILE A 43 19.32 -13.00 29.33
C ILE A 43 19.69 -12.48 30.72
N ASP A 44 20.98 -12.28 30.94
CA ASP A 44 21.49 -11.68 32.17
C ASP A 44 22.19 -10.39 31.77
N ASP A 45 21.41 -9.33 31.64
CA ASP A 45 21.94 -8.01 31.31
C ASP A 45 22.39 -7.35 32.60
N LYS A 46 23.71 -7.17 32.74
CA LYS A 46 24.25 -6.60 33.96
C LYS A 46 23.68 -5.24 34.28
N ASN A 47 23.23 -4.51 33.26
CA ASN A 47 22.59 -3.22 33.47
C ASN A 47 21.12 -3.32 33.79
N HIS A 48 20.52 -4.49 33.63
CA HIS A 48 19.13 -4.73 33.98
C HIS A 48 19.04 -5.23 35.41
N ASN A 49 17.93 -4.90 36.08
CA ASN A 49 17.78 -5.20 37.49
C ASN A 49 17.32 -6.62 37.76
N LYS A 50 17.05 -7.41 36.71
CA LYS A 50 16.56 -8.76 36.90
C LYS A 50 17.07 -9.64 35.77
N LYS A 51 17.05 -10.94 36.04
CA LYS A 51 17.32 -11.94 35.00
C LYS A 51 16.06 -12.19 34.22
N LEU A 52 16.19 -12.28 32.89
CA LEU A 52 15.06 -12.47 32.01
C LEU A 52 15.12 -13.85 31.38
N LEU A 53 13.96 -14.47 31.25
CA LEU A 53 13.80 -15.71 30.51
C LEU A 53 12.68 -15.51 29.49
N VAL A 54 13.02 -15.63 28.22
CA VAL A 54 12.04 -15.51 27.15
C VAL A 54 11.66 -16.93 26.72
N ILE A 55 10.41 -17.28 26.94
CA ILE A 55 9.88 -18.61 26.66
C ILE A 55 8.91 -18.46 25.50
N ARG A 56 9.29 -18.99 24.35
CA ARG A 56 8.44 -18.99 23.17
C ARG A 56 7.85 -20.38 23.02
N THR A 57 6.56 -20.50 23.34
CA THR A 57 5.82 -21.72 23.06
C THR A 57 5.55 -21.80 21.57
N LYS A 58 5.87 -22.95 20.99
CA LYS A 58 5.70 -23.20 19.58
C LYS A 58 5.30 -24.66 19.38
N GLY A 59 5.11 -25.03 18.13
CA GLY A 59 4.77 -26.38 17.79
C GLY A 59 3.56 -26.46 16.90
N THR A 60 2.74 -27.46 17.12
CA THR A 60 1.54 -27.64 16.33
C THR A 60 0.54 -28.47 17.11
N ILE A 61 -0.67 -27.97 17.21
CA ILE A 61 -1.77 -28.64 17.90
C ILE A 61 -2.70 -29.16 16.82
N ALA A 62 -2.57 -30.44 16.50
CA ALA A 62 -3.34 -31.02 15.42
C ALA A 62 -4.83 -30.82 15.66
N GLY A 63 -5.53 -30.35 14.63
CA GLY A 63 -6.94 -30.08 14.78
C GLY A 63 -7.77 -31.35 14.96
N GLN A 64 -7.38 -32.42 14.28
CA GLN A 64 -8.06 -33.70 14.39
C GLN A 64 -9.52 -33.60 13.98
N TYR A 65 -9.82 -32.73 13.01
CA TYR A 65 -11.11 -32.69 12.37
C TYR A 65 -11.40 -34.07 11.78
N ARG A 66 -12.33 -34.82 12.38
CA ARG A 66 -12.49 -36.20 11.95
C ARG A 66 -13.86 -36.71 12.35
N VAL A 67 -14.41 -37.57 11.51
CA VAL A 67 -15.63 -38.30 11.83
C VAL A 67 -15.29 -39.36 12.87
N TYR A 68 -15.99 -39.34 13.99
CA TYR A 68 -15.66 -40.21 15.11
C TYR A 68 -16.65 -41.35 15.32
N SER A 69 -17.91 -41.19 14.90
CA SER A 69 -18.92 -42.21 15.16
C SER A 69 -19.95 -42.19 14.05
N GLU A 70 -20.38 -43.38 13.64
CA GLU A 70 -21.44 -43.55 12.66
C GLU A 70 -22.44 -44.54 13.19
N GLU A 71 -23.72 -44.14 13.22
CA GLU A 71 -24.80 -45.00 13.64
C GLU A 71 -25.64 -45.50 12.47
N GLY A 72 -25.09 -45.44 11.26
CA GLY A 72 -25.82 -45.80 10.07
C GLY A 72 -25.70 -44.78 8.97
N ALA A 73 -26.62 -44.80 8.02
CA ALA A 73 -26.56 -43.87 6.90
C ALA A 73 -27.29 -42.56 7.19
N ASN A 74 -27.98 -42.47 8.33
CA ASN A 74 -28.79 -41.31 8.65
C ASN A 74 -28.16 -40.40 9.69
N LYS A 75 -27.22 -40.91 10.49
CA LYS A 75 -26.60 -40.13 11.54
C LYS A 75 -25.09 -40.25 11.46
N SER A 76 -24.41 -39.17 11.83
CA SER A 76 -22.96 -39.22 11.94
C SER A 76 -22.49 -38.11 12.88
N GLY A 77 -21.24 -38.24 13.32
CA GLY A 77 -20.68 -37.30 14.26
C GLY A 77 -19.26 -36.89 13.93
N LEU A 78 -18.99 -35.59 14.00
CA LEU A 78 -17.70 -35.02 13.67
C LEU A 78 -17.10 -34.34 14.90
N ALA A 79 -15.86 -34.69 15.20
CA ALA A 79 -15.09 -33.97 16.20
C ALA A 79 -14.30 -32.90 15.48
N TRP A 80 -14.57 -31.63 15.82
CA TRP A 80 -13.90 -30.51 15.19
C TRP A 80 -13.40 -29.56 16.26
N PRO A 81 -12.18 -29.03 16.13
CA PRO A 81 -11.63 -28.14 17.15
C PRO A 81 -12.24 -26.75 17.07
N SER A 82 -12.78 -26.28 18.18
CA SER A 82 -13.32 -24.94 18.27
C SER A 82 -12.35 -23.97 18.92
N ALA A 83 -11.32 -24.47 19.60
CA ALA A 83 -10.41 -23.59 20.31
C ALA A 83 -9.13 -24.33 20.65
N PHE A 84 -8.03 -23.60 20.57
CA PHE A 84 -6.73 -24.02 21.08
C PHE A 84 -6.37 -23.11 22.24
N LYS A 85 -5.47 -23.58 23.10
CA LYS A 85 -5.06 -22.78 24.23
C LYS A 85 -3.64 -23.13 24.62
N VAL A 86 -2.93 -22.13 25.11
CA VAL A 86 -1.58 -22.27 25.62
C VAL A 86 -1.50 -21.49 26.92
N GLN A 87 -1.04 -22.13 27.98
CA GLN A 87 -0.99 -21.52 29.30
C GLN A 87 0.35 -21.82 29.94
N LEU A 88 0.98 -20.78 30.48
CA LEU A 88 2.16 -20.92 31.31
C LEU A 88 1.81 -20.45 32.71
N GLN A 89 1.99 -21.32 33.69
CA GLN A 89 1.57 -21.06 35.06
C GLN A 89 2.72 -21.35 36.00
N LEU A 90 3.05 -20.38 36.84
CA LEU A 90 4.02 -20.58 37.90
C LEU A 90 3.32 -20.91 39.21
N PRO A 91 3.85 -21.82 40.01
CA PRO A 91 3.24 -22.07 41.32
C PRO A 91 3.25 -20.82 42.19
N ASP A 92 2.21 -20.68 43.02
CA ASP A 92 2.02 -19.46 43.78
C ASP A 92 3.17 -19.19 44.74
N ASN A 93 3.94 -20.20 45.11
CA ASN A 93 5.01 -20.05 46.08
C ASN A 93 6.32 -19.60 45.45
N GLU A 94 6.36 -19.39 44.14
CA GLU A 94 7.58 -19.02 43.47
C GLU A 94 7.87 -17.53 43.61
N VAL A 95 9.15 -17.19 43.51
CA VAL A 95 9.57 -15.79 43.59
C VAL A 95 9.56 -15.14 42.21
N ALA A 96 9.54 -15.93 41.14
CA ALA A 96 9.57 -15.38 39.79
C ALA A 96 8.22 -14.78 39.43
N GLN A 97 8.22 -14.00 38.35
CA GLN A 97 7.04 -13.29 37.91
C GLN A 97 6.97 -13.31 36.39
N ILE A 98 5.74 -13.21 35.89
CA ILE A 98 5.50 -13.13 34.44
C ILE A 98 5.52 -11.65 34.09
N SER A 99 6.69 -11.16 33.71
CA SER A 99 6.84 -9.74 33.47
C SER A 99 6.13 -9.30 32.19
N ASP A 100 6.30 -10.05 31.10
CA ASP A 100 5.79 -9.57 29.82
C ASP A 100 5.28 -10.74 28.99
N TYR A 101 4.68 -10.40 27.86
CA TYR A 101 4.09 -11.39 26.98
C TYR A 101 3.84 -10.76 25.61
N TYR A 102 3.61 -11.63 24.64
CA TYR A 102 3.30 -11.25 23.27
C TYR A 102 2.84 -12.48 22.52
N PRO A 103 1.84 -12.38 21.64
CA PRO A 103 1.06 -11.20 21.27
C PRO A 103 0.06 -10.80 22.34
N ARG A 104 -0.52 -9.62 22.17
CA ARG A 104 -1.50 -9.08 23.07
C ARG A 104 -2.80 -8.83 22.31
N ASN A 105 -3.74 -8.16 22.99
CA ASN A 105 -5.05 -7.88 22.41
C ASN A 105 -5.00 -6.51 21.74
N ASP A 106 -4.56 -6.51 20.49
CA ASP A 106 -4.52 -5.27 19.72
C ASP A 106 -5.93 -4.73 19.52
N ALA A 107 -6.07 -3.41 19.62
CA ALA A 107 -7.35 -2.77 19.38
C ALA A 107 -7.68 -2.81 17.90
N GLU A 108 -8.77 -3.49 17.55
CA GLU A 108 -9.20 -3.64 16.17
C GLU A 108 -10.10 -2.46 15.79
N PHE A 109 -10.62 -2.50 14.57
CA PHE A 109 -11.43 -1.41 14.05
C PHE A 109 -12.33 -1.94 12.95
N ARG A 110 -13.34 -1.13 12.60
CA ARG A 110 -14.21 -1.39 11.47
C ARG A 110 -14.30 -0.12 10.63
N HIS A 111 -13.87 -0.21 9.37
CA HIS A 111 -13.97 0.93 8.48
C HIS A 111 -15.42 1.32 8.31
N ASP A 112 -15.78 2.50 8.79
CA ASP A 112 -17.15 3.01 8.77
C ASP A 112 -17.23 4.12 7.72
N SER A 113 -17.95 3.85 6.63
CA SER A 113 -18.13 4.82 5.56
C SER A 113 -19.58 5.28 5.56
N GLY A 114 -19.81 6.53 5.97
CA GLY A 114 -21.14 7.09 6.00
C GLY A 114 -21.45 7.83 4.71
N TYR A 115 -22.74 8.04 4.47
CA TYR A 115 -23.22 8.64 3.23
C TYR A 115 -24.12 9.82 3.51
N GLU A 116 -23.84 10.95 2.84
CA GLU A 116 -24.75 12.09 2.76
C GLU A 116 -24.66 12.58 1.31
N VAL A 117 -25.51 12.04 0.44
CA VAL A 117 -25.41 12.27 -0.99
C VAL A 117 -26.79 12.63 -1.54
N HIS A 118 -26.81 13.54 -2.50
CA HIS A 118 -28.04 14.04 -3.11
C HIS A 118 -28.01 13.78 -4.60
N HIS A 119 -29.14 13.29 -5.14
CA HIS A 119 -29.31 13.13 -6.57
C HIS A 119 -30.56 13.87 -7.01
N GLN A 120 -30.55 14.42 -8.21
CA GLN A 120 -31.73 15.05 -8.80
C GLN A 120 -31.87 14.61 -10.24
N LYS A 121 -33.10 14.35 -10.65
CA LYS A 121 -33.40 13.92 -12.00
C LYS A 121 -34.61 14.67 -12.52
N LEU A 122 -34.61 14.95 -13.83
CA LEU A 122 -35.70 15.69 -14.48
C LEU A 122 -36.09 14.94 -15.74
N VAL A 123 -37.26 14.30 -15.72
CA VAL A 123 -37.76 13.52 -16.84
C VAL A 123 -38.92 14.28 -17.47
N PHE A 124 -38.95 14.33 -18.80
CA PHE A 124 -40.05 14.97 -19.52
C PHE A 124 -40.36 14.13 -20.76
N PHE A 125 -41.28 13.19 -20.59
CA PHE A 125 -41.70 12.26 -21.63
C PHE A 125 -42.69 12.92 -22.57
N ALA A 126 -42.69 12.48 -23.83
CA ALA A 126 -43.58 13.03 -24.83
C ALA A 126 -43.96 11.95 -25.83
N GLU A 127 -45.09 12.16 -26.50
CA GLU A 127 -45.59 11.27 -27.53
C GLU A 127 -45.68 12.00 -28.87
N ASP A 128 -45.69 11.22 -29.94
CA ASP A 128 -45.80 11.79 -31.28
C ASP A 128 -47.16 12.40 -31.55
N VAL A 129 -48.16 12.13 -30.71
CA VAL A 129 -49.49 12.69 -30.93
C VAL A 129 -49.65 14.07 -30.28
N GLY A 130 -48.61 14.57 -29.61
CA GLY A 130 -48.67 15.87 -28.98
C GLY A 130 -49.12 15.82 -27.54
N SER A 131 -48.46 14.99 -26.73
CA SER A 131 -48.80 14.87 -25.31
C SER A 131 -47.51 14.82 -24.51
N ASN A 132 -47.28 15.83 -23.68
CA ASN A 132 -46.09 15.90 -22.85
C ASN A 132 -46.46 15.73 -21.38
N LYS A 133 -45.58 15.06 -20.64
CA LYS A 133 -45.84 14.74 -19.25
C LYS A 133 -44.50 14.45 -18.57
N GLY A 134 -44.28 15.01 -17.38
CA GLY A 134 -42.97 14.93 -16.80
C GLY A 134 -42.97 14.92 -15.29
N ALA A 135 -41.77 14.76 -14.73
CA ALA A 135 -41.57 14.68 -13.30
C ALA A 135 -40.18 15.23 -12.95
N ILE A 136 -40.05 15.67 -11.70
CA ILE A 136 -38.78 16.07 -11.12
C ILE A 136 -38.60 15.29 -9.82
N ILE A 137 -37.48 14.59 -9.71
CA ILE A 137 -37.25 13.62 -8.64
C ILE A 137 -36.03 14.06 -7.84
N GLY A 138 -36.19 14.11 -6.52
CA GLY A 138 -35.08 14.35 -5.61
C GLY A 138 -34.85 13.12 -4.75
N LEU A 139 -33.63 12.60 -4.79
CA LEU A 139 -33.28 11.33 -4.16
C LEU A 139 -32.20 11.56 -3.12
N MET A 140 -32.39 10.97 -1.95
CA MET A 140 -31.45 11.10 -0.83
C MET A 140 -30.77 9.76 -0.60
N VAL A 141 -29.44 9.78 -0.48
CA VAL A 141 -28.66 8.60 -0.15
C VAL A 141 -27.99 8.86 1.19
N GLY A 142 -28.27 8.00 2.16
CA GLY A 142 -27.74 8.12 3.50
C GLY A 142 -27.57 6.76 4.12
N GLY A 143 -26.97 6.74 5.30
CA GLY A 143 -26.66 5.51 6.00
C GLY A 143 -25.17 5.31 6.15
N VAL A 144 -24.79 4.04 6.38
CA VAL A 144 -23.41 3.69 6.65
C VAL A 144 -23.15 2.29 6.12
N VAL A 145 -21.91 2.05 5.69
CA VAL A 145 -21.42 0.73 5.34
C VAL A 145 -20.22 0.43 6.23
N ILE A 146 -20.23 -0.73 6.87
CA ILE A 146 -19.18 -1.16 7.79
C ILE A 146 -18.41 -2.29 7.11
N ALA A 147 -17.11 -2.11 6.95
CA ALA A 147 -16.25 -3.11 6.30
C ALA A 147 -15.03 -3.37 7.17
N TYR A 148 -14.75 -4.65 7.40
CA TYR A 148 -13.61 -5.04 8.22
C TYR A 148 -13.21 -6.46 7.85
N VAL A 149 -12.04 -6.87 8.32
CA VAL A 149 -11.55 -8.22 8.10
C VAL A 149 -12.18 -9.15 9.13
N GLN A 150 -12.73 -10.27 8.65
CA GLN A 150 -13.38 -11.26 9.51
C GLN A 150 -12.62 -12.57 9.41
N PRO A 151 -11.61 -12.78 10.25
CA PRO A 151 -10.83 -14.02 10.17
C PRO A 151 -11.58 -15.21 10.73
N ASP A 152 -11.17 -16.39 10.26
CA ASP A 152 -11.80 -17.62 10.72
C ASP A 152 -11.55 -17.84 12.21
N PHE A 153 -10.33 -17.59 12.66
CA PHE A 153 -9.95 -17.79 14.06
C PHE A 153 -9.34 -16.53 14.63
N LYS A 154 -9.77 -16.18 15.83
CA LYS A 154 -9.18 -15.09 16.59
C LYS A 154 -8.10 -15.61 17.51
N THR A 155 -7.15 -14.74 17.82
CA THR A 155 -6.14 -14.99 18.84
C THR A 155 -6.35 -13.99 19.97
N ILE A 156 -6.35 -14.49 21.20
CA ILE A 156 -6.73 -13.70 22.36
C ILE A 156 -5.76 -13.97 23.49
N LEU A 157 -5.46 -12.93 24.25
CA LEU A 157 -4.64 -13.03 25.45
C LEU A 157 -5.55 -13.07 26.66
N GLU A 158 -5.68 -14.24 27.28
CA GLU A 158 -6.51 -14.36 28.47
C GLU A 158 -5.93 -13.50 29.59
N SER A 159 -6.81 -13.03 30.46
CA SER A 159 -6.43 -12.15 31.56
C SER A 159 -5.24 -12.74 32.30
N PRO A 160 -4.06 -12.13 32.20
CA PRO A 160 -2.87 -12.67 32.84
C PRO A 160 -2.68 -12.17 34.27
N THR A 161 -1.68 -12.75 34.92
CA THR A 161 -1.30 -12.40 36.27
C THR A 161 0.23 -12.36 36.35
N ASP A 162 0.74 -12.31 37.57
CA ASP A 162 2.17 -12.42 37.80
C ASP A 162 2.62 -13.87 37.91
N LYS A 163 1.69 -14.82 37.86
CA LYS A 163 2.00 -16.24 37.92
C LYS A 163 1.42 -17.04 36.77
N LYS A 164 0.34 -16.57 36.16
CA LYS A 164 -0.32 -17.26 35.07
C LYS A 164 -0.46 -16.34 33.88
N VAL A 165 -0.23 -16.90 32.69
CA VAL A 165 -0.51 -16.22 31.44
C VAL A 165 -1.04 -17.24 30.46
N GLY A 166 -1.82 -16.78 29.50
CA GLY A 166 -2.45 -17.69 28.58
C GLY A 166 -3.07 -17.06 27.35
N TRP A 167 -2.87 -17.73 26.23
CA TRP A 167 -3.48 -17.37 24.96
C TRP A 167 -4.50 -18.41 24.57
N LYS A 168 -5.55 -17.96 23.90
CA LYS A 168 -6.57 -18.85 23.37
C LYS A 168 -6.87 -18.45 21.93
N VAL A 169 -6.91 -19.44 21.06
CA VAL A 169 -7.31 -19.27 19.67
C VAL A 169 -8.74 -19.80 19.56
N ILE A 170 -9.63 -18.97 19.06
CA ILE A 170 -11.06 -19.20 19.12
C ILE A 170 -11.63 -19.23 17.72
N PHE A 171 -12.59 -20.13 17.50
CA PHE A 171 -13.30 -20.15 16.23
C PHE A 171 -14.34 -19.04 16.19
N ASN A 172 -14.21 -18.14 15.23
CA ASN A 172 -15.10 -16.99 15.11
C ASN A 172 -16.19 -17.20 14.06
N ASN A 173 -15.79 -17.46 12.81
CA ASN A 173 -16.73 -17.67 11.73
C ASN A 173 -16.05 -18.53 10.68
N MET A 174 -16.87 -19.28 9.95
CA MET A 174 -16.39 -20.07 8.82
C MET A 174 -17.31 -19.85 7.63
N VAL A 175 -16.70 -19.82 6.45
CA VAL A 175 -17.43 -19.66 5.19
C VAL A 175 -17.53 -21.02 4.54
N ASN A 176 -18.76 -21.49 4.34
CA ASN A 176 -18.99 -22.72 3.61
C ASN A 176 -18.76 -22.47 2.12
N GLN A 177 -19.11 -23.47 1.31
CA GLN A 177 -18.81 -23.43 -0.12
C GLN A 177 -19.17 -22.07 -0.71
N ASN A 178 -20.44 -21.69 -0.61
CA ASN A 178 -20.88 -20.36 -0.99
C ASN A 178 -22.15 -19.95 -0.25
N TRP A 179 -22.51 -20.67 0.82
CA TRP A 179 -23.74 -20.43 1.54
C TRP A 179 -23.58 -19.35 2.61
N GLY A 180 -22.39 -18.80 2.79
CA GLY A 180 -22.17 -17.70 3.68
C GLY A 180 -21.53 -18.11 4.98
N PRO A 181 -21.29 -17.14 5.85
CA PRO A 181 -20.62 -17.44 7.13
C PRO A 181 -21.51 -18.25 8.05
N TYR A 182 -20.86 -19.02 8.92
CA TYR A 182 -21.56 -19.78 9.95
C TYR A 182 -20.67 -19.84 11.18
N ASP A 183 -21.32 -19.85 12.35
CA ASP A 183 -20.63 -19.89 13.63
C ASP A 183 -21.19 -21.03 14.47
N ARG A 184 -20.65 -21.18 15.67
CA ARG A 184 -21.10 -22.26 16.55
C ARG A 184 -22.54 -22.06 16.99
N ASP A 185 -23.00 -20.81 17.04
CA ASP A 185 -24.34 -20.50 17.52
C ASP A 185 -25.36 -20.38 16.40
N SER A 186 -24.93 -20.48 15.14
CA SER A 186 -25.87 -20.42 14.03
C SER A 186 -26.90 -21.54 14.16
N TRP A 187 -28.15 -21.21 13.86
CA TRP A 187 -29.25 -22.17 13.98
C TRP A 187 -30.32 -21.83 12.97
N ASN A 188 -30.52 -22.71 12.00
CA ASN A 188 -31.62 -22.61 11.07
C ASN A 188 -32.69 -23.61 11.46
N PRO A 189 -33.95 -23.20 11.63
CA PRO A 189 -34.97 -24.18 12.02
C PRO A 189 -35.09 -25.33 11.03
N VAL A 190 -34.78 -25.07 9.75
CA VAL A 190 -34.86 -26.11 8.74
C VAL A 190 -33.66 -27.05 8.83
N TYR A 191 -32.47 -26.49 8.67
CA TYR A 191 -31.23 -27.27 8.58
C TYR A 191 -30.43 -27.26 9.87
N GLY A 192 -30.89 -26.58 10.91
CA GLY A 192 -30.10 -26.50 12.12
C GLY A 192 -28.84 -25.70 11.86
N ASN A 193 -27.69 -26.30 12.14
CA ASN A 193 -26.40 -25.64 11.96
C ASN A 193 -25.76 -26.18 10.68
N GLN A 194 -25.60 -25.30 9.70
CA GLN A 194 -25.06 -25.66 8.40
C GLN A 194 -23.56 -25.48 8.31
N LEU A 195 -22.86 -25.58 9.44
CA LEU A 195 -21.46 -25.21 9.47
C LEU A 195 -20.62 -26.12 8.58
N PHE A 196 -20.81 -27.44 8.70
CA PHE A 196 -19.97 -28.40 8.00
C PHE A 196 -20.77 -29.32 7.08
N MET A 197 -21.96 -28.90 6.65
CA MET A 197 -22.77 -29.71 5.77
C MET A 197 -22.34 -29.50 4.32
N LYS A 198 -21.84 -30.55 3.69
CA LYS A 198 -21.46 -30.45 2.29
C LYS A 198 -22.67 -30.16 1.42
N THR A 199 -23.80 -30.82 1.70
CA THR A 199 -25.02 -30.60 0.94
C THR A 199 -26.21 -30.71 1.86
N ARG A 200 -27.31 -30.07 1.46
CA ARG A 200 -28.52 -30.03 2.26
C ARG A 200 -29.46 -31.20 1.95
N ASN A 201 -29.46 -31.68 0.71
CA ASN A 201 -30.33 -32.76 0.27
C ASN A 201 -29.52 -33.89 -0.34
N GLY A 202 -28.43 -34.25 0.34
CA GLY A 202 -27.55 -35.27 -0.19
C GLY A 202 -28.13 -36.66 -0.07
N SER A 203 -27.78 -37.51 -1.03
CA SER A 203 -28.18 -38.91 -1.03
C SER A 203 -27.14 -39.83 -0.41
N MET A 204 -25.98 -39.30 -0.04
CA MET A 204 -24.94 -40.12 0.56
C MET A 204 -25.17 -40.24 2.07
N LYS A 205 -24.52 -41.23 2.67
CA LYS A 205 -24.65 -41.39 4.10
C LYS A 205 -24.04 -40.20 4.83
N ALA A 206 -24.53 -39.99 6.06
CA ALA A 206 -24.18 -38.79 6.80
C ALA A 206 -22.66 -38.58 6.86
N ALA A 207 -21.92 -39.67 7.07
CA ALA A 207 -20.48 -39.54 7.24
C ALA A 207 -19.82 -38.91 6.02
N ASP A 208 -20.46 -38.99 4.86
CA ASP A 208 -19.91 -38.47 3.63
C ASP A 208 -20.46 -37.09 3.26
N ASN A 209 -21.32 -36.51 4.09
CA ASN A 209 -21.91 -35.21 3.82
C ASN A 209 -21.20 -34.09 4.55
N PHE A 210 -20.05 -34.37 5.16
CA PHE A 210 -19.27 -33.38 5.86
C PHE A 210 -18.28 -32.72 4.91
N LEU A 211 -17.99 -31.45 5.18
CA LEU A 211 -17.06 -30.69 4.37
C LEU A 211 -15.70 -31.39 4.31
N ASP A 212 -15.11 -31.40 3.12
CA ASP A 212 -13.76 -31.90 3.00
C ASP A 212 -12.82 -30.95 3.73
N PRO A 213 -11.94 -31.46 4.59
CA PRO A 213 -11.06 -30.55 5.36
C PRO A 213 -10.21 -29.66 4.49
N ASN A 214 -9.85 -30.09 3.28
CA ASN A 214 -9.06 -29.26 2.40
C ASN A 214 -9.78 -27.96 2.07
N LYS A 215 -11.09 -28.02 1.81
CA LYS A 215 -11.87 -26.82 1.57
C LYS A 215 -11.86 -25.91 2.79
N ALA A 216 -11.99 -26.51 3.97
CA ALA A 216 -12.07 -25.75 5.20
C ALA A 216 -10.69 -25.27 5.63
N SER A 217 -10.67 -24.37 6.62
CA SER A 217 -9.42 -23.84 7.12
C SER A 217 -8.53 -24.97 7.61
N SER A 218 -7.23 -24.85 7.29
CA SER A 218 -6.29 -25.90 7.66
C SER A 218 -6.11 -26.00 9.17
N LEU A 219 -6.58 -25.00 9.92
CA LEU A 219 -6.50 -25.10 11.37
C LEU A 219 -7.34 -26.25 11.90
N LEU A 220 -8.41 -26.59 11.20
CA LEU A 220 -9.30 -27.66 11.65
C LEU A 220 -8.69 -29.03 11.44
N SER A 221 -8.05 -29.24 10.29
CA SER A 221 -7.56 -30.56 9.93
C SER A 221 -6.10 -30.76 10.33
N SER A 222 -5.22 -29.95 9.76
CA SER A 222 -3.79 -30.08 10.02
C SER A 222 -3.39 -29.54 11.38
N GLY A 223 -3.96 -28.41 11.79
CA GLY A 223 -3.78 -27.88 13.12
C GLY A 223 -3.28 -26.46 13.11
N PHE A 224 -2.93 -25.98 14.29
CA PHE A 224 -2.50 -24.61 14.53
C PHE A 224 -1.13 -24.61 15.16
N SER A 225 -0.26 -23.75 14.66
CA SER A 225 1.12 -23.69 15.12
C SER A 225 1.36 -22.38 15.86
N PRO A 226 1.31 -22.36 17.19
CA PRO A 226 1.49 -21.11 17.92
C PRO A 226 2.92 -20.62 17.88
N ASP A 227 3.06 -19.31 18.08
CA ASP A 227 4.35 -18.67 18.37
C ASP A 227 4.04 -17.61 19.43
N PHE A 228 4.16 -17.99 20.70
CA PHE A 228 3.73 -17.14 21.80
C PHE A 228 4.89 -16.93 22.76
N ALA A 229 5.31 -15.68 22.92
CA ALA A 229 6.44 -15.34 23.77
C ALA A 229 5.95 -14.87 25.12
N THR A 230 6.65 -15.31 26.17
CA THR A 230 6.44 -14.86 27.53
C THR A 230 7.78 -14.49 28.12
N VAL A 231 7.78 -13.53 29.02
CA VAL A 231 9.01 -13.01 29.61
C VAL A 231 8.88 -13.12 31.11
N ILE A 232 9.60 -14.08 31.67
CA ILE A 232 9.74 -14.28 33.11
C ILE A 232 10.89 -13.41 33.60
N THR A 233 10.75 -12.89 34.81
CA THR A 233 11.78 -12.06 35.41
C THR A 233 12.02 -12.53 36.84
N MET A 234 13.29 -12.63 37.20
CA MET A 234 13.68 -13.05 38.54
C MET A 234 14.70 -12.08 39.12
N ASP A 235 14.65 -11.90 40.44
CA ASP A 235 15.61 -11.06 41.12
C ASP A 235 16.88 -11.85 41.38
N ARG A 236 18.03 -11.23 41.11
CA ARG A 236 19.30 -11.92 41.26
C ARG A 236 19.55 -12.33 42.71
N LYS A 237 19.04 -11.56 43.66
CA LYS A 237 19.31 -11.78 45.07
C LYS A 237 18.44 -12.87 45.67
N ALA A 238 17.49 -13.41 44.93
CA ALA A 238 16.63 -14.45 45.48
C ALA A 238 17.47 -15.68 45.80
N SER A 239 17.23 -16.24 46.99
CA SER A 239 18.01 -17.41 47.42
C SER A 239 17.72 -18.62 46.55
N LYS A 240 16.47 -18.81 46.14
CA LYS A 240 16.06 -19.97 45.36
C LYS A 240 16.15 -19.61 43.88
N GLN A 241 17.21 -20.08 43.21
CA GLN A 241 17.43 -19.81 41.81
C GLN A 241 16.93 -20.92 40.90
N GLN A 242 16.01 -21.75 41.38
CA GLN A 242 15.39 -22.79 40.59
C GLN A 242 13.88 -22.64 40.66
N THR A 243 13.22 -22.80 39.53
CA THR A 243 11.76 -22.68 39.47
C THR A 243 11.18 -23.81 38.64
N ASN A 244 9.88 -23.99 38.76
CA ASN A 244 9.14 -24.98 38.00
C ASN A 244 7.98 -24.29 37.32
N ILE A 245 7.89 -24.41 36.00
CA ILE A 245 6.87 -23.72 35.21
C ILE A 245 6.07 -24.77 34.45
N ASP A 246 4.75 -24.66 34.53
CA ASP A 246 3.85 -25.59 33.87
C ASP A 246 3.39 -25.00 32.54
N VAL A 247 3.78 -25.64 31.45
CA VAL A 247 3.33 -25.27 30.12
C VAL A 247 2.22 -26.22 29.71
N ILE A 248 1.09 -25.65 29.30
CA ILE A 248 -0.13 -26.40 29.04
C ILE A 248 -0.62 -26.07 27.65
N TYR A 249 -0.90 -27.10 26.87
CA TYR A 249 -1.57 -26.97 25.58
C TYR A 249 -2.93 -27.62 25.69
N GLU A 250 -3.93 -27.02 25.06
CA GLU A 250 -5.28 -27.56 25.10
C GLU A 250 -5.91 -27.49 23.71
N ARG A 251 -6.68 -28.51 23.40
CA ARG A 251 -7.53 -28.54 22.22
C ARG A 251 -8.95 -28.82 22.67
N VAL A 252 -9.84 -27.88 22.41
CA VAL A 252 -11.26 -28.02 22.73
C VAL A 252 -11.96 -28.52 21.48
N ARG A 253 -12.58 -29.69 21.57
CA ARG A 253 -13.22 -30.33 20.44
C ARG A 253 -14.72 -30.34 20.65
N ASP A 254 -15.44 -29.79 19.70
CA ASP A 254 -16.89 -29.77 19.69
C ASP A 254 -17.41 -30.88 18.79
N ASP A 255 -18.65 -31.28 19.05
CA ASP A 255 -19.28 -32.39 18.33
C ASP A 255 -20.34 -31.84 17.39
N TYR A 256 -20.15 -32.08 16.11
CA TYR A 256 -21.10 -31.69 15.08
C TYR A 256 -21.85 -32.95 14.67
N GLN A 257 -23.09 -33.05 15.11
CA GLN A 257 -23.92 -34.21 14.84
C GLN A 257 -24.81 -33.90 13.64
N LEU A 258 -24.77 -34.79 12.65
CA LEU A 258 -25.55 -34.64 11.43
C LEU A 258 -26.62 -35.72 11.39
N HIS A 259 -27.86 -35.30 11.18
CA HIS A 259 -29.02 -36.16 11.22
C HIS A 259 -29.82 -36.03 9.94
N TRP A 260 -30.54 -37.10 9.61
CA TRP A 260 -31.40 -37.16 8.44
C TRP A 260 -32.85 -37.03 8.90
N THR A 261 -33.56 -36.05 8.35
CA THR A 261 -34.94 -35.81 8.70
C THR A 261 -35.92 -36.52 7.78
N SER A 262 -35.42 -37.35 6.85
CA SER A 262 -36.25 -38.01 5.84
C SER A 262 -36.67 -37.03 4.76
N THR A 263 -36.40 -35.74 4.97
CA THR A 263 -36.59 -34.70 3.97
C THR A 263 -35.29 -34.02 3.60
N ASN A 264 -34.53 -33.54 4.58
CA ASN A 264 -33.25 -32.90 4.35
C ASN A 264 -32.35 -33.22 5.53
N TRP A 265 -31.16 -32.63 5.54
CA TRP A 265 -30.18 -32.84 6.59
C TRP A 265 -30.26 -31.73 7.63
N LYS A 266 -29.98 -32.09 8.88
CA LYS A 266 -29.95 -31.14 9.98
C LYS A 266 -28.67 -31.32 10.77
N GLY A 267 -28.11 -30.22 11.24
CA GLY A 267 -26.85 -30.24 11.97
C GLY A 267 -26.99 -29.58 13.32
N THR A 268 -26.40 -30.21 14.33
CA THR A 268 -26.38 -29.68 15.69
C THR A 268 -24.93 -29.63 16.16
N ASN A 269 -24.65 -28.70 17.07
CA ASN A 269 -23.30 -28.45 17.53
C ASN A 269 -23.28 -28.44 19.06
N THR A 270 -22.63 -29.43 19.65
CA THR A 270 -22.44 -29.51 21.09
C THR A 270 -21.06 -28.95 21.39
N LYS A 271 -21.03 -27.88 22.20
CA LYS A 271 -19.79 -27.17 22.45
C LYS A 271 -18.97 -27.85 23.54
N ASP A 272 -17.65 -27.70 23.43
CA ASP A 272 -16.72 -28.15 24.45
C ASP A 272 -17.02 -29.58 24.89
N LYS A 273 -17.38 -30.42 23.92
CA LYS A 273 -17.67 -31.81 24.23
C LYS A 273 -16.45 -32.50 24.83
N TRP A 274 -15.29 -32.31 24.21
CA TRP A 274 -14.05 -32.90 24.70
C TRP A 274 -13.01 -31.81 24.89
N THR A 275 -12.09 -32.05 25.82
CA THR A 275 -10.98 -31.14 26.10
C THR A 275 -9.73 -31.98 26.27
N ASP A 276 -8.77 -31.78 25.39
CA ASP A 276 -7.53 -32.56 25.36
C ASP A 276 -6.40 -31.66 25.86
N ARG A 277 -5.87 -31.97 27.03
CA ARG A 277 -4.84 -31.17 27.67
C ARG A 277 -3.53 -31.94 27.74
N SER A 278 -2.44 -31.25 27.41
CA SER A 278 -1.09 -31.78 27.53
C SER A 278 -0.30 -30.79 28.36
N SER A 279 0.05 -31.19 29.58
CA SER A 279 0.78 -30.34 30.50
C SER A 279 2.14 -30.92 30.77
N GLU A 280 3.15 -30.06 30.73
CA GLU A 280 4.52 -30.44 31.06
C GLU A 280 5.04 -29.47 32.10
N ARG A 281 5.93 -29.97 32.96
CA ARG A 281 6.59 -29.17 33.97
C ARG A 281 8.05 -29.05 33.59
N TYR A 282 8.53 -27.81 33.50
CA TYR A 282 9.90 -27.52 33.11
C TYR A 282 10.64 -26.95 34.31
N LYS A 283 11.79 -27.52 34.61
CA LYS A 283 12.68 -27.04 35.65
C LYS A 283 13.59 -25.98 35.04
N ILE A 284 13.56 -24.79 35.63
CA ILE A 284 14.36 -23.65 35.19
C ILE A 284 15.47 -23.44 36.19
N ASP A 285 16.71 -23.52 35.72
CA ASP A 285 17.90 -23.26 36.52
C ASP A 285 18.48 -21.93 36.07
N TRP A 286 18.31 -20.90 36.91
CA TRP A 286 18.74 -19.55 36.57
C TRP A 286 20.24 -19.35 36.73
N GLU A 287 20.91 -20.20 37.48
CA GLU A 287 22.35 -20.08 37.68
C GLU A 287 23.12 -20.67 36.52
N LYS A 288 22.78 -21.90 36.14
CA LYS A 288 23.35 -22.52 34.95
C LYS A 288 22.66 -22.05 33.67
N GLU A 289 21.59 -21.26 33.80
CA GLU A 289 20.87 -20.72 32.65
C GLU A 289 20.46 -21.85 31.71
N GLU A 290 19.59 -22.72 32.21
CA GLU A 290 19.10 -23.82 31.40
C GLU A 290 17.67 -24.16 31.81
N MET A 291 17.00 -24.92 30.95
CA MET A 291 15.68 -25.44 31.21
C MET A 291 15.65 -26.91 30.83
N THR A 292 14.96 -27.71 31.62
CA THR A 292 14.88 -29.14 31.38
C THR A 292 13.48 -29.63 31.69
N ASN A 293 13.19 -30.85 31.26
CA ASN A 293 11.90 -31.46 31.53
C ASN A 293 12.05 -32.71 32.38
N ALA B 1 11.25 15.33 9.84
CA ALA B 1 12.33 14.64 10.52
C ALA B 1 13.60 15.46 10.47
N ASP B 2 14.61 15.03 11.24
CA ASP B 2 15.88 15.75 11.27
C ASP B 2 16.61 15.71 9.94
N SER B 3 16.22 14.83 9.02
CA SER B 3 16.79 14.85 7.69
C SER B 3 16.21 15.97 6.85
N ASP B 4 14.97 16.36 7.11
CA ASP B 4 14.31 17.40 6.34
C ASP B 4 14.88 18.79 6.61
N ILE B 5 15.72 18.93 7.64
CA ILE B 5 16.41 20.17 7.93
C ILE B 5 17.90 20.05 7.64
N ASN B 6 18.28 19.06 6.82
CA ASN B 6 19.65 18.88 6.38
C ASN B 6 20.59 18.49 7.53
N ILE B 7 20.08 17.70 8.48
CA ILE B 7 20.85 17.21 9.60
C ILE B 7 20.83 15.69 9.56
N LYS B 8 21.99 15.09 9.74
CA LYS B 8 22.10 13.64 9.70
C LYS B 8 21.18 13.01 10.72
N THR B 9 20.47 11.96 10.31
CA THR B 9 19.45 11.36 11.16
C THR B 9 20.07 10.75 12.40
N GLY B 10 19.39 10.91 13.53
CA GLY B 10 19.85 10.39 14.79
C GLY B 10 20.91 11.23 15.48
N THR B 11 21.28 12.36 14.88
CA THR B 11 22.34 13.18 15.47
C THR B 11 21.86 13.92 16.71
N THR B 12 20.64 14.44 16.66
CA THR B 12 20.07 15.20 17.77
C THR B 12 19.43 14.31 18.82
N ASP B 13 19.40 13.00 18.60
CA ASP B 13 18.77 12.09 19.55
C ASP B 13 19.68 11.85 20.74
N ILE B 14 19.11 11.24 21.78
CA ILE B 14 19.80 10.98 23.02
C ILE B 14 20.13 9.50 23.11
N GLY B 15 21.10 9.18 23.95
CA GLY B 15 21.46 7.80 24.22
C GLY B 15 22.62 7.27 23.42
N SER B 16 23.38 8.14 22.75
CA SER B 16 24.49 7.70 21.93
C SER B 16 25.74 7.57 22.80
N ASN B 17 26.30 6.37 22.85
CA ASN B 17 27.56 6.11 23.56
C ASN B 17 27.41 6.37 25.06
N THR B 18 26.35 5.81 25.64
CA THR B 18 26.10 5.91 27.07
C THR B 18 25.55 4.59 27.57
N THR B 19 25.71 4.37 28.87
CA THR B 19 25.22 3.17 29.52
C THR B 19 23.85 3.44 30.13
N VAL B 20 22.89 2.59 29.81
CA VAL B 20 21.50 2.75 30.22
C VAL B 20 21.17 1.71 31.26
N LYS B 21 20.52 2.12 32.34
CA LYS B 21 20.18 1.21 33.43
C LYS B 21 18.69 0.90 33.37
N THR B 22 18.36 -0.31 32.96
CA THR B 22 16.97 -0.73 32.79
C THR B 22 16.49 -1.51 34.00
N GLY B 23 15.19 -1.74 34.03
CA GLY B 23 14.61 -2.55 35.08
C GLY B 23 13.13 -2.77 34.87
N ASP B 24 12.64 -3.84 35.49
CA ASP B 24 11.23 -4.20 35.47
C ASP B 24 10.71 -4.23 36.90
N LEU B 25 9.48 -3.75 37.08
CA LEU B 25 8.79 -3.82 38.36
C LEU B 25 7.38 -4.31 38.12
N VAL B 26 7.06 -5.48 38.67
CA VAL B 26 5.80 -6.16 38.38
C VAL B 26 5.03 -6.34 39.68
N THR B 27 3.70 -6.36 39.57
CA THR B 27 2.85 -6.65 40.72
C THR B 27 1.43 -6.84 40.24
N TYR B 28 0.71 -7.74 40.90
CA TYR B 28 -0.64 -8.12 40.52
C TYR B 28 -1.60 -7.75 41.63
N ASP B 29 -2.54 -6.88 41.33
CA ASP B 29 -3.64 -6.55 42.23
C ASP B 29 -4.79 -7.50 41.91
N LYS B 30 -4.96 -8.51 42.76
CA LYS B 30 -6.01 -9.50 42.55
C LYS B 30 -7.38 -8.87 42.68
N GLU B 31 -7.57 -8.01 43.68
CA GLU B 31 -8.89 -7.45 43.94
C GLU B 31 -9.39 -6.67 42.74
N ASN B 32 -8.53 -5.82 42.17
CA ASN B 32 -8.88 -5.03 41.01
C ASN B 32 -8.54 -5.72 39.71
N GLY B 33 -7.90 -6.88 39.76
CA GLY B 33 -7.63 -7.65 38.56
C GLY B 33 -6.69 -6.96 37.60
N MET B 34 -5.59 -6.40 38.10
CA MET B 34 -4.65 -5.65 37.28
C MET B 34 -3.27 -6.26 37.39
N HIS B 35 -2.68 -6.56 36.24
CA HIS B 35 -1.27 -6.91 36.17
C HIS B 35 -0.51 -5.66 35.79
N LYS B 36 0.21 -5.07 36.74
CA LYS B 36 0.92 -3.83 36.54
C LYS B 36 2.40 -4.12 36.34
N LYS B 37 2.98 -3.55 35.29
CA LYS B 37 4.41 -3.60 35.06
C LYS B 37 4.91 -2.21 34.73
N VAL B 38 6.11 -1.92 35.19
CA VAL B 38 6.80 -0.68 34.89
C VAL B 38 8.17 -1.04 34.36
N PHE B 39 8.44 -0.64 33.13
CA PHE B 39 9.77 -0.80 32.55
C PHE B 39 10.47 0.54 32.60
N TYR B 40 11.50 0.64 33.43
CA TYR B 40 12.18 1.92 33.64
C TYR B 40 13.57 1.85 33.05
N SER B 41 13.98 2.97 32.47
CA SER B 41 15.30 3.11 31.87
C SER B 41 15.90 4.44 32.30
N PHE B 42 17.03 4.38 32.98
CA PHE B 42 17.78 5.55 33.40
C PHE B 42 18.83 5.87 32.35
N ILE B 43 18.86 7.12 31.92
CA ILE B 43 19.76 7.62 30.90
C ILE B 43 20.47 8.84 31.46
N ASP B 44 21.78 8.76 31.58
CA ASP B 44 22.62 9.87 32.00
C ASP B 44 23.55 10.19 30.84
N ASP B 45 23.06 10.98 29.90
CA ASP B 45 23.85 11.41 28.75
C ASP B 45 24.66 12.63 29.16
N LYS B 46 25.98 12.47 29.24
CA LYS B 46 26.83 13.55 29.69
C LYS B 46 26.68 14.80 28.85
N ASN B 47 26.28 14.66 27.59
CA ASN B 47 26.04 15.79 26.71
C ASN B 47 24.65 16.38 26.88
N HIS B 48 23.77 15.71 27.59
CA HIS B 48 22.43 16.22 27.87
C HIS B 48 22.45 16.96 29.20
N ASN B 49 21.58 17.97 29.30
CA ASN B 49 21.58 18.85 30.45
C ASN B 49 20.82 18.29 31.65
N LYS B 50 20.20 17.13 31.50
CA LYS B 50 19.41 16.55 32.58
C LYS B 50 19.49 15.05 32.52
N LYS B 51 19.19 14.41 33.66
CA LYS B 51 19.03 12.98 33.72
C LYS B 51 17.63 12.61 33.28
N LEU B 52 17.52 11.56 32.47
CA LEU B 52 16.26 11.12 31.92
C LEU B 52 15.87 9.78 32.52
N LEU B 53 14.58 9.63 32.79
CA LEU B 53 13.99 8.38 33.20
C LEU B 53 12.81 8.09 32.27
N VAL B 54 12.90 6.99 31.55
CA VAL B 54 11.83 6.56 30.66
C VAL B 54 11.04 5.47 31.37
N ILE B 55 9.79 5.77 31.68
CA ILE B 55 8.90 4.90 32.42
C ILE B 55 7.83 4.41 31.46
N ARG B 56 7.87 3.14 31.12
CA ARG B 56 6.87 2.54 30.25
C ARG B 56 5.93 1.73 31.13
N THR B 57 4.73 2.26 31.31
CA THR B 57 3.66 1.51 31.96
C THR B 57 3.15 0.45 31.00
N LYS B 58 3.06 -0.78 31.49
CA LYS B 58 2.61 -1.91 30.72
C LYS B 58 1.84 -2.84 31.62
N GLY B 59 1.36 -3.93 31.04
CA GLY B 59 0.64 -4.92 31.78
C GLY B 59 -0.68 -5.26 31.14
N THR B 60 -1.69 -5.51 31.97
CA THR B 60 -3.00 -5.85 31.46
C THR B 60 -4.04 -5.50 32.52
N ILE B 61 -5.06 -4.77 32.10
CA ILE B 61 -6.16 -4.38 32.97
C ILE B 61 -7.36 -5.22 32.55
N ALA B 62 -7.62 -6.28 33.30
CA ALA B 62 -8.67 -7.21 32.93
C ALA B 62 -10.00 -6.47 32.82
N GLY B 63 -10.70 -6.73 31.72
CA GLY B 63 -11.96 -6.05 31.49
C GLY B 63 -13.03 -6.47 32.47
N GLN B 64 -13.05 -7.75 32.84
CA GLN B 64 -14.01 -8.27 33.81
C GLN B 64 -15.45 -8.09 33.34
N TYR B 65 -15.66 -8.15 32.02
CA TYR B 65 -16.99 -8.24 31.45
C TYR B 65 -17.71 -9.43 32.05
N ARG B 66 -18.69 -9.20 32.91
CA ARG B 66 -19.26 -10.32 33.64
C ARG B 66 -20.63 -9.96 34.17
N VAL B 67 -21.51 -10.96 34.19
CA VAL B 67 -22.82 -10.83 34.84
C VAL B 67 -22.58 -10.83 36.34
N TYR B 68 -23.08 -9.79 37.02
CA TYR B 68 -22.81 -9.62 38.44
C TYR B 68 -24.01 -9.88 39.34
N SER B 69 -25.24 -9.74 38.83
CA SER B 69 -26.41 -9.90 39.66
C SER B 69 -27.57 -10.39 38.82
N GLU B 70 -28.35 -11.30 39.38
CA GLU B 70 -29.56 -11.82 38.75
C GLU B 70 -30.69 -11.77 39.77
N GLU B 71 -31.80 -11.13 39.38
CA GLU B 71 -32.99 -11.04 40.21
C GLU B 71 -34.10 -11.97 39.72
N GLY B 72 -33.75 -12.96 38.91
CA GLY B 72 -34.73 -13.85 38.32
C GLY B 72 -34.52 -14.04 36.84
N ALA B 73 -35.56 -14.48 36.13
CA ALA B 73 -35.44 -14.73 34.71
C ALA B 73 -35.77 -13.50 33.88
N ASN B 74 -36.21 -12.41 34.51
CA ASN B 74 -36.63 -11.22 33.78
C ASN B 74 -35.64 -10.08 33.87
N LYS B 75 -34.75 -10.09 34.86
CA LYS B 75 -33.79 -9.01 35.05
C LYS B 75 -32.40 -9.57 35.21
N SER B 76 -31.41 -8.83 34.72
CA SER B 76 -30.02 -9.20 34.96
C SER B 76 -29.14 -7.97 34.80
N GLY B 77 -27.91 -8.08 35.30
CA GLY B 77 -26.99 -6.98 35.28
C GLY B 77 -25.58 -7.37 34.90
N LEU B 78 -24.98 -6.59 34.00
CA LEU B 78 -23.66 -6.83 33.47
C LEU B 78 -22.72 -5.71 33.84
N ALA B 79 -21.58 -6.05 34.42
CA ALA B 79 -20.50 -5.10 34.61
C ALA B 79 -19.58 -5.18 33.41
N TRP B 80 -19.46 -4.07 32.68
CA TRP B 80 -18.64 -4.02 31.49
C TRP B 80 -17.74 -2.79 31.54
N PRO B 81 -16.47 -2.90 31.16
CA PRO B 81 -15.56 -1.75 31.25
C PRO B 81 -15.80 -0.78 30.11
N SER B 82 -16.02 0.48 30.46
CA SER B 82 -16.16 1.54 29.48
C SER B 82 -14.89 2.33 29.28
N ALA B 83 -13.94 2.22 30.19
CA ALA B 83 -12.73 3.01 30.10
C ALA B 83 -11.65 2.44 30.99
N PHE B 84 -10.42 2.51 30.49
CA PHE B 84 -9.21 2.25 31.25
C PHE B 84 -8.45 3.55 31.38
N LYS B 85 -7.58 3.62 32.39
CA LYS B 85 -6.80 4.84 32.59
C LYS B 85 -5.47 4.49 33.24
N VAL B 86 -4.46 5.27 32.88
CA VAL B 86 -3.13 5.15 33.45
C VAL B 86 -2.65 6.57 33.74
N GLN B 87 -2.21 6.81 34.97
CA GLN B 87 -1.79 8.13 35.40
C GLN B 87 -0.49 8.02 36.16
N LEU B 88 0.46 8.88 35.81
CA LEU B 88 1.69 9.06 36.57
C LEU B 88 1.70 10.47 37.14
N GLN B 89 1.80 10.58 38.46
CA GLN B 89 1.69 11.85 39.14
C GLN B 89 2.87 12.03 40.09
N LEU B 90 3.55 13.15 39.96
CA LEU B 90 4.59 13.51 40.90
C LEU B 90 4.04 14.46 41.95
N PRO B 91 4.45 14.33 43.21
CA PRO B 91 4.01 15.30 44.22
C PRO B 91 4.48 16.70 43.87
N ASP B 92 3.66 17.68 44.24
CA ASP B 92 3.90 19.06 43.84
C ASP B 92 5.22 19.60 44.37
N ASN B 93 5.75 19.01 45.44
CA ASN B 93 6.97 19.50 46.05
C ASN B 93 8.24 18.95 45.41
N GLU B 94 8.12 18.12 44.39
CA GLU B 94 9.28 17.51 43.77
C GLU B 94 9.95 18.46 42.81
N VAL B 95 11.25 18.23 42.59
CA VAL B 95 12.01 19.03 41.64
C VAL B 95 11.95 18.44 40.24
N ALA B 96 11.56 17.19 40.10
CA ALA B 96 11.51 16.54 38.81
C ALA B 96 10.32 17.03 38.00
N GLN B 97 10.35 16.74 36.71
CA GLN B 97 9.33 17.20 35.78
C GLN B 97 9.02 16.11 34.77
N ILE B 98 7.80 16.16 34.25
CA ILE B 98 7.37 15.22 33.22
C ILE B 98 7.69 15.88 31.89
N SER B 99 8.88 15.58 31.37
CA SER B 99 9.35 16.25 30.17
C SER B 99 8.58 15.80 28.93
N ASP B 100 8.37 14.50 28.77
CA ASP B 100 7.82 14.01 27.52
C ASP B 100 6.90 12.83 27.78
N TYR B 101 6.22 12.40 26.71
CA TYR B 101 5.28 11.30 26.80
C TYR B 101 4.97 10.78 25.41
N TYR B 102 4.38 9.59 25.38
CA TYR B 102 3.97 8.92 24.16
C TYR B 102 3.09 7.74 24.53
N PRO B 103 2.02 7.46 23.77
CA PRO B 103 1.52 8.14 22.59
C PRO B 103 0.85 9.46 22.92
N ARG B 104 0.56 10.23 21.89
CA ARG B 104 -0.09 11.52 22.00
C ARG B 104 -1.38 11.50 21.20
N ASN B 105 -2.01 12.67 21.09
CA ASN B 105 -3.28 12.81 20.38
C ASN B 105 -2.99 13.17 18.92
N ASP B 106 -2.76 12.13 18.12
CA ASP B 106 -2.53 12.33 16.70
C ASP B 106 -3.76 12.93 16.04
N ALA B 107 -3.54 13.86 15.12
CA ALA B 107 -4.64 14.46 14.38
C ALA B 107 -5.20 13.45 13.39
N GLU B 108 -6.47 13.09 13.56
CA GLU B 108 -7.14 12.13 12.71
C GLU B 108 -7.75 12.85 11.50
N PHE B 109 -8.46 12.08 10.68
CA PHE B 109 -9.03 12.62 9.46
C PHE B 109 -10.20 11.74 9.03
N ARG B 110 -11.01 12.28 8.11
CA ARG B 110 -12.09 11.56 7.47
C ARG B 110 -11.98 11.76 5.97
N HIS B 111 -11.79 10.67 5.23
CA HIS B 111 -11.74 10.76 3.77
C HIS B 111 -13.06 11.30 3.25
N ASP B 112 -13.01 12.49 2.67
CA ASP B 112 -14.19 13.19 2.16
C ASP B 112 -14.15 13.14 0.64
N SER B 113 -15.08 12.39 0.04
CA SER B 113 -15.17 12.27 -1.41
C SER B 113 -16.44 12.97 -1.87
N GLY B 114 -16.28 14.12 -2.54
CA GLY B 114 -17.39 14.87 -3.06
C GLY B 114 -17.71 14.49 -4.49
N TYR B 115 -18.93 14.81 -4.91
CA TYR B 115 -19.43 14.42 -6.23
C TYR B 115 -19.93 15.63 -6.99
N GLU B 116 -19.49 15.76 -8.24
CA GLU B 116 -20.08 16.69 -9.22
C GLU B 116 -20.10 15.91 -10.54
N VAL B 117 -21.19 15.19 -10.80
CA VAL B 117 -21.26 14.27 -11.92
C VAL B 117 -22.57 14.48 -12.67
N HIS B 118 -22.50 14.37 -13.99
CA HIS B 118 -23.65 14.59 -14.86
C HIS B 118 -23.93 13.32 -15.67
N HIS B 119 -25.21 12.96 -15.77
CA HIS B 119 -25.64 11.86 -16.62
C HIS B 119 -26.72 12.38 -17.56
N GLN B 120 -26.75 11.84 -18.79
CA GLN B 120 -27.81 12.15 -19.74
C GLN B 120 -28.28 10.86 -20.39
N LYS B 121 -29.60 10.75 -20.57
CA LYS B 121 -30.21 9.59 -21.19
C LYS B 121 -31.25 10.04 -22.21
N LEU B 122 -31.38 9.27 -23.27
CA LEU B 122 -32.33 9.57 -24.35
C LEU B 122 -33.10 8.29 -24.68
N VAL B 123 -34.38 8.25 -24.29
CA VAL B 123 -35.23 7.09 -24.51
C VAL B 123 -36.24 7.44 -25.60
N PHE B 124 -36.46 6.51 -26.52
CA PHE B 124 -37.47 6.70 -27.58
C PHE B 124 -38.18 5.38 -27.80
N PHE B 125 -39.27 5.17 -27.08
CA PHE B 125 -40.07 3.96 -27.13
C PHE B 125 -41.00 3.97 -28.33
N ALA B 126 -41.31 2.78 -28.84
CA ALA B 126 -42.17 2.65 -30.00
C ALA B 126 -42.97 1.37 -29.90
N GLU B 127 -44.10 1.34 -30.61
CA GLU B 127 -44.97 0.18 -30.67
C GLU B 127 -45.08 -0.31 -32.11
N ASP B 128 -45.46 -1.58 -32.27
CA ASP B 128 -45.63 -2.16 -33.59
C ASP B 128 -46.82 -1.59 -34.34
N VAL B 129 -47.70 -0.86 -33.66
CA VAL B 129 -48.86 -0.28 -34.35
C VAL B 129 -48.56 1.10 -34.93
N GLY B 130 -47.34 1.60 -34.76
CA GLY B 130 -46.96 2.89 -35.31
C GLY B 130 -47.18 4.03 -34.34
N SER B 131 -46.63 3.91 -33.13
CA SER B 131 -46.76 4.97 -32.12
C SER B 131 -45.41 5.14 -31.45
N ASN B 132 -44.81 6.30 -31.60
CA ASN B 132 -43.52 6.62 -31.01
C ASN B 132 -43.68 7.68 -29.92
N LYS B 133 -42.90 7.55 -28.87
CA LYS B 133 -43.00 8.43 -27.72
C LYS B 133 -41.70 8.35 -26.93
N GLY B 134 -41.16 9.50 -26.54
CA GLY B 134 -39.83 9.49 -25.98
C GLY B 134 -39.60 10.59 -24.96
N ALA B 135 -38.40 10.55 -24.37
CA ALA B 135 -38.00 11.48 -23.33
C ALA B 135 -36.49 11.68 -23.38
N ILE B 136 -36.05 12.82 -22.86
CA ILE B 136 -34.64 13.13 -22.66
C ILE B 136 -34.46 13.53 -21.20
N ILE B 137 -33.56 12.85 -20.50
CA ILE B 137 -33.42 12.96 -19.06
C ILE B 137 -32.01 13.46 -18.75
N GLY B 138 -31.94 14.50 -17.92
CA GLY B 138 -30.68 15.00 -17.38
C GLY B 138 -30.64 14.78 -15.88
N LEU B 139 -29.61 14.08 -15.42
CA LEU B 139 -29.50 13.64 -14.03
C LEU B 139 -28.25 14.23 -13.41
N MET B 140 -28.40 14.77 -12.20
CA MET B 140 -27.29 15.38 -11.47
C MET B 140 -26.95 14.51 -10.27
N VAL B 141 -25.65 14.24 -10.09
CA VAL B 141 -25.16 13.51 -8.93
C VAL B 141 -24.24 14.45 -8.16
N GLY B 142 -24.58 14.71 -6.90
CA GLY B 142 -23.82 15.61 -6.05
C GLY B 142 -23.91 15.15 -4.62
N GLY B 143 -23.16 15.82 -3.76
CA GLY B 143 -23.07 15.47 -2.36
C GLY B 143 -21.67 15.03 -1.97
N VAL B 144 -21.60 14.30 -0.86
CA VAL B 144 -20.33 13.87 -0.30
C VAL B 144 -20.52 12.54 0.40
N VAL B 145 -19.47 11.72 0.40
CA VAL B 145 -19.40 10.51 1.19
C VAL B 145 -18.18 10.62 2.10
N ILE B 146 -18.39 10.36 3.39
CA ILE B 146 -17.34 10.45 4.40
C ILE B 146 -17.02 9.04 4.86
N ALA B 147 -15.75 8.65 4.72
CA ALA B 147 -15.30 7.32 5.11
C ALA B 147 -14.06 7.42 5.98
N TYR B 148 -14.07 6.72 7.11
CA TYR B 148 -12.96 6.74 8.04
C TYR B 148 -13.01 5.47 8.88
N VAL B 149 -11.92 5.22 9.60
CA VAL B 149 -11.83 4.07 10.49
C VAL B 149 -12.50 4.42 11.81
N GLN B 150 -13.39 3.54 12.27
CA GLN B 150 -14.13 3.73 13.51
C GLN B 150 -13.75 2.63 14.49
N PRO B 151 -12.71 2.81 15.29
CA PRO B 151 -12.29 1.75 16.21
C PRO B 151 -13.23 1.62 17.40
N ASP B 152 -13.21 0.44 18.00
CA ASP B 152 -14.05 0.19 19.16
C ASP B 152 -13.63 1.06 20.34
N PHE B 153 -12.33 1.19 20.56
CA PHE B 153 -11.80 1.95 21.68
C PHE B 153 -10.81 2.99 21.19
N LYS B 154 -10.94 4.21 21.70
CA LYS B 154 -9.98 5.27 21.45
C LYS B 154 -8.93 5.30 22.53
N THR B 155 -7.75 5.80 22.19
CA THR B 155 -6.69 6.09 23.14
C THR B 155 -6.46 7.59 23.14
N ILE B 156 -6.39 8.18 24.33
CA ILE B 156 -6.37 9.62 24.49
C ILE B 156 -5.34 10.00 25.52
N LEU B 157 -4.66 11.12 25.30
CA LEU B 157 -3.72 11.68 26.25
C LEU B 157 -4.40 12.80 27.01
N GLU B 158 -4.72 12.55 28.27
CA GLU B 158 -5.35 13.58 29.08
C GLU B 158 -4.41 14.76 29.25
N SER B 159 -4.99 15.95 29.41
CA SER B 159 -4.23 17.18 29.54
C SER B 159 -3.12 17.01 30.56
N PRO B 160 -1.86 16.98 30.14
CA PRO B 160 -0.76 16.77 31.08
C PRO B 160 -0.23 18.06 31.68
N THR B 161 0.68 17.88 32.62
CA THR B 161 1.36 18.97 33.31
C THR B 161 2.83 18.61 33.47
N ASP B 162 3.53 19.39 34.28
CA ASP B 162 4.90 19.07 34.65
C ASP B 162 4.97 18.12 35.84
N LYS B 163 3.83 17.75 36.41
CA LYS B 163 3.79 16.82 37.53
C LYS B 163 2.84 15.66 37.30
N LYS B 164 1.83 15.82 36.45
CA LYS B 164 0.86 14.78 36.18
C LYS B 164 0.77 14.53 34.69
N VAL B 165 0.65 13.25 34.33
CA VAL B 165 0.36 12.85 32.96
C VAL B 165 -0.56 11.65 33.02
N GLY B 166 -1.34 11.47 31.96
CA GLY B 166 -2.33 10.42 31.97
C GLY B 166 -2.93 10.09 30.63
N TRP B 167 -3.10 8.80 30.38
CA TRP B 167 -3.79 8.29 29.21
C TRP B 167 -5.10 7.64 29.64
N LYS B 168 -6.09 7.74 28.78
CA LYS B 168 -7.37 7.09 28.98
C LYS B 168 -7.78 6.39 27.70
N VAL B 169 -8.21 5.15 27.85
CA VAL B 169 -8.77 4.36 26.76
C VAL B 169 -10.28 4.37 26.95
N ILE B 170 -11.01 4.77 25.92
CA ILE B 170 -12.42 5.10 26.01
C ILE B 170 -13.20 4.22 25.05
N PHE B 171 -14.37 3.77 25.48
CA PHE B 171 -15.26 3.03 24.58
C PHE B 171 -15.97 4.01 23.65
N ASN B 172 -15.77 3.83 22.35
CA ASN B 172 -16.34 4.71 21.34
C ASN B 172 -17.60 4.13 20.71
N ASN B 173 -17.49 2.95 20.10
CA ASN B 173 -18.60 2.30 19.45
C ASN B 173 -18.35 0.81 19.44
N MET B 174 -19.43 0.04 19.43
CA MET B 174 -19.36 -1.40 19.31
C MET B 174 -20.36 -1.87 18.26
N VAL B 175 -19.97 -2.88 17.50
CA VAL B 175 -20.82 -3.48 16.48
C VAL B 175 -21.37 -4.77 17.04
N ASN B 176 -22.69 -4.86 17.14
CA ASN B 176 -23.34 -6.09 17.55
C ASN B 176 -23.30 -7.09 16.39
N GLN B 177 -24.01 -8.20 16.55
CA GLN B 177 -23.95 -9.30 15.60
C GLN B 177 -24.03 -8.78 14.17
N ASN B 178 -25.13 -8.09 13.84
CA ASN B 178 -25.27 -7.42 12.56
C ASN B 178 -26.26 -6.26 12.66
N TRP B 179 -26.61 -5.82 13.86
CA TRP B 179 -27.61 -4.79 14.07
C TRP B 179 -27.02 -3.40 13.98
N GLY B 180 -25.71 -3.27 13.81
CA GLY B 180 -25.08 -1.99 13.61
C GLY B 180 -24.37 -1.49 14.84
N PRO B 181 -23.75 -0.33 14.73
CA PRO B 181 -22.99 0.23 15.86
C PRO B 181 -23.90 0.65 17.00
N TYR B 182 -23.34 0.61 18.21
CA TYR B 182 -24.03 1.09 19.39
C TYR B 182 -23.01 1.69 20.34
N ASP B 183 -23.44 2.72 21.07
CA ASP B 183 -22.60 3.42 22.01
C ASP B 183 -23.29 3.48 23.37
N ARG B 184 -22.62 4.10 24.33
CA ARG B 184 -23.18 4.20 25.67
C ARG B 184 -24.44 5.05 25.70
N ASP B 185 -24.55 6.01 24.78
CA ASP B 185 -25.67 6.94 24.74
C ASP B 185 -26.79 6.49 23.82
N SER B 186 -26.60 5.39 23.09
CA SER B 186 -27.67 4.89 22.24
C SER B 186 -28.91 4.59 23.04
N TRP B 187 -30.07 4.93 22.49
CA TRP B 187 -31.33 4.73 23.19
C TRP B 187 -32.43 4.52 22.17
N ASN B 188 -33.00 3.32 22.16
CA ASN B 188 -34.17 3.03 21.36
C ASN B 188 -35.39 2.99 22.27
N PRO B 189 -36.46 3.74 21.98
CA PRO B 189 -37.62 3.70 22.87
C PRO B 189 -38.18 2.31 23.04
N VAL B 190 -38.03 1.45 22.03
CA VAL B 190 -38.53 0.09 22.11
C VAL B 190 -37.61 -0.77 22.96
N TYR B 191 -36.35 -0.89 22.55
CA TYR B 191 -35.39 -1.79 23.18
C TYR B 191 -34.42 -1.09 24.10
N GLY B 192 -34.52 0.22 24.25
CA GLY B 192 -33.55 0.93 25.07
C GLY B 192 -32.19 0.87 24.41
N ASN B 193 -31.20 0.37 25.14
CA ASN B 193 -29.83 0.28 24.66
C ASN B 193 -29.56 -1.16 24.25
N GLN B 194 -29.34 -1.38 22.95
CA GLN B 194 -29.13 -2.71 22.40
C GLN B 194 -27.66 -3.09 22.34
N LEU B 195 -26.84 -2.53 23.23
CA LEU B 195 -25.40 -2.68 23.09
C LEU B 195 -24.97 -4.13 23.24
N PHE B 196 -25.47 -4.82 24.27
CA PHE B 196 -25.03 -6.17 24.59
C PHE B 196 -26.17 -7.18 24.58
N MET B 197 -27.27 -6.88 23.89
CA MET B 197 -28.39 -7.80 23.83
C MET B 197 -28.16 -8.84 22.74
N LYS B 198 -28.05 -10.11 23.14
CA LYS B 198 -27.89 -11.17 22.16
C LYS B 198 -29.11 -11.28 21.26
N THR B 199 -30.29 -11.15 21.83
CA THR B 199 -31.53 -11.22 21.06
C THR B 199 -32.55 -10.26 21.66
N ARG B 200 -33.49 -9.84 20.81
CA ARG B 200 -34.52 -8.90 21.22
C ARG B 200 -35.75 -9.57 21.79
N ASN B 201 -36.07 -10.78 21.32
CA ASN B 201 -37.25 -11.52 21.74
C ASN B 201 -36.87 -12.90 22.24
N GLY B 202 -35.81 -12.95 23.06
CA GLY B 202 -35.31 -14.22 23.53
C GLY B 202 -36.21 -14.83 24.58
N SER B 203 -36.24 -16.16 24.61
CA SER B 203 -36.97 -16.93 25.60
C SER B 203 -36.12 -17.35 26.78
N MET B 204 -34.82 -17.07 26.74
CA MET B 204 -33.94 -17.45 27.83
C MET B 204 -33.96 -16.37 28.91
N LYS B 205 -33.49 -16.73 30.10
CA LYS B 205 -33.44 -15.77 31.18
C LYS B 205 -32.43 -14.67 30.84
N ALA B 206 -32.65 -13.50 31.45
CA ALA B 206 -31.89 -12.32 31.09
C ALA B 206 -30.38 -12.57 31.12
N ALA B 207 -29.92 -13.31 32.13
CA ALA B 207 -28.49 -13.52 32.27
C ALA B 207 -27.88 -14.21 31.04
N ASP B 208 -28.70 -14.91 30.28
CA ASP B 208 -28.24 -15.64 29.11
C ASP B 208 -28.47 -14.90 27.80
N ASN B 209 -29.01 -13.68 27.85
CA ASN B 209 -29.29 -12.89 26.66
C ASN B 209 -28.21 -11.87 26.38
N PHE B 210 -27.09 -11.94 27.09
CA PHE B 210 -25.97 -11.03 26.90
C PHE B 210 -25.01 -11.59 25.86
N LEU B 211 -24.37 -10.68 25.13
CA LEU B 211 -23.41 -11.08 24.10
C LEU B 211 -22.31 -11.94 24.70
N ASP B 212 -21.94 -12.98 23.96
CA ASP B 212 -20.79 -13.78 24.36
C ASP B 212 -19.54 -12.92 24.24
N PRO B 213 -18.69 -12.86 25.27
CA PRO B 213 -17.51 -12.00 25.19
C PRO B 213 -16.60 -12.32 24.02
N ASN B 214 -16.56 -13.57 23.56
CA ASN B 214 -15.73 -13.91 22.42
C ASN B 214 -16.14 -13.13 21.18
N LYS B 215 -17.44 -12.99 20.94
CA LYS B 215 -17.91 -12.18 19.82
C LYS B 215 -17.49 -10.74 19.97
N ALA B 216 -17.58 -10.21 21.19
CA ALA B 216 -17.27 -8.82 21.45
C ALA B 216 -15.76 -8.61 21.50
N SER B 217 -15.35 -7.34 21.50
CA SER B 217 -13.95 -6.99 21.55
C SER B 217 -13.30 -7.61 22.78
N SER B 218 -12.09 -8.14 22.60
CA SER B 218 -11.40 -8.79 23.70
C SER B 218 -11.02 -7.81 24.81
N LEU B 219 -11.09 -6.52 24.53
CA LEU B 219 -10.81 -5.54 25.57
C LEU B 219 -11.82 -5.63 26.70
N LEU B 220 -13.04 -6.04 26.39
CA LEU B 220 -14.08 -6.13 27.41
C LEU B 220 -13.89 -7.31 28.34
N SER B 221 -13.51 -8.47 27.77
CA SER B 221 -13.44 -9.70 28.56
C SER B 221 -12.03 -9.95 29.08
N SER B 222 -11.08 -10.10 28.19
CA SER B 222 -9.71 -10.41 28.58
C SER B 222 -8.97 -9.20 29.12
N GLY B 223 -9.16 -8.04 28.51
CA GLY B 223 -8.64 -6.80 29.04
C GLY B 223 -7.80 -6.06 28.02
N PHE B 224 -7.17 -5.00 28.49
CA PHE B 224 -6.37 -4.09 27.67
C PHE B 224 -4.95 -4.03 28.21
N SER B 225 -3.98 -4.11 27.31
CA SER B 225 -2.58 -4.13 27.70
C SER B 225 -1.90 -2.84 27.25
N PRO B 226 -1.74 -1.85 28.12
CA PRO B 226 -1.12 -0.59 27.70
C PRO B 226 0.36 -0.74 27.43
N ASP B 227 0.86 0.19 26.61
CA ASP B 227 2.29 0.44 26.45
C ASP B 227 2.44 1.94 26.34
N PHE B 228 2.66 2.60 27.48
CA PHE B 228 2.64 4.06 27.56
C PHE B 228 3.95 4.55 28.14
N ALA B 229 4.69 5.33 27.37
CA ALA B 229 5.99 5.83 27.79
C ALA B 229 5.87 7.26 28.30
N THR B 230 6.59 7.53 29.38
CA THR B 230 6.71 8.85 29.94
C THR B 230 8.18 9.12 30.18
N VAL B 231 8.57 10.39 30.07
CA VAL B 231 9.97 10.78 30.19
C VAL B 231 10.05 11.84 31.26
N ILE B 232 10.59 11.44 32.42
CA ILE B 232 10.90 12.32 33.53
C ILE B 232 12.29 12.89 33.32
N THR B 233 12.48 14.13 33.74
CA THR B 233 13.77 14.80 33.60
C THR B 233 14.11 15.47 34.93
N MET B 234 15.36 15.30 35.37
CA MET B 234 15.83 15.90 36.60
C MET B 234 17.14 16.62 36.36
N ASP B 235 17.35 17.72 37.10
CA ASP B 235 18.59 18.46 37.02
C ASP B 235 19.64 17.78 37.89
N ARG B 236 20.85 17.65 37.34
CA ARG B 236 21.91 16.96 38.07
C ARG B 236 22.28 17.69 39.35
N LYS B 237 22.14 19.01 39.38
CA LYS B 237 22.57 19.80 40.52
C LYS B 237 21.56 19.81 41.66
N ALA B 238 20.38 19.22 41.47
CA ALA B 238 19.39 19.20 42.52
C ALA B 238 19.92 18.43 43.73
N SER B 239 19.75 19.02 44.92
CA SER B 239 20.25 18.38 46.13
C SER B 239 19.54 17.07 46.41
N LYS B 240 18.23 17.01 46.18
CA LYS B 240 17.42 15.84 46.48
C LYS B 240 17.36 14.97 45.23
N GLN B 241 18.14 13.89 45.22
CA GLN B 241 18.21 12.97 44.10
C GLN B 241 17.29 11.76 44.27
N GLN B 242 16.28 11.86 45.12
CA GLN B 242 15.29 10.81 45.31
C GLN B 242 13.91 11.40 45.11
N THR B 243 13.06 10.66 44.42
CA THR B 243 11.69 11.11 44.16
C THR B 243 10.71 9.97 44.40
N ASN B 244 9.44 10.32 44.50
CA ASN B 244 8.36 9.37 44.66
C ASN B 244 7.32 9.64 43.58
N ILE B 245 7.01 8.63 42.78
CA ILE B 245 6.08 8.78 41.67
C ILE B 245 4.93 7.81 41.87
N ASP B 246 3.71 8.31 41.72
CA ASP B 246 2.51 7.51 41.88
C ASP B 246 2.02 7.05 40.52
N VAL B 247 2.04 5.74 40.30
CA VAL B 247 1.51 5.13 39.10
C VAL B 247 0.13 4.56 39.42
N ILE B 248 -0.86 4.95 38.63
CA ILE B 248 -2.26 4.65 38.91
C ILE B 248 -2.86 3.98 37.68
N TYR B 249 -3.51 2.85 37.90
CA TYR B 249 -4.32 2.19 36.89
C TYR B 249 -5.77 2.25 37.32
N GLU B 250 -6.67 2.46 36.37
CA GLU B 250 -8.08 2.53 36.68
C GLU B 250 -8.89 1.77 35.65
N ARG B 251 -9.95 1.12 36.13
CA ARG B 251 -10.94 0.49 35.28
C ARG B 251 -12.30 1.05 35.67
N VAL B 252 -12.95 1.70 34.73
CA VAL B 252 -14.29 2.26 34.92
C VAL B 252 -15.28 1.24 34.40
N ARG B 253 -16.16 0.75 35.27
CA ARG B 253 -17.11 -0.29 34.92
C ARG B 253 -18.51 0.29 34.95
N ASP B 254 -19.21 0.15 33.83
CA ASP B 254 -20.59 0.57 33.69
C ASP B 254 -21.51 -0.62 33.86
N ASP B 255 -22.76 -0.33 34.23
CA ASP B 255 -23.76 -1.36 34.52
C ASP B 255 -24.77 -1.39 33.38
N TYR B 256 -24.85 -2.53 32.72
CA TYR B 256 -25.83 -2.76 31.65
C TYR B 256 -26.92 -3.63 32.25
N GLN B 257 -28.07 -3.01 32.51
CA GLN B 257 -29.20 -3.69 33.11
C GLN B 257 -30.16 -4.12 32.01
N LEU B 258 -30.51 -5.40 32.00
CA LEU B 258 -31.40 -5.97 31.00
C LEU B 258 -32.70 -6.35 31.68
N HIS B 259 -33.82 -5.89 31.13
CA HIS B 259 -35.14 -6.06 31.70
C HIS B 259 -36.07 -6.68 30.68
N TRP B 260 -37.07 -7.39 31.18
CA TRP B 260 -38.10 -8.02 30.37
C TRP B 260 -39.38 -7.20 30.46
N THR B 261 -39.89 -6.78 29.30
CA THR B 261 -41.09 -5.97 29.24
C THR B 261 -42.35 -6.81 29.06
N SER B 262 -42.24 -8.14 29.09
CA SER B 262 -43.35 -9.04 28.84
C SER B 262 -43.68 -9.10 27.35
N THR B 263 -43.06 -8.22 26.57
CA THR B 263 -43.14 -8.23 25.12
C THR B 263 -41.78 -8.46 24.47
N ASN B 264 -40.78 -7.67 24.85
CA ASN B 264 -39.43 -7.80 24.32
C ASN B 264 -38.46 -7.40 25.42
N TRP B 265 -37.17 -7.37 25.10
CA TRP B 265 -36.13 -7.02 26.05
C TRP B 265 -35.75 -5.56 25.92
N LYS B 266 -35.38 -4.95 27.03
CA LYS B 266 -34.93 -3.56 27.07
C LYS B 266 -33.63 -3.47 27.85
N GLY B 267 -32.74 -2.61 27.39
CA GLY B 267 -31.43 -2.45 28.00
C GLY B 267 -31.18 -1.02 28.42
N THR B 268 -30.62 -0.85 29.60
CA THR B 268 -30.24 0.46 30.12
C THR B 268 -28.78 0.41 30.54
N ASN B 269 -28.13 1.58 30.47
CA ASN B 269 -26.70 1.68 30.73
C ASN B 269 -26.45 2.79 31.73
N THR B 270 -25.99 2.41 32.91
CA THR B 270 -25.59 3.35 33.95
C THR B 270 -24.08 3.52 33.86
N LYS B 271 -23.65 4.76 33.61
CA LYS B 271 -22.25 5.04 33.37
C LYS B 271 -21.47 5.16 34.67
N ASP B 272 -20.19 4.80 34.60
CA ASP B 272 -19.25 4.99 35.69
C ASP B 272 -19.83 4.51 37.01
N LYS B 273 -20.55 3.39 36.96
CA LYS B 273 -21.14 2.83 38.17
C LYS B 273 -20.06 2.48 39.18
N TRP B 274 -18.99 1.82 38.73
CA TRP B 274 -17.89 1.44 39.59
C TRP B 274 -16.58 1.96 39.01
N THR B 275 -15.62 2.22 39.89
CA THR B 275 -14.29 2.66 39.50
C THR B 275 -13.27 1.91 40.34
N ASP B 276 -12.44 1.11 39.69
CA ASP B 276 -11.47 0.26 40.36
C ASP B 276 -10.10 0.86 40.12
N ARG B 277 -9.48 1.36 41.18
CA ARG B 277 -8.19 2.03 41.10
C ARG B 277 -7.12 1.22 41.83
N SER B 278 -5.96 1.10 41.20
CA SER B 278 -4.79 0.46 41.78
C SER B 278 -3.65 1.46 41.68
N SER B 279 -3.22 1.99 42.82
CA SER B 279 -2.17 2.99 42.87
C SER B 279 -0.97 2.43 43.60
N GLU B 280 0.20 2.64 43.02
CA GLU B 280 1.46 2.25 43.63
C GLU B 280 2.38 3.46 43.66
N ARG B 281 3.23 3.51 44.68
CA ARG B 281 4.22 4.56 44.82
C ARG B 281 5.59 3.95 44.62
N TYR B 282 6.35 4.50 43.69
CA TYR B 282 7.66 4.01 43.33
C TYR B 282 8.71 5.03 43.76
N LYS B 283 9.71 4.55 44.49
CA LYS B 283 10.84 5.35 44.90
C LYS B 283 11.89 5.32 43.79
N ILE B 284 12.26 6.49 43.30
CA ILE B 284 13.24 6.65 42.23
C ILE B 284 14.51 7.19 42.85
N ASP B 285 15.61 6.44 42.70
CA ASP B 285 16.93 6.84 43.14
C ASP B 285 17.75 7.18 41.90
N TRP B 286 17.98 8.48 41.70
CA TRP B 286 18.68 8.95 40.52
C TRP B 286 20.19 8.76 40.60
N GLU B 287 20.73 8.58 41.80
CA GLU B 287 22.16 8.39 41.95
C GLU B 287 22.57 6.95 41.69
N LYS B 288 21.86 6.00 42.31
CA LYS B 288 22.06 4.59 42.02
C LYS B 288 21.32 4.16 40.77
N GLU B 289 20.53 5.05 40.17
CA GLU B 289 19.79 4.76 38.95
C GLU B 289 18.96 3.49 39.11
N GLU B 290 17.99 3.56 40.02
CA GLU B 290 17.11 2.44 40.24
C GLU B 290 15.73 2.93 40.64
N MET B 291 14.76 2.02 40.57
CA MET B 291 13.40 2.27 41.01
C MET B 291 12.95 1.07 41.83
N THR B 292 12.21 1.35 42.90
CA THR B 292 11.73 0.31 43.80
C THR B 292 10.31 0.63 44.23
N ASN B 293 9.66 -0.36 44.82
CA ASN B 293 8.31 -0.17 45.34
C ASN B 293 8.28 -0.37 46.85
N ALA C 1 16.20 13.48 -3.76
CA ALA C 1 17.17 13.24 -2.70
C ALA C 1 18.58 13.34 -3.23
N ASP C 2 19.56 13.34 -2.32
CA ASP C 2 20.95 13.44 -2.71
C ASP C 2 21.43 12.24 -3.51
N SER C 3 20.69 11.13 -3.51
CA SER C 3 21.03 10.01 -4.37
C SER C 3 20.63 10.27 -5.82
N ASP C 4 19.58 11.06 -6.03
CA ASP C 4 19.10 11.35 -7.37
C ASP C 4 20.04 12.25 -8.16
N ILE C 5 21.04 12.83 -7.51
CA ILE C 5 22.05 13.62 -8.17
C ILE C 5 23.40 12.91 -8.14
N ASN C 6 23.39 11.59 -7.92
CA ASN C 6 24.58 10.77 -7.97
C ASN C 6 25.55 11.09 -6.83
N ILE C 7 25.02 11.42 -5.67
CA ILE C 7 25.81 11.72 -4.48
C ILE C 7 25.39 10.74 -3.39
N LYS C 8 26.37 10.16 -2.72
CA LYS C 8 26.10 9.19 -1.67
C LYS C 8 25.22 9.81 -0.59
N THR C 9 24.21 9.05 -0.16
CA THR C 9 23.22 9.59 0.76
C THR C 9 23.86 9.93 2.10
N GLY C 10 23.42 11.05 2.68
CA GLY C 10 23.93 11.51 3.94
C GLY C 10 25.27 12.22 3.87
N THR C 11 25.81 12.39 2.67
CA THR C 11 27.13 13.02 2.55
C THR C 11 27.05 14.52 2.80
N THR C 12 26.02 15.17 2.27
CA THR C 12 25.84 16.61 2.41
C THR C 12 25.17 17.00 3.71
N ASP C 13 24.77 16.04 4.53
CA ASP C 13 24.09 16.35 5.77
C ASP C 13 25.08 16.78 6.84
N ILE C 14 24.55 17.33 7.92
CA ILE C 14 25.34 17.87 9.00
C ILE C 14 25.29 16.91 10.18
N GLY C 15 26.27 17.04 11.07
CA GLY C 15 26.30 16.27 12.29
C GLY C 15 27.15 15.02 12.25
N SER C 16 27.98 14.86 11.23
CA SER C 16 28.81 13.68 11.10
C SER C 16 30.10 13.87 11.88
N ASN C 17 30.34 12.99 12.86
CA ASN C 17 31.58 12.99 13.63
C ASN C 17 31.74 14.28 14.43
N THR C 18 30.69 14.65 15.14
CA THR C 18 30.70 15.83 15.99
C THR C 18 29.92 15.53 17.26
N THR C 19 30.22 16.28 18.31
CA THR C 19 29.54 16.15 19.59
C THR C 19 28.41 17.16 19.67
N VAL C 20 27.23 16.68 20.01
CA VAL C 20 26.01 17.47 20.04
C VAL C 20 25.59 17.67 21.48
N LYS C 21 25.25 18.89 21.84
CA LYS C 21 24.86 19.22 23.21
C LYS C 21 23.35 19.41 23.27
N THR C 22 22.66 18.45 23.87
CA THR C 22 21.20 18.47 23.93
C THR C 22 20.74 19.00 25.28
N GLY C 23 19.44 19.25 25.36
CA GLY C 23 18.85 19.67 26.62
C GLY C 23 17.35 19.80 26.51
N ASP C 24 16.71 19.74 27.67
CA ASP C 24 15.27 19.90 27.80
C ASP C 24 14.99 21.07 28.73
N LEU C 25 13.97 21.85 28.40
CA LEU C 25 13.50 22.94 29.24
C LEU C 25 11.99 22.85 29.32
N VAL C 26 11.47 22.63 30.52
CA VAL C 26 10.05 22.36 30.73
C VAL C 26 9.47 23.40 31.66
N THR C 27 8.18 23.70 31.48
CA THR C 27 7.49 24.59 32.39
C THR C 27 6.00 24.53 32.09
N TYR C 28 5.19 24.66 33.14
CA TYR C 28 3.75 24.53 33.04
C TYR C 28 3.10 25.85 33.44
N ASP C 29 2.38 26.45 32.50
CA ASP C 29 1.56 27.62 32.77
C ASP C 29 0.17 27.14 33.15
N LYS C 30 -0.12 27.16 34.46
CA LYS C 30 -1.40 26.70 34.95
C LYS C 30 -2.53 27.58 34.46
N GLU C 31 -2.33 28.90 34.49
CA GLU C 31 -3.40 29.82 34.13
C GLU C 31 -3.87 29.58 32.70
N ASN C 32 -2.93 29.44 31.78
CA ASN C 32 -3.24 29.19 30.38
C ASN C 32 -3.30 27.71 30.05
N GLY C 33 -2.98 26.84 31.00
CA GLY C 33 -3.11 25.42 30.79
C GLY C 33 -2.19 24.88 29.70
N MET C 34 -0.92 25.28 29.73
CA MET C 34 0.03 24.89 28.72
C MET C 34 1.21 24.17 29.35
N HIS C 35 1.53 22.99 28.85
CA HIS C 35 2.76 22.31 29.19
C HIS C 35 3.75 22.60 28.07
N LYS C 36 4.73 23.44 28.35
CA LYS C 36 5.70 23.87 27.35
C LYS C 36 7.01 23.12 27.56
N LYS C 37 7.54 22.56 26.48
CA LYS C 37 8.85 21.94 26.50
C LYS C 37 9.63 22.42 25.30
N VAL C 38 10.92 22.59 25.49
CA VAL C 38 11.84 22.96 24.43
C VAL C 38 12.98 21.95 24.46
N PHE C 39 13.16 21.22 23.37
CA PHE C 39 14.28 20.32 23.21
C PHE C 39 15.30 20.99 22.31
N TYR C 40 16.44 21.37 22.88
CA TYR C 40 17.44 22.12 22.15
C TYR C 40 18.66 21.24 21.92
N SER C 41 19.25 21.41 20.73
CA SER C 41 20.44 20.68 20.34
C SER C 41 21.42 21.64 19.70
N PHE C 42 22.60 21.77 20.31
CA PHE C 42 23.68 22.59 19.77
C PHE C 42 24.60 21.73 18.94
N ILE C 43 24.88 22.19 17.72
CA ILE C 43 25.69 21.49 16.75
C ILE C 43 26.77 22.47 16.29
N ASP C 44 28.02 22.12 16.54
CA ASP C 44 29.17 22.89 16.08
C ASP C 44 29.96 21.97 15.15
N ASP C 45 29.54 21.92 13.89
CA ASP C 45 30.22 21.13 12.87
C ASP C 45 31.37 21.97 12.32
N LYS C 46 32.60 21.53 12.61
CA LYS C 46 33.76 22.29 12.18
C LYS C 46 33.81 22.50 10.68
N ASN C 47 33.18 21.61 9.91
CA ASN C 47 33.11 21.75 8.46
C ASN C 47 31.96 22.64 8.01
N HIS C 48 31.06 22.99 8.92
CA HIS C 48 29.96 23.91 8.62
C HIS C 48 30.38 25.33 8.95
N ASN C 49 29.82 26.27 8.20
CA ASN C 49 30.23 27.67 8.31
C ASN C 49 29.55 28.40 9.46
N LYS C 50 28.64 27.74 10.18
CA LYS C 50 27.91 28.40 11.26
C LYS C 50 27.59 27.39 12.34
N LYS C 51 27.32 27.92 13.53
CA LYS C 51 26.82 27.11 14.62
C LYS C 51 25.31 26.95 14.48
N LEU C 52 24.82 25.74 14.70
CA LEU C 52 23.42 25.43 14.55
C LEU C 52 22.79 25.15 15.90
N LEU C 53 21.57 25.63 16.08
CA LEU C 53 20.75 25.30 17.23
C LEU C 53 19.41 24.79 16.73
N VAL C 54 19.10 23.55 17.05
CA VAL C 54 17.82 22.95 16.69
C VAL C 54 16.92 23.02 17.90
N ILE C 55 15.84 23.78 17.77
CA ILE C 55 14.89 24.04 18.84
C ILE C 55 13.59 23.35 18.45
N ARG C 56 13.25 22.28 19.17
CA ARG C 56 12.00 21.57 18.95
C ARG C 56 11.04 21.97 20.06
N THR C 57 10.06 22.78 19.69
CA THR C 57 8.95 23.09 20.58
C THR C 57 8.05 21.89 20.68
N LYS C 58 7.72 21.50 21.90
CA LYS C 58 6.88 20.36 22.19
C LYS C 58 6.04 20.66 23.41
N GLY C 59 5.22 19.69 23.78
CA GLY C 59 4.39 19.82 24.96
C GLY C 59 2.95 19.52 24.66
N THR C 60 2.05 20.26 25.31
CA THR C 60 0.63 20.06 25.10
C THR C 60 -0.10 21.34 25.47
N ILE C 61 -0.95 21.79 24.57
CA ILE C 61 -1.76 22.98 24.76
C ILE C 61 -3.19 22.50 24.99
N ALA C 62 -3.58 22.44 26.25
CA ALA C 62 -4.88 21.91 26.60
C ALA C 62 -5.98 22.67 25.87
N GLY C 63 -6.89 21.91 25.26
CA GLY C 63 -7.96 22.54 24.50
C GLY C 63 -8.93 23.30 25.38
N GLN C 64 -9.21 22.77 26.56
CA GLN C 64 -10.11 23.42 27.51
C GLN C 64 -11.51 23.61 26.94
N TYR C 65 -11.93 22.67 26.09
CA TYR C 65 -13.31 22.60 25.65
C TYR C 65 -14.21 22.48 26.87
N ARG C 66 -14.95 23.54 27.19
CA ARG C 66 -15.67 23.54 28.46
C ARG C 66 -16.80 24.54 28.43
N VAL C 67 -17.89 24.19 29.10
CA VAL C 67 -19.00 25.12 29.32
C VAL C 67 -18.54 26.14 30.35
N TYR C 68 -18.63 27.41 30.00
CA TYR C 68 -18.12 28.48 30.85
C TYR C 68 -19.18 29.30 31.53
N SER C 69 -20.39 29.38 30.98
CA SER C 69 -21.42 30.23 31.56
C SER C 69 -22.79 29.65 31.26
N GLU C 70 -23.68 29.70 32.25
CA GLU C 70 -25.06 29.28 32.11
C GLU C 70 -25.96 30.38 32.63
N GLU C 71 -26.92 30.80 31.81
CA GLU C 71 -27.90 31.80 32.20
C GLU C 71 -29.27 31.18 32.46
N GLY C 72 -29.33 29.88 32.68
CA GLY C 72 -30.58 29.19 32.86
C GLY C 72 -30.67 27.93 32.02
N ALA C 73 -31.88 27.45 31.79
CA ALA C 73 -32.06 26.21 31.03
C ALA C 73 -32.18 26.48 29.53
N ASN C 74 -32.23 27.74 29.11
CA ASN C 74 -32.44 28.08 27.72
C ASN C 74 -31.19 28.57 27.01
N LYS C 75 -30.18 29.02 27.77
CA LYS C 75 -28.97 29.56 27.17
C LYS C 75 -27.76 28.92 27.83
N SER C 76 -26.70 28.75 27.03
CA SER C 76 -25.43 28.29 27.59
C SER C 76 -24.31 28.70 26.65
N GLY C 77 -23.08 28.64 27.17
CA GLY C 77 -21.92 29.04 26.42
C GLY C 77 -20.74 28.10 26.56
N LEU C 78 -20.12 27.77 25.45
CA LEU C 78 -18.99 26.85 25.40
C LEU C 78 -17.75 27.56 24.88
N ALA C 79 -16.66 27.43 25.62
CA ALA C 79 -15.36 27.86 25.15
C ALA C 79 -14.69 26.67 24.47
N TRP C 80 -14.41 26.80 23.18
CA TRP C 80 -13.80 25.73 22.42
C TRP C 80 -12.62 26.27 21.62
N PRO C 81 -11.49 25.57 21.57
CA PRO C 81 -10.33 26.07 20.86
C PRO C 81 -10.49 25.92 19.35
N SER C 82 -10.31 27.03 18.64
CA SER C 82 -10.34 27.03 17.19
C SER C 82 -8.95 27.01 16.58
N ALA C 83 -7.94 27.33 17.37
CA ALA C 83 -6.59 27.41 16.81
C ALA C 83 -5.57 27.37 17.92
N PHE C 84 -4.46 26.71 17.64
CA PHE C 84 -3.25 26.75 18.45
C PHE C 84 -2.16 27.44 17.65
N LYS C 85 -1.16 27.96 18.33
CA LYS C 85 -0.08 28.64 17.64
C LYS C 85 1.20 28.52 18.45
N VAL C 86 2.31 28.44 17.73
CA VAL C 86 3.65 28.41 18.30
C VAL C 86 4.50 29.36 17.50
N GLN C 87 5.18 30.28 18.18
CA GLN C 87 5.99 31.29 17.53
C GLN C 87 7.33 31.41 18.23
N LEU C 88 8.39 31.42 17.44
CA LEU C 88 9.73 31.74 17.93
C LEU C 88 10.19 33.01 17.27
N GLN C 89 10.52 34.01 18.07
CA GLN C 89 10.85 35.33 17.58
C GLN C 89 12.17 35.79 18.19
N LEU C 90 13.08 36.21 17.33
CA LEU C 90 14.32 36.81 17.77
C LEU C 90 14.21 38.33 17.74
N PRO C 91 14.76 39.04 18.71
CA PRO C 91 14.75 40.50 18.64
C PRO C 91 15.50 40.99 17.41
N ASP C 92 15.02 42.11 16.86
CA ASP C 92 15.55 42.61 15.59
C ASP C 92 17.02 42.96 15.66
N ASN C 93 17.55 43.20 16.86
CA ASN C 93 18.94 43.62 17.02
C ASN C 93 19.90 42.44 17.11
N GLU C 94 19.41 41.21 17.02
CA GLU C 94 20.27 40.05 17.17
C GLU C 94 21.00 39.73 15.86
N VAL C 95 22.14 39.06 16.01
CA VAL C 95 22.92 38.66 14.84
C VAL C 95 22.49 37.29 14.33
N ALA C 96 21.78 36.51 15.14
CA ALA C 96 21.37 35.19 14.75
C ALA C 96 20.23 35.26 13.74
N GLN C 97 19.98 34.13 13.10
CA GLN C 97 18.97 34.03 12.05
C GLN C 97 18.24 32.71 12.15
N ILE C 98 17.01 32.71 11.66
CA ILE C 98 16.18 31.50 11.63
C ILE C 98 16.45 30.85 10.27
N SER C 99 17.43 29.95 10.25
CA SER C 99 17.86 29.36 8.99
C SER C 99 16.81 28.40 8.43
N ASP C 100 16.27 27.53 9.26
CA ASP C 100 15.41 26.48 8.74
C ASP C 100 14.26 26.19 9.71
N TYR C 101 13.34 25.34 9.26
CA TYR C 101 12.18 25.00 10.05
C TYR C 101 11.53 23.74 9.48
N TYR C 102 10.67 23.15 10.28
CA TYR C 102 9.90 21.97 9.92
C TYR C 102 8.82 21.76 10.95
N PRO C 103 7.61 21.34 10.57
CA PRO C 103 7.12 21.05 9.23
C PRO C 103 6.86 22.30 8.42
N ARG C 104 6.63 22.12 7.13
CA ARG C 104 6.35 23.20 6.21
C ARG C 104 4.98 22.97 5.58
N ASN C 105 4.67 23.80 4.58
CA ASN C 105 3.38 23.74 3.89
C ASN C 105 3.52 22.82 2.67
N ASP C 106 3.34 21.53 2.93
CA ASP C 106 3.38 20.55 1.85
C ASP C 106 2.26 20.80 0.86
N ALA C 107 2.56 20.66 -0.42
CA ALA C 107 1.55 20.80 -1.46
C ALA C 107 0.60 19.62 -1.42
N GLU C 108 -0.67 19.88 -1.15
CA GLU C 108 -1.69 18.85 -1.08
C GLU C 108 -2.29 18.61 -2.46
N PHE C 109 -3.29 17.73 -2.50
CA PHE C 109 -3.89 17.35 -3.77
C PHE C 109 -5.30 16.82 -3.51
N ARG C 110 -6.07 16.73 -4.60
CA ARG C 110 -7.39 16.12 -4.58
C ARG C 110 -7.47 15.13 -5.72
N HIS C 111 -7.69 13.86 -5.40
CA HIS C 111 -7.85 12.83 -6.42
C HIS C 111 -9.05 13.17 -7.29
N ASP C 112 -8.80 13.48 -8.56
CA ASP C 112 -9.82 13.89 -9.51
C ASP C 112 -10.04 12.74 -10.49
N SER C 113 -11.22 12.12 -10.43
CA SER C 113 -11.56 11.01 -11.32
C SER C 113 -12.66 11.48 -12.25
N GLY C 114 -12.32 11.66 -13.52
CA GLY C 114 -13.27 12.08 -14.52
C GLY C 114 -13.91 10.89 -15.22
N TYR C 115 -15.05 11.13 -15.85
CA TYR C 115 -15.84 10.07 -16.49
C TYR C 115 -16.12 10.43 -17.94
N GLU C 116 -15.87 9.47 -18.84
CA GLU C 116 -16.35 9.50 -20.21
C GLU C 116 -16.77 8.07 -20.53
N VAL C 117 -18.04 7.75 -20.27
CA VAL C 117 -18.52 6.38 -20.33
C VAL C 117 -19.83 6.34 -21.12
N HIS C 118 -20.02 5.28 -21.91
CA HIS C 118 -21.19 5.12 -22.76
C HIS C 118 -21.90 3.83 -22.39
N HIS C 119 -23.23 3.90 -22.29
CA HIS C 119 -24.06 2.72 -22.09
C HIS C 119 -25.11 2.66 -23.20
N GLN C 120 -25.47 1.46 -23.62
CA GLN C 120 -26.55 1.27 -24.57
C GLN C 120 -27.43 0.12 -24.11
N LYS C 121 -28.75 0.30 -24.26
CA LYS C 121 -29.72 -0.70 -23.87
C LYS C 121 -30.76 -0.85 -24.96
N LEU C 122 -31.26 -2.08 -25.12
CA LEU C 122 -32.26 -2.40 -26.14
C LEU C 122 -33.36 -3.20 -25.49
N VAL C 123 -34.53 -2.58 -25.31
CA VAL C 123 -35.68 -3.22 -24.67
C VAL C 123 -36.72 -3.50 -25.75
N PHE C 124 -37.33 -4.69 -25.70
CA PHE C 124 -38.40 -5.04 -26.63
C PHE C 124 -39.45 -5.84 -25.86
N PHE C 125 -40.43 -5.12 -25.32
CA PHE C 125 -41.51 -5.68 -24.53
C PHE C 125 -42.58 -6.27 -25.42
N ALA C 126 -43.26 -7.31 -24.92
CA ALA C 126 -44.30 -7.98 -25.68
C ALA C 126 -45.39 -8.48 -24.73
N GLU C 127 -46.57 -8.68 -25.27
CA GLU C 127 -47.72 -9.20 -24.54
C GLU C 127 -48.17 -10.52 -25.16
N ASP C 128 -48.88 -11.31 -24.35
CA ASP C 128 -49.40 -12.60 -24.82
C ASP C 128 -50.51 -12.44 -25.84
N VAL C 129 -51.06 -11.24 -26.01
CA VAL C 129 -52.12 -11.04 -27.00
C VAL C 129 -51.58 -10.70 -28.37
N GLY C 130 -50.25 -10.61 -28.53
CA GLY C 130 -49.66 -10.31 -29.80
C GLY C 130 -49.42 -8.83 -30.03
N SER C 131 -48.73 -8.18 -29.07
CA SER C 131 -48.43 -6.76 -29.20
C SER C 131 -46.99 -6.55 -28.75
N ASN C 132 -46.14 -6.11 -29.67
CA ASN C 132 -44.74 -5.85 -29.38
C ASN C 132 -44.45 -4.35 -29.46
N LYS C 133 -43.57 -3.90 -28.59
CA LYS C 133 -43.26 -2.47 -28.48
C LYS C 133 -41.91 -2.33 -27.79
N GLY C 134 -41.04 -1.48 -28.33
CA GLY C 134 -39.68 -1.47 -27.83
C GLY C 134 -39.02 -0.10 -27.94
N ALA C 135 -37.79 -0.05 -27.41
CA ALA C 135 -37.01 1.17 -27.37
C ALA C 135 -35.53 0.83 -27.41
N ILE C 136 -34.73 1.79 -27.87
CA ILE C 136 -33.28 1.73 -27.84
C ILE C 136 -32.78 2.98 -27.14
N ILE C 137 -31.97 2.81 -26.11
CA ILE C 137 -31.58 3.88 -25.20
C ILE C 137 -30.07 4.02 -25.25
N GLY C 138 -29.60 5.24 -25.44
CA GLY C 138 -28.19 5.58 -25.35
C GLY C 138 -27.97 6.52 -24.19
N LEU C 139 -27.09 6.13 -23.27
CA LEU C 139 -26.88 6.82 -22.00
C LEU C 139 -25.44 7.28 -21.91
N MET C 140 -25.25 8.54 -21.52
CA MET C 140 -23.92 9.13 -21.38
C MET C 140 -23.62 9.37 -19.91
N VAL C 141 -22.43 8.96 -19.47
CA VAL C 141 -21.96 9.20 -18.12
C VAL C 141 -20.72 10.08 -18.22
N GLY C 142 -20.78 11.25 -17.60
CA GLY C 142 -19.70 12.21 -17.62
C GLY C 142 -19.67 13.00 -16.33
N GLY C 143 -18.64 13.82 -16.19
CA GLY C 143 -18.42 14.59 -14.99
C GLY C 143 -17.15 14.19 -14.29
N VAL C 144 -17.08 14.52 -13.00
CA VAL C 144 -15.90 14.30 -12.19
C VAL C 144 -16.30 14.04 -10.76
N VAL C 145 -15.51 13.22 -10.07
CA VAL C 145 -15.63 13.01 -8.64
C VAL C 145 -14.29 13.39 -8.01
N ILE C 146 -14.36 14.22 -6.97
CA ILE C 146 -13.18 14.72 -6.27
C ILE C 146 -13.15 14.07 -4.90
N ALA C 147 -12.06 13.37 -4.59
CA ALA C 147 -11.91 12.69 -3.31
C ALA C 147 -10.56 13.03 -2.70
N TYR C 148 -10.58 13.40 -1.42
CA TYR C 148 -9.37 13.78 -0.72
C TYR C 148 -9.60 13.61 0.78
N VAL C 149 -8.51 13.67 1.54
CA VAL C 149 -8.58 13.57 2.99
C VAL C 149 -8.92 14.93 3.55
N GLN C 150 -9.92 14.98 4.44
CA GLN C 150 -10.38 16.21 5.06
C GLN C 150 -10.14 16.12 6.57
N PRO C 151 -8.98 16.52 7.06
CA PRO C 151 -8.71 16.41 8.50
C PRO C 151 -9.44 17.46 9.29
N ASP C 152 -9.63 17.15 10.58
CA ASP C 152 -10.31 18.08 11.47
C ASP C 152 -9.50 19.36 11.64
N PHE C 153 -8.19 19.24 11.81
CA PHE C 153 -7.31 20.37 12.04
C PHE C 153 -6.18 20.36 11.03
N LYS C 154 -5.91 21.53 10.46
CA LYS C 154 -4.77 21.73 9.59
C LYS C 154 -3.59 22.25 10.39
N THR C 155 -2.39 21.96 9.89
CA THR C 155 -1.16 22.53 10.41
C THR C 155 -0.55 23.40 9.32
N ILE C 156 -0.15 24.61 9.69
CA ILE C 156 0.27 25.62 8.73
C ILE C 156 1.52 26.32 9.24
N LEU C 157 2.41 26.65 8.31
CA LEU C 157 3.61 27.42 8.61
C LEU C 157 3.35 28.87 8.24
N GLU C 158 3.19 29.73 9.23
CA GLU C 158 2.98 31.13 8.97
C GLU C 158 4.22 31.73 8.29
N SER C 159 3.98 32.74 7.47
CA SER C 159 5.04 33.39 6.71
C SER C 159 6.22 33.71 7.62
N PRO C 160 7.35 33.02 7.47
CA PRO C 160 8.49 33.26 8.35
C PRO C 160 9.42 34.34 7.84
N THR C 161 10.39 34.66 8.69
CA THR C 161 11.43 35.64 8.40
C THR C 161 12.76 35.11 8.89
N ASP C 162 13.76 35.98 8.92
CA ASP C 162 15.04 35.65 9.52
C ASP C 162 15.05 35.90 11.03
N LYS C 163 13.97 36.42 11.58
CA LYS C 163 13.86 36.66 13.01
C LYS C 163 12.63 36.04 13.64
N LYS C 164 11.57 35.81 12.87
CA LYS C 164 10.33 35.25 13.36
C LYS C 164 9.94 34.03 12.55
N VAL C 165 9.46 33.01 13.24
CA VAL C 165 8.86 31.85 12.60
C VAL C 165 7.68 31.41 13.44
N GLY C 166 6.72 30.76 12.79
CA GLY C 166 5.52 30.39 13.49
C GLY C 166 4.64 29.38 12.78
N TRP C 167 4.11 28.44 13.56
CA TRP C 167 3.14 27.49 13.10
C TRP C 167 1.79 27.76 13.74
N LYS C 168 0.74 27.48 13.01
CA LYS C 168 -0.62 27.59 13.52
C LYS C 168 -1.40 26.35 13.14
N VAL C 169 -2.10 25.80 14.12
CA VAL C 169 -3.01 24.69 13.92
C VAL C 169 -4.42 25.25 13.92
N ILE C 170 -5.16 24.97 12.87
CA ILE C 170 -6.42 25.64 12.57
C ILE C 170 -7.53 24.62 12.50
N PHE C 171 -8.70 24.99 13.02
CA PHE C 171 -9.88 24.14 12.88
C PHE C 171 -10.45 24.27 11.48
N ASN C 172 -10.52 23.16 10.76
CA ASN C 172 -10.99 23.15 9.39
C ASN C 172 -12.44 22.69 9.29
N ASN C 173 -12.73 21.48 9.76
CA ASN C 173 -14.07 20.92 9.70
C ASN C 173 -14.21 19.90 10.83
N MET C 174 -15.44 19.73 11.29
CA MET C 174 -15.76 18.72 12.28
C MET C 174 -17.00 17.95 11.84
N VAL C 175 -17.01 16.66 12.11
CA VAL C 175 -18.13 15.79 11.79
C VAL C 175 -18.89 15.55 13.08
N ASN C 176 -20.16 15.95 13.10
CA ASN C 176 -21.03 15.66 14.22
C ASN C 176 -21.43 14.18 14.18
N GLN C 177 -22.37 13.82 15.05
CA GLN C 177 -22.74 12.42 15.23
C GLN C 177 -22.91 11.73 13.88
N ASN C 178 -23.84 12.24 13.06
CA ASN C 178 -24.00 11.77 11.70
C ASN C 178 -24.64 12.84 10.81
N TRP C 179 -24.67 14.09 11.27
CA TRP C 179 -25.33 15.18 10.56
C TRP C 179 -24.42 15.82 9.53
N GLY C 180 -23.17 15.39 9.43
CA GLY C 180 -22.27 15.87 8.41
C GLY C 180 -21.26 16.87 8.93
N PRO C 181 -20.39 17.34 8.03
CA PRO C 181 -19.35 18.28 8.45
C PRO C 181 -19.93 19.64 8.83
N TYR C 182 -19.22 20.32 9.72
CA TYR C 182 -19.56 21.68 10.09
C TYR C 182 -18.28 22.45 10.37
N ASP C 183 -18.31 23.75 10.07
CA ASP C 183 -17.17 24.63 10.25
C ASP C 183 -17.61 25.85 11.05
N ARG C 184 -16.67 26.75 11.30
CA ARG C 184 -16.96 27.94 12.07
C ARG C 184 -17.94 28.86 11.35
N ASP C 185 -17.95 28.82 10.01
CA ASP C 185 -18.78 29.69 9.21
C ASP C 185 -20.11 29.06 8.83
N SER C 186 -20.33 27.80 9.18
CA SER C 186 -21.61 27.17 8.87
C SER C 186 -22.74 27.93 9.53
N TRP C 187 -23.84 28.08 8.81
CA TRP C 187 -24.99 28.82 9.31
C TRP C 187 -26.26 28.26 8.69
N ASN C 188 -27.11 27.67 9.51
CA ASN C 188 -28.43 27.25 9.10
C ASN C 188 -29.45 28.23 9.63
N PRO C 189 -30.33 28.79 8.79
CA PRO C 189 -31.31 29.76 9.31
C PRO C 189 -32.17 29.17 10.41
N VAL C 190 -32.40 27.85 10.38
CA VAL C 190 -33.22 27.21 11.39
C VAL C 190 -32.42 27.02 12.67
N TYR C 191 -31.31 26.29 12.60
CA TYR C 191 -30.54 25.90 13.77
C TYR C 191 -29.28 26.74 13.95
N GLY C 192 -29.01 27.69 13.07
CA GLY C 192 -27.78 28.45 13.19
C GLY C 192 -26.60 27.54 12.90
N ASN C 193 -25.66 27.48 13.86
CA ASN C 193 -24.47 26.68 13.71
C ASN C 193 -24.64 25.40 14.53
N GLN C 194 -24.69 24.26 13.83
CA GLN C 194 -24.92 22.97 14.46
C GLN C 194 -23.63 22.27 14.84
N LEU C 195 -22.56 23.02 15.08
CA LEU C 195 -21.24 22.41 15.24
C LEU C 195 -21.19 21.49 16.44
N PHE C 196 -21.67 21.96 17.59
CA PHE C 196 -21.55 21.22 18.85
C PHE C 196 -22.90 20.91 19.48
N MET C 197 -23.98 20.90 18.71
CA MET C 197 -25.29 20.61 19.25
C MET C 197 -25.49 19.11 19.30
N LYS C 198 -25.66 18.57 20.51
CA LYS C 198 -25.93 17.15 20.66
C LYS C 198 -27.26 16.78 20.02
N THR C 199 -28.28 17.62 20.22
CA THR C 199 -29.59 17.37 19.64
C THR C 199 -30.22 18.69 19.25
N ARG C 200 -31.15 18.62 18.30
CA ARG C 200 -31.82 19.80 17.78
C ARG C 200 -33.09 20.15 18.55
N ASN C 201 -33.77 19.15 19.11
CA ASN C 201 -35.02 19.33 19.83
C ASN C 201 -34.92 18.72 21.22
N GLY C 202 -33.81 18.97 21.89
CA GLY C 202 -33.57 18.37 23.19
C GLY C 202 -34.41 19.02 24.27
N SER C 203 -34.78 18.21 25.27
CA SER C 203 -35.52 18.68 26.42
C SER C 203 -34.63 19.03 27.60
N MET C 204 -33.33 18.78 27.48
CA MET C 204 -32.41 19.10 28.57
C MET C 204 -31.98 20.56 28.49
N LYS C 205 -31.44 21.06 29.59
CA LYS C 205 -30.96 22.42 29.61
C LYS C 205 -29.79 22.58 28.66
N ALA C 206 -29.59 23.81 28.19
CA ALA C 206 -28.61 24.07 27.14
C ALA C 206 -27.25 23.50 27.48
N ALA C 207 -26.84 23.63 28.73
CA ALA C 207 -25.49 23.18 29.11
C ALA C 207 -25.30 21.71 28.84
N ASP C 208 -26.38 20.94 28.78
CA ASP C 208 -26.31 19.50 28.58
C ASP C 208 -26.54 19.08 27.14
N ASN C 209 -26.75 20.04 26.23
CA ASN C 209 -27.00 19.74 24.82
C ASN C 209 -25.74 19.86 23.97
N PHE C 210 -24.58 20.03 24.60
CA PHE C 210 -23.32 20.12 23.90
C PHE C 210 -22.71 18.74 23.69
N LEU C 211 -21.98 18.59 22.59
CA LEU C 211 -21.34 17.33 22.29
C LEU C 211 -20.41 16.91 23.41
N ASP C 212 -20.43 15.62 23.72
CA ASP C 212 -19.48 15.08 24.67
C ASP C 212 -18.08 15.17 24.07
N PRO C 213 -17.09 15.69 24.79
CA PRO C 213 -15.77 15.84 24.20
C PRO C 213 -15.17 14.53 23.72
N ASN C 214 -15.53 13.41 24.34
CA ASN C 214 -15.00 12.13 23.90
C ASN C 214 -15.39 11.83 22.47
N LYS C 215 -16.63 12.13 22.09
CA LYS C 215 -17.05 11.94 20.71
C LYS C 215 -16.25 12.83 19.78
N ALA C 216 -16.01 14.07 20.19
CA ALA C 216 -15.31 15.04 19.36
C ALA C 216 -13.82 14.77 19.37
N SER C 217 -13.11 15.45 18.48
CA SER C 217 -11.67 15.30 18.38
C SER C 217 -11.01 15.63 19.71
N SER C 218 -10.02 14.82 20.08
CA SER C 218 -9.35 15.00 21.36
C SER C 218 -8.57 16.30 21.41
N LEU C 219 -8.35 16.94 20.26
CA LEU C 219 -7.66 18.23 20.26
C LEU C 219 -8.47 19.28 21.00
N LEU C 220 -9.79 19.15 21.00
CA LEU C 220 -10.64 20.13 21.64
C LEU C 220 -10.62 20.00 23.16
N SER C 221 -10.64 18.78 23.67
CA SER C 221 -10.77 18.56 25.10
C SER C 221 -9.40 18.38 25.76
N SER C 222 -8.67 17.35 25.35
CA SER C 222 -7.38 17.05 25.96
C SER C 222 -6.29 17.99 25.50
N GLY C 223 -6.27 18.32 24.22
CA GLY C 223 -5.37 19.33 23.69
C GLY C 223 -4.54 18.81 22.54
N PHE C 224 -3.58 19.63 22.13
CA PHE C 224 -2.73 19.37 20.98
C PHE C 224 -1.28 19.40 21.42
N SER C 225 -0.51 18.42 20.96
CA SER C 225 0.89 18.28 21.36
C SER C 225 1.78 18.56 20.17
N PRO C 226 2.33 19.76 20.04
CA PRO C 226 3.17 20.06 18.87
C PRO C 226 4.51 19.36 18.92
N ASP C 227 5.10 19.19 17.74
CA ASP C 227 6.50 18.82 17.57
C ASP C 227 7.00 19.64 16.40
N PHE C 228 7.56 20.81 16.69
CA PHE C 228 7.93 21.78 15.67
C PHE C 228 9.40 22.14 15.81
N ALA C 229 10.18 21.85 14.78
CA ALA C 229 11.62 22.09 14.80
C ALA C 229 11.95 23.39 14.08
N THR C 230 12.87 24.13 14.66
CA THR C 230 13.41 25.34 14.07
C THR C 230 14.93 25.26 14.16
N VAL C 231 15.60 25.85 13.19
CA VAL C 231 17.05 25.78 13.10
C VAL C 231 17.57 27.20 13.04
N ILE C 232 18.17 27.64 14.15
CA ILE C 232 18.86 28.90 14.28
C ILE C 232 20.30 28.70 13.83
N THR C 233 20.88 29.71 13.22
CA THR C 233 22.24 29.68 12.75
C THR C 233 22.95 30.96 13.17
N MET C 234 24.17 30.81 13.69
CA MET C 234 24.97 31.95 14.11
C MET C 234 26.37 31.84 13.53
N ASP C 235 26.95 33.00 13.24
CA ASP C 235 28.33 33.05 12.75
C ASP C 235 29.29 32.96 13.92
N ARG C 236 30.32 32.13 13.75
CA ARG C 236 31.27 31.93 14.84
C ARG C 236 32.01 33.20 15.20
N LYS C 237 32.22 34.08 14.22
CA LYS C 237 33.01 35.29 14.44
C LYS C 237 32.23 36.41 15.10
N ALA C 238 30.93 36.24 15.31
CA ALA C 238 30.14 37.29 15.95
C ALA C 238 30.64 37.53 17.37
N SER C 239 30.82 38.80 17.72
CA SER C 239 31.33 39.14 19.04
C SER C 239 30.36 38.73 20.14
N LYS C 240 29.06 38.91 19.90
CA LYS C 240 28.03 38.62 20.90
C LYS C 240 27.55 37.18 20.70
N GLN C 241 28.02 36.28 21.57
CA GLN C 241 27.68 34.88 21.50
C GLN C 241 26.53 34.51 22.44
N GLN C 242 25.73 35.48 22.84
CA GLN C 242 24.54 35.25 23.65
C GLN C 242 23.34 35.87 22.97
N THR C 243 22.22 35.15 22.97
CA THR C 243 21.00 35.63 22.35
C THR C 243 19.81 35.38 23.26
N ASN C 244 18.71 36.03 22.96
CA ASN C 244 17.46 35.87 23.68
C ASN C 244 16.37 35.56 22.67
N ILE C 245 15.69 34.43 22.85
CA ILE C 245 14.65 33.99 21.92
C ILE C 245 13.35 33.85 22.67
N ASP C 246 12.28 34.41 22.09
CA ASP C 246 10.96 34.37 22.69
C ASP C 246 10.16 33.24 22.08
N VAL C 247 9.81 32.26 22.90
CA VAL C 247 8.95 31.15 22.50
C VAL C 247 7.55 31.44 23.01
N ILE C 248 6.58 31.40 22.11
CA ILE C 248 5.21 31.80 22.40
C ILE C 248 4.27 30.67 22.02
N TYR C 249 3.39 30.31 22.95
CA TYR C 249 2.29 29.40 22.69
C TYR C 249 0.99 30.17 22.81
N GLU C 250 0.04 29.86 21.94
CA GLU C 250 -1.24 30.54 21.96
C GLU C 250 -2.37 29.55 21.78
N ARG C 251 -3.46 29.80 22.48
CA ARG C 251 -4.71 29.07 22.30
C ARG C 251 -5.80 30.10 22.03
N VAL C 252 -6.40 30.01 20.85
CA VAL C 252 -7.50 30.88 20.47
C VAL C 252 -8.80 30.14 20.78
N ARG C 253 -9.62 30.73 21.64
CA ARG C 253 -10.85 30.11 22.10
C ARG C 253 -12.03 30.89 21.56
N ASP C 254 -12.91 30.19 20.86
CA ASP C 254 -14.14 30.75 20.33
C ASP C 254 -15.30 30.39 21.25
N ASP C 255 -16.35 31.20 21.17
CA ASP C 255 -17.52 31.07 22.03
C ASP C 255 -18.68 30.51 21.21
N TYR C 256 -19.16 29.34 21.61
CA TYR C 256 -20.31 28.70 20.98
C TYR C 256 -21.49 28.91 21.93
N GLN C 257 -22.37 29.82 21.55
CA GLN C 257 -23.54 30.15 22.36
C GLN C 257 -24.73 29.36 21.84
N LEU C 258 -25.39 28.65 22.75
CA LEU C 258 -26.54 27.84 22.43
C LEU C 258 -27.78 28.46 23.07
N HIS C 259 -28.82 28.66 22.26
CA HIS C 259 -30.03 29.36 22.65
C HIS C 259 -31.24 28.49 22.33
N TRP C 260 -32.30 28.70 23.11
CA TRP C 260 -33.57 28.01 22.94
C TRP C 260 -34.56 28.96 22.28
N THR C 261 -35.12 28.53 21.16
CA THR C 261 -36.08 29.34 20.42
C THR C 261 -37.52 29.05 20.81
N SER C 262 -37.74 28.21 21.82
CA SER C 262 -39.08 27.78 22.22
C SER C 262 -39.64 26.76 21.24
N THR C 263 -38.95 26.57 20.12
CA THR C 263 -39.26 25.53 19.15
C THR C 263 -38.12 24.52 19.01
N ASN C 264 -36.90 25.00 18.76
CA ASN C 264 -35.73 24.15 18.62
C ASN C 264 -34.53 24.92 19.15
N TRP C 265 -33.35 24.33 19.02
CA TRP C 265 -32.12 24.94 19.49
C TRP C 265 -31.40 25.65 18.35
N LYS C 266 -30.72 26.74 18.68
CA LYS C 266 -29.93 27.49 17.72
C LYS C 266 -28.54 27.75 18.28
N GLY C 267 -27.54 27.69 17.42
CA GLY C 267 -26.16 27.86 17.83
C GLY C 267 -25.49 28.98 17.06
N THR C 268 -24.72 29.79 17.78
CA THR C 268 -23.95 30.87 17.20
C THR C 268 -22.49 30.73 17.63
N ASN C 269 -21.59 31.22 16.80
CA ASN C 269 -20.15 31.05 17.01
C ASN C 269 -19.47 32.40 16.88
N THR C 270 -18.95 32.89 17.99
CA THR C 270 -18.16 34.12 18.03
C THR C 270 -16.69 33.72 17.97
N LYS C 271 -16.01 34.19 16.93
CA LYS C 271 -14.63 33.79 16.68
C LYS C 271 -13.66 34.59 17.53
N ASP C 272 -12.55 33.94 17.86
CA ASP C 272 -11.41 34.59 18.52
C ASP C 272 -11.88 35.40 19.73
N LYS C 273 -12.86 34.88 20.45
CA LYS C 273 -13.38 35.57 21.63
C LYS C 273 -12.28 35.78 22.65
N TRP C 274 -11.50 34.73 22.92
CA TRP C 274 -10.41 34.80 23.88
C TRP C 274 -9.12 34.33 23.21
N THR C 275 -8.00 34.86 23.69
CA THR C 275 -6.68 34.46 23.22
C THR C 275 -5.77 34.31 24.42
N ASP C 276 -5.28 33.10 24.66
CA ASP C 276 -4.47 32.77 25.81
C ASP C 276 -3.04 32.58 25.33
N ARG C 277 -2.15 33.48 25.73
CA ARG C 277 -0.76 33.47 25.30
C ARG C 277 0.16 33.19 26.47
N SER C 278 1.13 32.32 26.24
CA SER C 278 2.18 32.01 27.20
C SER C 278 3.51 32.23 26.49
N SER C 279 4.23 33.26 26.89
CA SER C 279 5.50 33.62 26.28
C SER C 279 6.61 33.45 27.30
N GLU C 280 7.70 32.83 26.85
CA GLU C 280 8.89 32.67 27.66
C GLU C 280 10.08 33.18 26.87
N ARG C 281 11.06 33.70 27.58
CA ARG C 281 12.30 34.18 26.98
C ARG C 281 13.42 33.25 27.42
N TYR C 282 14.14 32.70 26.44
CA TYR C 282 15.21 31.75 26.69
C TYR C 282 16.53 32.41 26.31
N LYS C 283 17.48 32.36 27.24
CA LYS C 283 18.84 32.82 27.02
C LYS C 283 19.65 31.69 26.40
N ILE C 284 20.23 31.96 25.24
CA ILE C 284 21.03 31.01 24.49
C ILE C 284 22.48 31.42 24.62
N ASP C 285 23.31 30.53 25.16
CA ASP C 285 24.75 30.73 25.28
C ASP C 285 25.41 29.80 24.27
N TRP C 286 25.93 30.39 23.20
CA TRP C 286 26.53 29.63 22.11
C TRP C 286 27.93 29.14 22.43
N GLU C 287 28.59 29.74 23.42
CA GLU C 287 29.94 29.32 23.79
C GLU C 287 29.91 28.11 24.72
N LYS C 288 29.10 28.18 25.76
CA LYS C 288 28.88 27.03 26.62
C LYS C 288 27.86 26.05 26.04
N GLU C 289 27.24 26.41 24.92
CA GLU C 289 26.27 25.55 24.25
C GLU C 289 25.18 25.12 25.22
N GLU C 290 24.42 26.10 25.69
CA GLU C 290 23.33 25.81 26.61
C GLU C 290 22.20 26.80 26.38
N MET C 291 21.03 26.47 26.92
CA MET C 291 19.87 27.34 26.92
C MET C 291 19.27 27.32 28.32
N THR C 292 18.80 28.48 28.75
CA THR C 292 18.21 28.61 30.08
C THR C 292 17.02 29.54 30.01
N ASN C 293 16.23 29.55 31.08
CA ASN C 293 15.08 30.42 31.18
C ASN C 293 15.23 31.40 32.33
N ALA D 1 18.29 1.01 -11.06
CA ALA D 1 19.33 1.35 -10.09
C ALA D 1 20.62 0.62 -10.40
N ASP D 2 21.69 1.01 -9.71
CA ASP D 2 22.99 0.38 -9.92
C ASP D 2 23.01 -1.08 -9.54
N SER D 3 22.02 -1.56 -8.78
CA SER D 3 21.91 -2.98 -8.50
C SER D 3 21.38 -3.75 -9.69
N ASP D 4 20.55 -3.11 -10.51
CA ASP D 4 19.95 -3.77 -11.66
C ASP D 4 20.94 -4.05 -12.77
N ILE D 5 22.16 -3.50 -12.68
CA ILE D 5 23.22 -3.78 -13.63
C ILE D 5 24.33 -4.59 -12.95
N ASN D 6 24.01 -5.25 -11.84
CA ASN D 6 24.93 -6.15 -11.15
C ASN D 6 26.11 -5.41 -10.55
N ILE D 7 25.87 -4.19 -10.07
CA ILE D 7 26.89 -3.38 -9.42
C ILE D 7 26.42 -3.07 -8.00
N LYS D 8 27.31 -3.23 -7.03
CA LYS D 8 26.98 -3.00 -5.64
C LYS D 8 26.47 -1.57 -5.46
N THR D 9 25.38 -1.45 -4.70
CA THR D 9 24.72 -0.15 -4.56
C THR D 9 25.62 0.85 -3.87
N GLY D 10 25.59 2.09 -4.35
CA GLY D 10 26.39 3.15 -3.79
C GLY D 10 27.83 3.16 -4.25
N THR D 11 28.21 2.24 -5.14
CA THR D 11 29.61 2.16 -5.56
C THR D 11 29.95 3.31 -6.52
N THR D 12 29.05 3.63 -7.43
CA THR D 12 29.27 4.67 -8.41
C THR D 12 28.94 6.06 -7.90
N ASP D 13 28.44 6.16 -6.67
CA ASP D 13 28.07 7.45 -6.12
C ASP D 13 29.30 8.21 -5.65
N ILE D 14 29.10 9.49 -5.38
CA ILE D 14 30.16 10.39 -4.98
C ILE D 14 30.05 10.66 -3.48
N GLY D 15 31.16 11.11 -2.90
CA GLY D 15 31.19 11.51 -1.52
C GLY D 15 31.68 10.46 -0.55
N SER D 16 32.27 9.37 -1.04
CA SER D 16 32.73 8.31 -0.18
C SER D 16 34.14 8.61 0.32
N ASN D 17 34.29 8.70 1.63
CA ASN D 17 35.60 8.90 2.26
C ASN D 17 36.21 10.24 1.85
N THR D 18 35.41 11.30 1.96
CA THR D 18 35.86 12.64 1.67
C THR D 18 35.24 13.61 2.66
N THR D 19 35.89 14.75 2.84
CA THR D 19 35.41 15.80 3.73
C THR D 19 34.60 16.81 2.95
N VAL D 20 33.40 17.10 3.43
CA VAL D 20 32.44 17.97 2.75
C VAL D 20 32.32 19.26 3.54
N LYS D 21 32.37 20.39 2.84
CA LYS D 21 32.30 21.69 3.49
C LYS D 21 30.92 22.29 3.25
N THR D 22 30.11 22.32 4.30
CA THR D 22 28.74 22.80 4.20
C THR D 22 28.64 24.25 4.68
N GLY D 23 27.48 24.83 4.44
CA GLY D 23 27.22 26.18 4.91
C GLY D 23 25.82 26.61 4.61
N ASP D 24 25.37 27.60 5.39
CA ASP D 24 24.06 28.21 5.23
C ASP D 24 24.24 29.70 4.96
N LEU D 25 23.41 30.23 4.07
CA LEU D 25 23.38 31.66 3.79
C LEU D 25 21.93 32.10 3.77
N VAL D 26 21.56 32.99 4.71
CA VAL D 26 20.18 33.37 4.92
C VAL D 26 20.03 34.87 4.73
N THR D 27 18.85 35.30 4.27
CA THR D 27 18.57 36.71 4.16
C THR D 27 17.09 36.89 3.87
N TYR D 28 16.51 37.96 4.41
CA TYR D 28 15.08 38.22 4.32
C TYR D 28 14.87 39.52 3.56
N ASP D 29 14.18 39.43 2.43
CA ASP D 29 13.74 40.59 1.66
C ASP D 29 12.36 40.97 2.16
N LYS D 30 12.29 42.01 2.99
CA LYS D 30 11.03 42.45 3.55
C LYS D 30 10.10 42.97 2.47
N GLU D 31 10.64 43.75 1.53
CA GLU D 31 9.79 44.38 0.53
C GLU D 31 9.05 43.33 -0.29
N ASN D 32 9.77 42.30 -0.73
CA ASN D 32 9.18 41.22 -1.51
C ASN D 32 8.70 40.07 -0.65
N GLY D 33 8.94 40.13 0.66
CA GLY D 33 8.41 39.11 1.55
C GLY D 33 8.98 37.74 1.31
N MET D 34 10.29 37.64 1.15
CA MET D 34 10.95 36.38 0.83
C MET D 34 11.99 36.06 1.89
N HIS D 35 11.91 34.86 2.46
CA HIS D 35 12.97 34.32 3.29
C HIS D 35 13.80 33.41 2.42
N LYS D 36 15.00 33.85 2.07
CA LYS D 36 15.87 33.12 1.17
C LYS D 36 16.96 32.43 1.97
N LYS D 37 17.15 31.15 1.72
CA LYS D 37 18.25 30.39 2.29
C LYS D 37 18.92 29.59 1.20
N VAL D 38 20.23 29.47 1.32
CA VAL D 38 21.04 28.65 0.42
C VAL D 38 21.87 27.72 1.28
N PHE D 39 21.68 26.42 1.10
CA PHE D 39 22.49 25.42 1.76
C PHE D 39 23.50 24.90 0.75
N TYR D 40 24.77 25.22 0.96
CA TYR D 40 25.80 24.86 0.00
C TYR D 40 26.70 23.80 0.59
N SER D 41 27.11 22.87 -0.27
CA SER D 41 28.01 21.79 0.11
C SER D 41 29.09 21.65 -0.95
N PHE D 42 30.34 21.83 -0.53
CA PHE D 42 31.49 21.64 -1.40
C PHE D 42 32.01 20.23 -1.25
N ILE D 43 32.21 19.56 -2.38
CA ILE D 43 32.65 18.18 -2.44
C ILE D 43 33.85 18.15 -3.38
N ASP D 44 35.00 17.75 -2.84
CA ASP D 44 36.22 17.56 -3.62
C ASP D 44 36.59 16.08 -3.50
N ASP D 45 35.98 15.25 -4.34
CA ASP D 45 36.27 13.83 -4.38
C ASP D 45 37.48 13.62 -5.26
N LYS D 46 38.59 13.20 -4.65
CA LYS D 46 39.83 13.03 -5.39
C LYS D 46 39.69 12.06 -6.55
N ASN D 47 38.74 11.12 -6.46
CA ASN D 47 38.47 10.19 -7.53
C ASN D 47 37.54 10.75 -8.59
N HIS D 48 36.91 11.88 -8.32
CA HIS D 48 36.04 12.55 -9.29
C HIS D 48 36.86 13.56 -10.08
N ASN D 49 36.45 13.77 -11.34
CA ASN D 49 37.22 14.61 -12.25
C ASN D 49 36.94 16.09 -12.08
N LYS D 50 36.01 16.47 -11.20
CA LYS D 50 35.66 17.86 -11.02
C LYS D 50 35.27 18.12 -9.58
N LYS D 51 35.34 19.38 -9.20
CA LYS D 51 34.82 19.82 -7.92
C LYS D 51 33.33 20.05 -8.03
N LEU D 52 32.58 19.60 -7.03
CA LEU D 52 31.14 19.70 -7.02
C LEU D 52 30.69 20.69 -5.96
N LEU D 53 29.67 21.46 -6.30
CA LEU D 53 28.99 22.34 -5.36
C LEU D 53 27.50 22.03 -5.44
N VAL D 54 26.93 21.59 -4.33
CA VAL D 54 25.51 21.31 -4.24
C VAL D 54 24.85 22.50 -3.55
N ILE D 55 24.00 23.19 -4.30
CA ILE D 55 23.33 24.40 -3.85
C ILE D 55 21.85 24.06 -3.72
N ARG D 56 21.37 24.02 -2.48
CA ARG D 56 19.96 23.77 -2.20
C ARG D 56 19.32 25.10 -1.86
N THR D 57 18.54 25.63 -2.78
CA THR D 57 17.71 26.78 -2.51
C THR D 57 16.55 26.36 -1.63
N LYS D 58 16.33 27.10 -0.55
CA LYS D 58 15.28 26.84 0.41
C LYS D 58 14.75 28.16 0.94
N GLY D 59 13.78 28.06 1.82
CA GLY D 59 13.21 29.23 2.44
C GLY D 59 11.71 29.25 2.34
N THR D 60 11.15 30.43 2.15
CA THR D 60 9.71 30.57 2.05
C THR D 60 9.40 31.84 1.27
N ILE D 61 8.56 31.71 0.26
CA ILE D 61 8.12 32.83 -0.55
C ILE D 61 6.67 33.11 -0.17
N ALA D 62 6.48 34.10 0.68
CA ALA D 62 5.16 34.41 1.20
C ALA D 62 4.19 34.66 0.06
N GLY D 63 3.03 34.01 0.13
CA GLY D 63 2.06 34.15 -0.93
C GLY D 63 1.46 35.54 -0.99
N GLN D 64 1.24 36.16 0.16
CA GLN D 64 0.71 37.51 0.24
C GLN D 64 -0.67 37.61 -0.41
N TYR D 65 -1.44 36.53 -0.31
CA TYR D 65 -2.86 36.57 -0.67
C TYR D 65 -3.55 37.64 0.15
N ARG D 66 -3.93 38.75 -0.47
CA ARG D 66 -4.42 39.87 0.32
C ARG D 66 -5.25 40.80 -0.54
N VAL D 67 -6.26 41.39 0.06
CA VAL D 67 -7.05 42.44 -0.57
C VAL D 67 -6.18 43.70 -0.59
N TYR D 68 -6.00 44.27 -1.78
CA TYR D 68 -5.11 45.39 -1.95
C TYR D 68 -5.81 46.72 -2.19
N SER D 69 -7.02 46.72 -2.72
CA SER D 69 -7.70 47.96 -3.06
C SER D 69 -9.20 47.76 -2.94
N GLU D 70 -9.88 48.78 -2.40
CA GLU D 70 -11.32 48.81 -2.30
C GLU D 70 -11.83 50.14 -2.84
N GLU D 71 -12.76 50.09 -3.78
CA GLU D 71 -13.38 51.27 -4.35
C GLU D 71 -14.79 51.47 -3.84
N GLY D 72 -15.14 50.83 -2.73
CA GLY D 72 -16.49 50.89 -2.21
C GLY D 72 -17.03 49.53 -1.85
N ALA D 73 -18.35 49.41 -1.75
CA ALA D 73 -18.95 48.13 -1.37
C ALA D 73 -19.24 47.25 -2.57
N ASN D 74 -19.03 47.75 -3.79
CA ASN D 74 -19.37 47.01 -5.00
C ASN D 74 -18.16 46.44 -5.71
N LYS D 75 -16.97 46.97 -5.46
CA LYS D 75 -15.76 46.53 -6.15
C LYS D 75 -14.67 46.26 -5.14
N SER D 76 -13.83 45.27 -5.44
CA SER D 76 -12.65 45.01 -4.63
C SER D 76 -11.62 44.27 -5.46
N GLY D 77 -10.39 44.26 -4.96
CA GLY D 77 -9.29 43.63 -5.67
C GLY D 77 -8.38 42.81 -4.77
N LEU D 78 -8.05 41.60 -5.22
CA LEU D 78 -7.22 40.68 -4.47
C LEU D 78 -5.94 40.38 -5.23
N ALA D 79 -4.82 40.52 -4.55
CA ALA D 79 -3.54 40.07 -5.07
C ALA D 79 -3.32 38.65 -4.58
N TRP D 80 -3.22 37.72 -5.52
CA TRP D 80 -3.03 36.32 -5.18
C TRP D 80 -1.89 35.74 -6.02
N PRO D 81 -1.01 34.93 -5.44
CA PRO D 81 0.13 34.40 -6.19
C PRO D 81 -0.31 33.26 -7.10
N SER D 82 0.03 33.38 -8.37
CA SER D 82 -0.23 32.34 -9.35
C SER D 82 0.99 31.48 -9.62
N ALA D 83 2.17 31.95 -9.24
CA ALA D 83 3.38 31.21 -9.56
C ALA D 83 4.53 31.71 -8.70
N PHE D 84 5.37 30.77 -8.30
CA PHE D 84 6.66 31.03 -7.69
C PHE D 84 7.75 30.56 -8.64
N LYS D 85 8.95 31.11 -8.48
CA LYS D 85 10.04 30.71 -9.35
C LYS D 85 11.36 30.85 -8.60
N VAL D 86 12.28 29.96 -8.94
CA VAL D 86 13.64 29.97 -8.41
C VAL D 86 14.57 29.75 -9.58
N GLN D 87 15.56 30.61 -9.74
CA GLN D 87 16.48 30.54 -10.86
C GLN D 87 17.91 30.73 -10.35
N LEU D 88 18.80 29.86 -10.80
CA LEU D 88 20.23 30.02 -10.59
C LEU D 88 20.90 30.21 -11.94
N GLN D 89 21.59 31.33 -12.11
CA GLN D 89 22.17 31.70 -13.38
C GLN D 89 23.63 32.05 -13.21
N LEU D 90 24.47 31.42 -14.00
CA LEU D 90 25.88 31.76 -14.04
C LEU D 90 26.16 32.71 -15.20
N PRO D 91 27.02 33.71 -15.03
CA PRO D 91 27.37 34.58 -16.16
C PRO D 91 28.02 33.78 -17.28
N ASP D 92 27.76 34.20 -18.51
CA ASP D 92 28.19 33.44 -19.68
C ASP D 92 29.69 33.29 -19.76
N ASN D 93 30.45 34.15 -19.10
CA ASN D 93 31.90 34.13 -19.17
C ASN D 93 32.54 33.18 -18.17
N GLU D 94 31.74 32.49 -17.35
CA GLU D 94 32.29 31.63 -16.33
C GLU D 94 32.69 30.27 -16.91
N VAL D 95 33.64 29.63 -16.22
CA VAL D 95 34.09 28.31 -16.62
C VAL D 95 33.25 27.21 -16.01
N ALA D 96 32.50 27.52 -14.95
CA ALA D 96 31.71 26.52 -14.27
C ALA D 96 30.48 26.16 -15.09
N GLN D 97 29.85 25.06 -14.71
CA GLN D 97 28.70 24.53 -15.43
C GLN D 97 27.68 23.99 -14.44
N ILE D 98 26.43 23.99 -14.87
CA ILE D 98 25.33 23.44 -14.08
C ILE D 98 25.20 21.98 -14.48
N SER D 99 25.90 21.11 -13.75
CA SER D 99 25.96 19.72 -14.12
C SER D 99 24.63 19.01 -13.88
N ASP D 100 24.01 19.23 -12.72
CA ASP D 100 22.84 18.44 -12.37
C ASP D 100 21.83 19.29 -11.61
N TYR D 101 20.67 18.70 -11.36
CA TYR D 101 19.59 19.40 -10.68
C TYR D 101 18.56 18.38 -10.19
N TYR D 102 17.72 18.85 -9.29
CA TYR D 102 16.63 18.07 -8.74
C TYR D 102 15.71 19.00 -7.97
N PRO D 103 14.38 18.81 -8.02
CA PRO D 103 13.63 17.80 -8.75
C PRO D 103 13.58 18.07 -10.24
N ARG D 104 13.10 17.08 -10.98
CA ARG D 104 12.97 17.16 -12.42
C ARG D 104 11.51 16.95 -12.80
N ASN D 105 11.26 16.84 -14.11
CA ASN D 105 9.91 16.67 -14.63
C ASN D 105 9.61 15.18 -14.75
N ASP D 106 9.15 14.60 -13.65
CA ASP D 106 8.77 13.19 -13.64
C ASP D 106 7.61 12.96 -14.59
N ALA D 107 7.66 11.85 -15.31
CA ALA D 107 6.56 11.49 -16.20
C ALA D 107 5.36 11.04 -15.38
N GLU D 108 4.26 11.77 -15.51
CA GLU D 108 3.03 11.48 -14.78
C GLU D 108 2.18 10.49 -15.57
N PHE D 109 1.00 10.20 -15.05
CA PHE D 109 0.12 9.21 -15.66
C PHE D 109 -1.31 9.48 -15.22
N ARG D 110 -2.25 8.86 -15.95
CA ARG D 110 -3.66 8.86 -15.60
C ARG D 110 -4.17 7.44 -15.65
N HIS D 111 -4.65 6.95 -14.50
CA HIS D 111 -5.23 5.60 -14.45
C HIS D 111 -6.42 5.53 -15.38
N ASP D 112 -6.31 4.73 -16.44
CA ASP D 112 -7.33 4.59 -17.47
C ASP D 112 -7.98 3.22 -17.30
N SER D 113 -9.26 3.22 -16.89
CA SER D 113 -10.01 1.99 -16.70
C SER D 113 -11.09 1.92 -17.76
N GLY D 114 -10.92 1.01 -18.71
CA GLY D 114 -11.88 0.81 -19.78
C GLY D 114 -12.90 -0.25 -19.42
N TYR D 115 -14.02 -0.23 -20.13
CA TYR D 115 -15.14 -1.12 -19.84
C TYR D 115 -15.56 -1.87 -21.09
N GLU D 116 -15.71 -3.19 -20.96
CA GLU D 116 -16.37 -4.03 -21.95
C GLU D 116 -17.19 -5.04 -21.15
N VAL D 117 -18.44 -4.68 -20.84
CA VAL D 117 -19.26 -5.46 -19.91
C VAL D 117 -20.65 -5.66 -20.52
N HIS D 118 -21.22 -6.84 -20.29
CA HIS D 118 -22.51 -7.23 -20.84
C HIS D 118 -23.46 -7.56 -19.70
N HIS D 119 -24.70 -7.06 -19.79
CA HIS D 119 -25.76 -7.41 -18.87
C HIS D 119 -26.94 -7.94 -19.66
N GLN D 120 -27.66 -8.91 -19.08
CA GLN D 120 -28.90 -9.41 -19.67
C GLN D 120 -29.96 -9.52 -18.59
N LYS D 121 -31.19 -9.15 -18.93
CA LYS D 121 -32.31 -9.20 -18.02
C LYS D 121 -33.52 -9.80 -18.73
N LEU D 122 -34.34 -10.53 -17.97
CA LEU D 122 -35.53 -11.18 -18.51
C LEU D 122 -36.68 -10.89 -17.57
N VAL D 123 -37.61 -10.05 -18.01
CA VAL D 123 -38.76 -9.65 -17.21
C VAL D 123 -40.00 -10.31 -17.81
N PHE D 124 -40.88 -10.84 -16.96
CA PHE D 124 -42.14 -11.42 -17.41
C PHE D 124 -43.22 -11.06 -16.40
N PHE D 125 -43.88 -9.94 -16.66
CA PHE D 125 -44.93 -9.40 -15.80
C PHE D 125 -46.25 -10.12 -16.06
N ALA D 126 -47.08 -10.19 -15.01
CA ALA D 126 -48.36 -10.86 -15.12
C ALA D 126 -49.38 -10.18 -14.20
N GLU D 127 -50.64 -10.35 -14.52
CA GLU D 127 -51.76 -9.81 -13.75
C GLU D 127 -52.62 -10.96 -13.22
N ASP D 128 -53.37 -10.66 -12.16
CA ASP D 128 -54.27 -11.65 -11.57
C ASP D 128 -55.45 -11.99 -12.47
N VAL D 129 -55.70 -11.19 -13.52
CA VAL D 129 -56.81 -11.48 -14.42
C VAL D 129 -56.42 -12.43 -15.55
N GLY D 130 -55.16 -12.86 -15.59
CA GLY D 130 -54.72 -13.77 -16.63
C GLY D 130 -54.15 -13.08 -17.84
N SER D 131 -53.18 -12.19 -17.62
CA SER D 131 -52.54 -11.47 -18.73
C SER D 131 -51.05 -11.43 -18.47
N ASN D 132 -50.27 -12.07 -19.33
CA ASN D 132 -48.82 -12.11 -19.21
C ASN D 132 -48.18 -11.31 -20.33
N LYS D 133 -47.08 -10.65 -20.02
CA LYS D 133 -46.41 -9.76 -20.97
C LYS D 133 -44.97 -9.56 -20.49
N GLY D 134 -44.02 -9.67 -21.41
CA GLY D 134 -42.64 -9.69 -20.96
C GLY D 134 -41.67 -9.12 -21.98
N ALA D 135 -40.41 -9.04 -21.57
CA ALA D 135 -39.34 -8.48 -22.38
C ALA D 135 -38.02 -9.16 -22.02
N ILE D 136 -37.09 -9.10 -22.97
CA ILE D 136 -35.72 -9.55 -22.77
C ILE D 136 -34.81 -8.41 -23.20
N ILE D 137 -33.92 -8.00 -22.30
CA ILE D 137 -33.13 -6.78 -22.45
C ILE D 137 -31.66 -7.16 -22.45
N GLY D 138 -30.93 -6.68 -23.45
CA GLY D 138 -29.48 -6.80 -23.51
C GLY D 138 -28.84 -5.43 -23.41
N LEU D 139 -27.96 -5.26 -22.43
CA LEU D 139 -27.38 -3.97 -22.09
C LEU D 139 -25.88 -4.04 -22.24
N MET D 140 -25.31 -3.02 -22.88
CA MET D 140 -23.87 -2.94 -23.11
C MET D 140 -23.30 -1.80 -22.28
N VAL D 141 -22.19 -2.08 -21.58
CA VAL D 141 -21.47 -1.08 -20.81
C VAL D 141 -20.08 -0.97 -21.43
N GLY D 142 -19.74 0.23 -21.87
CA GLY D 142 -18.46 0.49 -22.51
C GLY D 142 -18.03 1.92 -22.22
N GLY D 143 -16.82 2.24 -22.65
CA GLY D 143 -16.22 3.53 -22.39
C GLY D 143 -15.00 3.42 -21.51
N VAL D 144 -14.64 4.55 -20.90
CA VAL D 144 -13.44 4.65 -20.09
C VAL D 144 -13.67 5.65 -18.97
N VAL D 145 -13.01 5.40 -17.84
CA VAL D 145 -12.95 6.35 -16.74
C VAL D 145 -11.48 6.67 -16.48
N ILE D 146 -11.17 7.95 -16.40
CA ILE D 146 -9.80 8.43 -16.20
C ILE D 146 -9.72 9.02 -14.80
N ALA D 147 -8.82 8.49 -13.98
CA ALA D 147 -8.64 8.95 -12.61
C ALA D 147 -7.17 9.21 -12.33
N TYR D 148 -6.88 10.39 -11.77
CA TYR D 148 -5.53 10.78 -11.46
C TYR D 148 -5.55 11.82 -10.36
N VAL D 149 -4.38 12.09 -9.80
CA VAL D 149 -4.24 13.11 -8.76
C VAL D 149 -4.13 14.47 -9.42
N GLN D 150 -4.93 15.43 -8.95
CA GLN D 150 -4.95 16.78 -9.48
C GLN D 150 -4.51 17.75 -8.38
N PRO D 151 -3.22 18.02 -8.25
CA PRO D 151 -2.76 18.92 -7.18
C PRO D 151 -3.07 20.37 -7.49
N ASP D 152 -3.13 21.16 -6.42
CA ASP D 152 -3.40 22.59 -6.57
C ASP D 152 -2.27 23.28 -7.32
N PHE D 153 -1.03 22.94 -7.00
CA PHE D 153 0.14 23.56 -7.61
C PHE D 153 1.06 22.50 -8.19
N LYS D 154 1.52 22.74 -9.41
CA LYS D 154 2.53 21.91 -10.05
C LYS D 154 3.91 22.47 -9.78
N THR D 155 4.90 21.58 -9.80
CA THR D 155 6.30 21.95 -9.78
C THR D 155 6.93 21.53 -11.09
N ILE D 156 7.68 22.44 -11.70
CA ILE D 156 8.19 22.26 -13.05
C ILE D 156 9.64 22.70 -13.11
N LEU D 157 10.42 21.98 -13.91
CA LEU D 157 11.81 22.33 -14.17
C LEU D 157 11.89 23.04 -15.52
N GLU D 158 12.10 24.35 -15.49
CA GLU D 158 12.22 25.09 -16.73
C GLU D 158 13.44 24.61 -17.52
N SER D 159 13.35 24.72 -18.84
CA SER D 159 14.40 24.26 -19.72
C SER D 159 15.75 24.78 -19.25
N PRO D 160 16.63 23.92 -18.75
CA PRO D 160 17.91 24.38 -18.23
C PRO D 160 19.00 24.42 -19.30
N THR D 161 20.15 24.95 -18.88
CA THR D 161 21.33 25.05 -19.71
C THR D 161 22.55 24.70 -18.86
N ASP D 162 23.73 24.99 -19.41
CA ASP D 162 24.97 24.84 -18.65
C ASP D 162 25.28 26.08 -17.83
N LYS D 163 24.46 27.12 -17.93
CA LYS D 163 24.65 28.34 -17.16
C LYS D 163 23.42 28.77 -16.39
N LYS D 164 22.23 28.37 -16.84
CA LYS D 164 20.98 28.74 -16.19
C LYS D 164 20.17 27.50 -15.88
N VAL D 165 19.55 27.50 -14.70
CA VAL D 165 18.59 26.48 -14.33
C VAL D 165 17.48 27.16 -13.53
N GLY D 166 16.30 26.55 -13.57
CA GLY D 166 15.17 27.18 -12.93
C GLY D 166 13.96 26.29 -12.74
N TRP D 167 13.34 26.42 -11.57
CA TRP D 167 12.09 25.76 -11.25
C TRP D 167 10.99 26.80 -11.14
N LYS D 168 9.79 26.39 -11.52
CA LYS D 168 8.60 27.22 -11.38
C LYS D 168 7.48 26.39 -10.78
N VAL D 169 6.83 26.96 -9.78
CA VAL D 169 5.65 26.38 -9.17
C VAL D 169 4.45 27.14 -9.72
N ILE D 170 3.50 26.42 -10.28
CA ILE D 170 2.42 26.98 -11.08
C ILE D 170 1.09 26.62 -10.46
N PHE D 171 0.15 27.56 -10.49
CA PHE D 171 -1.21 27.27 -10.05
C PHE D 171 -1.94 26.50 -11.15
N ASN D 172 -2.41 25.29 -10.81
CA ASN D 172 -3.08 24.42 -11.75
C ASN D 172 -4.59 24.48 -11.61
N ASN D 173 -5.10 24.15 -10.43
CA ASN D 173 -6.53 24.17 -10.17
C ASN D 173 -6.75 24.38 -8.69
N MET D 174 -7.89 24.96 -8.35
CA MET D 174 -8.30 25.13 -6.96
C MET D 174 -9.75 24.71 -6.81
N VAL D 175 -10.04 24.10 -5.67
CA VAL D 175 -11.38 23.64 -5.33
C VAL D 175 -11.97 24.65 -4.36
N ASN D 176 -13.08 25.27 -4.76
CA ASN D 176 -13.80 26.16 -3.87
C ASN D 176 -14.56 25.33 -2.84
N GLN D 177 -15.42 25.99 -2.07
CA GLN D 177 -16.10 25.36 -0.95
C GLN D 177 -16.66 24.00 -1.36
N ASN D 178 -17.53 23.99 -2.36
CA ASN D 178 -18.03 22.75 -2.94
C ASN D 178 -18.50 22.97 -4.38
N TRP D 179 -18.14 24.09 -4.99
CA TRP D 179 -18.59 24.44 -6.32
C TRP D 179 -17.73 23.82 -7.42
N GLY D 180 -16.66 23.13 -7.06
CA GLY D 180 -15.85 22.42 -8.02
C GLY D 180 -14.55 23.14 -8.32
N PRO D 181 -13.75 22.53 -9.19
CA PRO D 181 -12.44 23.12 -9.51
C PRO D 181 -12.60 24.40 -10.31
N TYR D 182 -11.59 25.28 -10.17
CA TYR D 182 -11.52 26.49 -10.95
C TYR D 182 -10.06 26.82 -11.22
N ASP D 183 -9.80 27.41 -12.38
CA ASP D 183 -8.46 27.77 -12.81
C ASP D 183 -8.44 29.24 -13.21
N ARG D 184 -7.27 29.70 -13.64
CA ARG D 184 -7.12 31.10 -14.02
C ARG D 184 -7.94 31.42 -15.26
N ASP D 185 -8.17 30.43 -16.12
CA ASP D 185 -8.87 30.64 -17.37
C ASP D 185 -10.36 30.34 -17.28
N SER D 186 -10.84 29.88 -16.14
CA SER D 186 -12.26 29.63 -15.99
C SER D 186 -13.04 30.91 -16.21
N TRP D 187 -14.17 30.79 -16.90
CA TRP D 187 -14.99 31.95 -17.21
C TRP D 187 -16.45 31.52 -17.32
N ASN D 188 -17.27 31.99 -16.41
CA ASN D 188 -18.71 31.81 -16.48
C ASN D 188 -19.35 33.10 -16.95
N PRO D 189 -20.18 33.10 -17.99
CA PRO D 189 -20.78 34.35 -18.44
C PRO D 189 -21.58 35.04 -17.34
N VAL D 190 -22.14 34.26 -16.43
CA VAL D 190 -22.92 34.83 -15.33
C VAL D 190 -22.01 35.42 -14.26
N TYR D 191 -21.15 34.58 -13.69
CA TYR D 191 -20.32 34.97 -12.56
C TYR D 191 -18.88 35.25 -12.93
N GLY D 192 -18.52 35.14 -14.21
CA GLY D 192 -17.13 35.34 -14.58
C GLY D 192 -16.28 34.23 -14.00
N ASN D 193 -15.26 34.60 -13.24
CA ASN D 193 -14.34 33.65 -12.64
C ASN D 193 -14.70 33.50 -11.16
N GLN D 194 -15.16 32.30 -10.79
CA GLN D 194 -15.60 32.01 -9.43
C GLN D 194 -14.49 31.47 -8.55
N LEU D 195 -13.24 31.82 -8.86
CA LEU D 195 -12.11 31.18 -8.19
C LEU D 195 -12.11 31.46 -6.69
N PHE D 196 -12.26 32.72 -6.31
CA PHE D 196 -12.14 33.14 -4.91
C PHE D 196 -13.40 33.80 -4.38
N MET D 197 -14.56 33.54 -4.99
CA MET D 197 -15.80 34.13 -4.53
C MET D 197 -16.37 33.29 -3.39
N LYS D 198 -16.46 33.88 -2.20
CA LYS D 198 -17.06 33.18 -1.08
C LYS D 198 -18.54 32.87 -1.35
N THR D 199 -19.26 33.83 -1.93
CA THR D 199 -20.67 33.63 -2.24
C THR D 199 -20.99 34.35 -3.54
N ARG D 200 -22.04 33.88 -4.19
CA ARG D 200 -22.47 34.43 -5.47
C ARG D 200 -23.47 35.58 -5.31
N ASN D 201 -24.28 35.56 -4.27
CA ASN D 201 -25.32 36.55 -4.03
C ASN D 201 -25.15 37.15 -2.63
N GLY D 202 -23.92 37.48 -2.28
CA GLY D 202 -23.64 37.98 -0.95
C GLY D 202 -24.11 39.42 -0.78
N SER D 203 -24.50 39.73 0.45
CA SER D 203 -24.92 41.08 0.82
C SER D 203 -23.79 41.89 1.43
N MET D 204 -22.63 41.29 1.64
CA MET D 204 -21.50 42.01 2.22
C MET D 204 -20.73 42.73 1.12
N LYS D 205 -19.91 43.69 1.54
CA LYS D 205 -19.10 44.42 0.57
C LYS D 205 -18.08 43.48 -0.07
N ALA D 206 -17.67 43.85 -1.28
CA ALA D 206 -16.83 42.98 -2.09
C ALA D 206 -15.63 42.47 -1.32
N ALA D 207 -15.00 43.35 -0.55
CA ALA D 207 -13.77 42.95 0.16
C ALA D 207 -14.00 41.78 1.09
N ASP D 208 -15.24 41.57 1.51
CA ASP D 208 -15.58 40.50 2.45
C ASP D 208 -16.13 39.26 1.77
N ASN D 209 -16.23 39.26 0.43
CA ASN D 209 -16.77 38.13 -0.30
C ASN D 209 -15.67 37.23 -0.85
N PHE D 210 -14.43 37.44 -0.45
CA PHE D 210 -13.31 36.63 -0.88
C PHE D 210 -13.11 35.45 0.05
N LEU D 211 -12.63 34.34 -0.51
CA LEU D 211 -12.39 33.15 0.27
C LEU D 211 -11.43 33.43 1.42
N ASP D 212 -11.73 32.86 2.57
CA ASP D 212 -10.81 32.94 3.68
C ASP D 212 -9.55 32.15 3.34
N PRO D 213 -8.36 32.73 3.52
CA PRO D 213 -7.15 32.00 3.13
C PRO D 213 -6.99 30.67 3.83
N ASN D 214 -7.52 30.52 5.05
CA ASN D 214 -7.41 29.25 5.74
C ASN D 214 -8.09 28.13 4.97
N LYS D 215 -9.26 28.40 4.39
CA LYS D 215 -9.92 27.40 3.56
C LYS D 215 -9.08 27.05 2.35
N ALA D 216 -8.47 28.06 1.73
CA ALA D 216 -7.69 27.86 0.53
C ALA D 216 -6.33 27.27 0.86
N SER D 217 -5.62 26.84 -0.19
CA SER D 217 -4.30 26.25 -0.01
C SER D 217 -3.38 27.24 0.70
N SER D 218 -2.58 26.72 1.63
CA SER D 218 -1.70 27.58 2.40
C SER D 218 -0.61 28.19 1.55
N LEU D 219 -0.42 27.69 0.33
CA LEU D 219 0.56 28.29 -0.56
C LEU D 219 0.17 29.72 -0.92
N LEU D 220 -1.11 30.02 -0.94
CA LEU D 220 -1.57 31.35 -1.31
C LEU D 220 -1.34 32.36 -0.20
N SER D 221 -1.60 31.97 1.05
CA SER D 221 -1.54 32.91 2.17
C SER D 221 -0.18 32.89 2.85
N SER D 222 0.19 31.74 3.40
CA SER D 222 1.44 31.63 4.14
C SER D 222 2.65 31.56 3.23
N GLY D 223 2.56 30.83 2.14
CA GLY D 223 3.58 30.82 1.11
C GLY D 223 4.05 29.42 0.80
N PHE D 224 5.11 29.36 0.01
CA PHE D 224 5.67 28.12 -0.49
C PHE D 224 7.14 28.03 -0.10
N SER D 225 7.54 26.87 0.38
CA SER D 225 8.91 26.67 0.87
C SER D 225 9.64 25.71 -0.05
N PRO D 226 10.45 26.21 -0.98
CA PRO D 226 11.14 25.32 -1.91
C PRO D 226 12.24 24.53 -1.24
N ASP D 227 12.58 23.40 -1.87
CA ASP D 227 13.79 22.64 -1.58
C ASP D 227 14.30 22.15 -2.92
N PHE D 228 15.18 22.94 -3.54
CA PHE D 228 15.61 22.69 -4.92
C PHE D 228 17.13 22.59 -4.96
N ALA D 229 17.64 21.44 -5.36
CA ALA D 229 19.07 21.19 -5.40
C ALA D 229 19.60 21.39 -6.81
N THR D 230 20.77 22.01 -6.90
CA THR D 230 21.50 22.16 -8.13
C THR D 230 22.93 21.75 -7.89
N VAL D 231 23.58 21.22 -8.91
CA VAL D 231 24.93 20.70 -8.79
C VAL D 231 25.78 21.39 -9.84
N ILE D 232 26.63 22.29 -9.37
CA ILE D 232 27.64 22.98 -10.15
C ILE D 232 28.88 22.11 -10.17
N THR D 233 29.60 22.13 -11.29
CA THR D 233 30.82 21.37 -11.46
C THR D 233 31.89 22.28 -12.06
N MET D 234 33.10 22.21 -11.50
CA MET D 234 34.21 23.00 -11.99
C MET D 234 35.43 22.12 -12.18
N ASP D 235 36.24 22.45 -13.18
CA ASP D 235 37.47 21.73 -13.43
C ASP D 235 38.56 22.24 -12.49
N ARG D 236 39.31 21.31 -11.89
CA ARG D 236 40.34 21.70 -10.93
C ARG D 236 41.42 22.54 -11.58
N LYS D 237 41.69 22.32 -12.86
CA LYS D 237 42.79 23.00 -13.54
C LYS D 237 42.44 24.41 -13.99
N ALA D 238 41.18 24.84 -13.84
CA ALA D 238 40.80 26.17 -14.25
C ALA D 238 41.57 27.21 -13.43
N SER D 239 42.12 28.21 -14.12
CA SER D 239 42.90 29.24 -13.44
C SER D 239 42.05 30.06 -12.50
N LYS D 240 40.81 30.36 -12.89
CA LYS D 240 39.92 31.21 -12.11
C LYS D 240 39.06 30.32 -11.22
N GLN D 241 39.41 30.24 -9.93
CA GLN D 241 38.72 29.41 -8.97
C GLN D 241 37.68 30.19 -8.17
N GLN D 242 37.23 31.33 -8.70
CA GLN D 242 36.16 32.11 -8.08
C GLN D 242 35.07 32.35 -9.10
N THR D 243 33.82 32.22 -8.66
CA THR D 243 32.68 32.43 -9.54
C THR D 243 31.62 33.26 -8.84
N ASN D 244 30.69 33.78 -9.63
CA ASN D 244 29.57 34.56 -9.13
C ASN D 244 28.29 33.95 -9.67
N ILE D 245 27.38 33.57 -8.78
CA ILE D 245 26.14 32.91 -9.16
C ILE D 245 24.97 33.75 -8.67
N ASP D 246 24.01 33.98 -9.56
CA ASP D 246 22.83 34.78 -9.25
C ASP D 246 21.68 33.86 -8.89
N VAL D 247 21.23 33.94 -7.65
CA VAL D 247 20.07 33.21 -7.18
C VAL D 247 18.88 34.16 -7.16
N ILE D 248 17.80 33.76 -7.81
CA ILE D 248 16.64 34.62 -8.04
C ILE D 248 15.40 33.91 -7.54
N TYR D 249 14.62 34.62 -6.73
CA TYR D 249 13.29 34.17 -6.32
C TYR D 249 12.27 35.11 -6.93
N GLU D 250 11.15 34.56 -7.37
CA GLU D 250 10.11 35.37 -7.96
C GLU D 250 8.74 34.95 -7.45
N ARG D 251 7.87 35.93 -7.26
CA ARG D 251 6.47 35.70 -6.96
C ARG D 251 5.65 36.46 -7.99
N VAL D 252 4.87 35.72 -8.76
CA VAL D 252 3.98 36.30 -9.75
C VAL D 252 2.61 36.44 -9.12
N ARG D 253 2.11 37.67 -9.04
CA ARG D 253 0.85 37.97 -8.38
C ARG D 253 -0.16 38.40 -9.43
N ASP D 254 -1.29 37.72 -9.45
CA ASP D 254 -2.41 38.03 -10.32
C ASP D 254 -3.46 38.81 -9.55
N ASP D 255 -4.27 39.57 -10.29
CA ASP D 255 -5.28 40.44 -9.71
C ASP D 255 -6.65 39.83 -9.95
N TYR D 256 -7.35 39.52 -8.86
CA TYR D 256 -8.71 39.00 -8.91
C TYR D 256 -9.63 40.16 -8.54
N GLN D 257 -10.30 40.71 -9.53
CA GLN D 257 -11.20 41.84 -9.34
C GLN D 257 -12.62 41.32 -9.20
N LEU D 258 -13.29 41.73 -8.13
CA LEU D 258 -14.64 41.31 -7.84
C LEU D 258 -15.56 42.52 -7.98
N HIS D 259 -16.63 42.36 -8.77
CA HIS D 259 -17.54 43.42 -9.12
C HIS D 259 -18.97 43.01 -8.79
N TRP D 260 -19.80 44.00 -8.52
CA TRP D 260 -21.21 43.82 -8.23
C TRP D 260 -22.03 44.22 -9.46
N THR D 261 -22.85 43.29 -9.94
CA THR D 261 -23.67 43.53 -11.12
C THR D 261 -25.06 44.05 -10.77
N SER D 262 -25.33 44.32 -9.49
CA SER D 262 -26.64 44.74 -9.03
C SER D 262 -27.59 43.54 -8.98
N THR D 263 -27.15 42.41 -9.52
CA THR D 263 -27.88 41.15 -9.42
C THR D 263 -27.08 40.09 -8.68
N ASN D 264 -25.84 39.86 -9.10
CA ASN D 264 -24.96 38.89 -8.46
C ASN D 264 -23.53 39.41 -8.57
N TRP D 265 -22.57 38.61 -8.12
CA TRP D 265 -21.17 38.97 -8.15
C TRP D 265 -20.49 38.38 -9.38
N LYS D 266 -19.50 39.11 -9.90
CA LYS D 266 -18.71 38.65 -11.03
C LYS D 266 -17.23 38.81 -10.71
N GLY D 267 -16.43 37.88 -11.17
CA GLY D 267 -15.00 37.87 -10.90
C GLY D 267 -14.20 37.83 -12.18
N THR D 268 -13.15 38.63 -12.23
CA THR D 268 -12.23 38.66 -13.36
C THR D 268 -10.80 38.47 -12.84
N ASN D 269 -9.95 37.90 -13.68
CA ASN D 269 -8.59 37.55 -13.29
C ASN D 269 -7.61 38.10 -14.30
N THR D 270 -6.81 39.06 -13.88
CA THR D 270 -5.74 39.62 -14.70
C THR D 270 -4.45 38.91 -14.32
N LYS D 271 -3.85 38.25 -15.30
CA LYS D 271 -2.67 37.42 -15.06
C LYS D 271 -1.41 38.25 -14.99
N ASP D 272 -0.46 37.76 -14.19
CA ASP D 272 0.89 38.33 -14.13
C ASP D 272 0.84 39.85 -13.97
N LYS D 273 -0.11 40.32 -13.18
CA LYS D 273 -0.24 41.76 -12.95
C LYS D 273 1.03 42.32 -12.32
N TRP D 274 1.54 41.64 -11.30
CA TRP D 274 2.76 42.06 -10.61
C TRP D 274 3.75 40.91 -10.59
N THR D 275 5.03 41.27 -10.57
CA THR D 275 6.12 40.29 -10.48
C THR D 275 7.14 40.82 -9.49
N ASP D 276 7.33 40.08 -8.40
CA ASP D 276 8.21 40.49 -7.32
C ASP D 276 9.44 39.61 -7.36
N ARG D 277 10.59 40.20 -7.70
CA ARG D 277 11.84 39.48 -7.85
C ARG D 277 12.83 39.89 -6.78
N SER D 278 13.50 38.90 -6.21
CA SER D 278 14.57 39.10 -5.26
C SER D 278 15.78 38.34 -5.77
N SER D 279 16.80 39.07 -6.20
CA SER D 279 18.01 38.49 -6.76
C SER D 279 19.19 38.79 -5.86
N GLU D 280 19.99 37.77 -5.61
CA GLU D 280 21.22 37.92 -4.85
C GLU D 280 22.36 37.32 -5.65
N ARG D 281 23.54 37.88 -5.48
CA ARG D 281 24.75 37.39 -6.11
C ARG D 281 25.65 36.80 -5.05
N TYR D 282 26.04 35.54 -5.23
CA TYR D 282 26.85 34.82 -4.28
C TYR D 282 28.22 34.58 -4.89
N LYS D 283 29.26 34.94 -4.15
CA LYS D 283 30.64 34.69 -4.53
C LYS D 283 31.02 33.29 -4.04
N ILE D 284 31.47 32.46 -4.97
CA ILE D 284 31.86 31.09 -4.69
C ILE D 284 33.38 31.02 -4.79
N ASP D 285 34.02 30.61 -3.69
CA ASP D 285 35.46 30.41 -3.63
C ASP D 285 35.70 28.90 -3.57
N TRP D 286 36.18 28.34 -4.68
CA TRP D 286 36.38 26.91 -4.78
C TRP D 286 37.64 26.43 -4.09
N GLU D 287 38.58 27.33 -3.81
CA GLU D 287 39.82 26.96 -3.15
C GLU D 287 39.63 26.88 -1.63
N LYS D 288 39.04 27.92 -1.06
CA LYS D 288 38.67 27.89 0.36
C LYS D 288 37.36 27.14 0.59
N GLU D 289 36.68 26.73 -0.47
CA GLU D 289 35.43 25.99 -0.37
C GLU D 289 34.44 26.74 0.51
N GLU D 290 34.03 27.91 0.03
CA GLU D 290 33.07 28.72 0.76
C GLU D 290 32.21 29.50 -0.22
N MET D 291 31.10 30.01 0.30
CA MET D 291 30.20 30.88 -0.45
C MET D 291 29.85 32.07 0.44
N THR D 292 29.77 33.24 -0.17
CA THR D 292 29.46 34.47 0.57
C THR D 292 28.54 35.33 -0.26
N ASN D 293 27.96 36.34 0.38
CA ASN D 293 27.10 37.29 -0.30
C ASN D 293 27.68 38.69 -0.24
N ALA E 1 15.95 -12.67 -6.57
CA ALA E 1 17.18 -12.05 -6.08
C ALA E 1 18.17 -13.11 -5.64
N ASP E 2 19.41 -12.67 -5.37
CA ASP E 2 20.45 -13.59 -4.94
C ASP E 2 20.15 -14.23 -3.60
N SER E 3 19.21 -13.69 -2.82
CA SER E 3 18.79 -14.35 -1.60
C SER E 3 17.89 -15.54 -1.87
N ASP E 4 17.13 -15.50 -2.95
CA ASP E 4 16.21 -16.57 -3.29
C ASP E 4 16.91 -17.83 -3.74
N ILE E 5 18.22 -17.77 -3.98
CA ILE E 5 19.01 -18.94 -4.31
C ILE E 5 19.97 -19.29 -3.17
N ASN E 6 19.68 -18.79 -1.97
CA ASN E 6 20.43 -19.11 -0.76
C ASN E 6 21.85 -18.56 -0.82
N ILE E 7 22.00 -17.37 -1.40
CA ILE E 7 23.29 -16.69 -1.48
C ILE E 7 23.14 -15.34 -0.81
N LYS E 8 24.11 -15.00 0.04
CA LYS E 8 24.07 -13.74 0.77
C LYS E 8 23.96 -12.57 -0.20
N THR E 9 23.09 -11.63 0.11
CA THR E 9 22.81 -10.53 -0.80
C THR E 9 24.04 -9.66 -1.00
N GLY E 10 24.24 -9.22 -2.24
CA GLY E 10 25.37 -8.39 -2.59
C GLY E 10 26.68 -9.13 -2.77
N THR E 11 26.66 -10.45 -2.65
CA THR E 11 27.91 -11.22 -2.76
C THR E 11 28.38 -11.29 -4.21
N THR E 12 27.45 -11.50 -5.13
CA THR E 12 27.77 -11.63 -6.55
C THR E 12 27.89 -10.29 -7.26
N ASP E 13 27.64 -9.19 -6.55
CA ASP E 13 27.70 -7.88 -7.18
C ASP E 13 29.14 -7.41 -7.31
N ILE E 14 29.32 -6.36 -8.09
CA ILE E 14 30.63 -5.81 -8.40
C ILE E 14 30.84 -4.53 -7.61
N GLY E 15 32.10 -4.15 -7.45
CA GLY E 15 32.45 -2.90 -6.81
C GLY E 15 32.80 -3.00 -5.36
N SER E 16 33.00 -4.20 -4.83
CA SER E 16 33.31 -4.38 -3.42
C SER E 16 34.80 -4.22 -3.20
N ASN E 17 35.19 -3.25 -2.37
CA ASN E 17 36.58 -3.06 -1.99
C ASN E 17 37.45 -2.69 -3.20
N THR E 18 36.97 -1.72 -3.96
CA THR E 18 37.70 -1.22 -5.12
C THR E 18 37.51 0.27 -5.22
N THR E 19 38.45 0.93 -5.90
CA THR E 19 38.40 2.38 -6.10
C THR E 19 37.76 2.67 -7.45
N VAL E 20 36.77 3.55 -7.44
CA VAL E 20 35.97 3.87 -8.62
C VAL E 20 36.31 5.28 -9.06
N LYS E 21 36.53 5.46 -10.35
CA LYS E 21 36.90 6.77 -10.89
C LYS E 21 35.70 7.37 -11.60
N THR E 22 35.10 8.38 -11.00
CA THR E 22 33.90 9.01 -11.54
C THR E 22 34.25 10.28 -12.29
N GLY E 23 33.26 10.82 -12.99
CA GLY E 23 33.43 12.06 -13.69
C GLY E 23 32.15 12.53 -14.33
N ASP E 24 32.10 13.83 -14.58
CA ASP E 24 30.98 14.48 -15.25
C ASP E 24 31.49 15.16 -16.51
N LEU E 25 30.70 15.09 -17.58
CA LEU E 25 30.98 15.79 -18.82
C LEU E 25 29.71 16.47 -19.28
N VAL E 26 29.74 17.79 -19.34
CA VAL E 26 28.55 18.60 -19.60
C VAL E 26 28.76 19.43 -20.85
N THR E 27 27.68 19.70 -21.56
CA THR E 27 27.74 20.59 -22.72
C THR E 27 26.33 20.92 -23.16
N TYR E 28 26.14 22.15 -23.64
CA TYR E 28 24.84 22.66 -24.03
C TYR E 28 24.84 22.97 -25.51
N ASP E 29 23.98 22.29 -26.26
CA ASP E 29 23.74 22.58 -27.67
C ASP E 29 22.59 23.58 -27.73
N LYS E 30 22.93 24.86 -27.95
CA LYS E 30 21.93 25.90 -28.01
C LYS E 30 21.00 25.72 -29.19
N GLU E 31 21.57 25.37 -30.36
CA GLU E 31 20.76 25.26 -31.56
C GLU E 31 19.66 24.22 -31.41
N ASN E 32 20.01 23.06 -30.87
CA ASN E 32 19.05 21.99 -30.65
C ASN E 32 18.43 22.03 -29.26
N GLY E 33 18.88 22.95 -28.41
CA GLY E 33 18.26 23.13 -27.11
C GLY E 33 18.41 21.92 -26.21
N MET E 34 19.62 21.37 -26.13
CA MET E 34 19.87 20.16 -25.35
C MET E 34 20.95 20.43 -24.32
N HIS E 35 20.65 20.12 -23.06
CA HIS E 35 21.66 20.08 -22.02
C HIS E 35 22.08 18.63 -21.85
N LYS E 36 23.28 18.31 -22.32
CA LYS E 36 23.78 16.95 -22.29
C LYS E 36 24.77 16.80 -21.15
N LYS E 37 24.59 15.75 -20.36
CA LYS E 37 25.53 15.38 -19.33
C LYS E 37 25.80 13.89 -19.41
N VAL E 38 27.03 13.52 -19.13
CA VAL E 38 27.45 12.13 -19.06
C VAL E 38 28.14 11.95 -17.72
N PHE E 39 27.59 11.05 -16.90
CA PHE E 39 28.23 10.67 -15.65
C PHE E 39 28.89 9.32 -15.85
N TYR E 40 30.21 9.30 -15.83
CA TYR E 40 30.96 8.08 -16.13
C TYR E 40 31.64 7.59 -14.87
N SER E 41 31.66 6.27 -14.72
CA SER E 41 32.30 5.61 -13.59
C SER E 41 33.12 4.45 -14.10
N PHE E 42 34.42 4.49 -13.85
CA PHE E 42 35.34 3.42 -14.19
C PHE E 42 35.50 2.50 -13.00
N ILE E 43 35.34 1.21 -13.24
CA ILE E 43 35.40 0.17 -12.23
C ILE E 43 36.39 -0.88 -12.73
N ASP E 44 37.47 -1.06 -11.98
CA ASP E 44 38.46 -2.10 -12.26
C ASP E 44 38.44 -3.04 -11.05
N ASP E 45 37.52 -3.99 -11.06
CA ASP E 45 37.43 -4.99 -10.00
C ASP E 45 38.39 -6.12 -10.34
N LYS E 46 39.44 -6.24 -9.52
CA LYS E 46 40.46 -7.25 -9.79
C LYS E 46 39.89 -8.65 -9.86
N ASN E 47 38.77 -8.90 -9.19
CA ASN E 47 38.10 -10.20 -9.24
C ASN E 47 37.18 -10.35 -10.44
N HIS E 48 36.90 -9.27 -11.15
CA HIS E 48 36.10 -9.29 -12.37
C HIS E 48 37.01 -9.48 -13.57
N ASN E 49 36.48 -10.14 -14.60
CA ASN E 49 37.28 -10.50 -15.76
C ASN E 49 37.42 -9.37 -16.77
N LYS E 50 36.77 -8.23 -16.53
CA LYS E 50 36.83 -7.13 -17.48
C LYS E 50 36.74 -5.81 -16.74
N LYS E 51 37.19 -4.76 -17.41
CA LYS E 51 37.02 -3.40 -16.92
C LYS E 51 35.63 -2.91 -17.29
N LEU E 52 34.96 -2.25 -16.36
CA LEU E 52 33.62 -1.77 -16.55
C LEU E 52 33.60 -0.25 -16.61
N LEU E 53 32.78 0.28 -17.50
CA LEU E 53 32.50 1.70 -17.57
C LEU E 53 30.99 1.89 -17.53
N VAL E 54 30.52 2.58 -16.51
CA VAL E 54 29.10 2.88 -16.36
C VAL E 54 28.88 4.31 -16.84
N ILE E 55 28.13 4.44 -17.92
CA ILE E 55 27.87 5.71 -18.57
C ILE E 55 26.40 6.03 -18.36
N ARG E 56 26.13 7.04 -17.55
CA ARG E 56 24.76 7.48 -17.30
C ARG E 56 24.55 8.76 -18.10
N THR E 57 23.79 8.64 -19.17
CA THR E 57 23.33 9.80 -19.92
C THR E 57 22.26 10.50 -19.12
N LYS E 58 22.41 11.82 -18.97
CA LYS E 58 21.50 12.64 -18.22
C LYS E 58 21.42 14.01 -18.89
N GLY E 59 20.60 14.87 -18.31
CA GLY E 59 20.46 16.21 -18.80
C GLY E 59 19.01 16.59 -19.01
N THR E 60 18.75 17.35 -20.07
CA THR E 60 17.40 17.77 -20.37
C THR E 60 17.30 18.10 -21.85
N ILE E 61 16.30 17.52 -22.49
CA ILE E 61 16.04 17.75 -23.91
C ILE E 61 14.80 18.63 -23.98
N ALA E 62 15.01 19.92 -24.17
CA ALA E 62 13.90 20.86 -24.15
C ALA E 62 12.86 20.47 -25.19
N GLY E 63 11.60 20.44 -24.76
CA GLY E 63 10.54 20.05 -25.66
C GLY E 63 10.32 21.04 -26.78
N GLN E 64 10.45 22.33 -26.48
CA GLN E 64 10.30 23.39 -27.47
C GLN E 64 8.90 23.38 -28.09
N TYR E 65 7.91 23.00 -27.31
CA TYR E 65 6.51 23.16 -27.69
C TYR E 65 6.26 24.63 -28.00
N ARG E 66 6.07 24.98 -29.26
CA ARG E 66 6.02 26.39 -29.61
C ARG E 66 5.34 26.58 -30.94
N VAL E 67 4.61 27.69 -31.05
CA VAL E 67 4.03 28.12 -32.32
C VAL E 67 5.17 28.63 -33.19
N TYR E 68 5.30 28.08 -34.39
CA TYR E 68 6.42 28.39 -35.26
C TYR E 68 6.05 29.24 -36.46
N SER E 69 4.81 29.22 -36.92
CA SER E 69 4.43 29.93 -38.12
C SER E 69 2.96 30.33 -38.03
N GLU E 70 2.66 31.56 -38.47
CA GLU E 70 1.30 32.06 -38.55
C GLU E 70 1.08 32.65 -39.93
N GLU E 71 0.03 32.20 -40.61
CA GLU E 71 -0.35 32.71 -41.92
C GLU E 71 -1.57 33.61 -41.84
N GLY E 72 -1.90 34.11 -40.66
CA GLY E 72 -3.08 34.92 -40.47
C GLY E 72 -3.88 34.48 -39.27
N ALA E 73 -5.16 34.86 -39.23
CA ALA E 73 -6.00 34.52 -38.08
C ALA E 73 -6.69 33.17 -38.26
N ASN E 74 -6.55 32.54 -39.43
CA ASN E 74 -7.26 31.29 -39.71
C ASN E 74 -6.36 30.08 -39.67
N LYS E 75 -5.05 30.24 -39.80
CA LYS E 75 -4.12 29.12 -39.82
C LYS E 75 -2.98 29.37 -38.86
N SER E 76 -2.49 28.30 -38.26
CA SER E 76 -1.30 28.39 -37.42
C SER E 76 -0.64 27.02 -37.34
N GLY E 77 0.61 27.02 -36.89
CA GLY E 77 1.38 25.80 -36.80
C GLY E 77 2.18 25.68 -35.52
N LEU E 78 2.12 24.51 -34.91
CA LEU E 78 2.79 24.22 -33.64
C LEU E 78 3.82 23.13 -33.82
N ALA E 79 5.03 23.39 -33.37
CA ALA E 79 6.06 22.35 -33.28
C ALA E 79 5.98 21.75 -31.89
N TRP E 80 5.69 20.46 -31.82
CA TRP E 80 5.56 19.78 -30.53
C TRP E 80 6.37 18.49 -30.58
N PRO E 81 7.10 18.16 -29.51
CA PRO E 81 7.92 16.94 -29.52
C PRO E 81 7.07 15.70 -29.33
N SER E 82 7.22 14.75 -30.25
CA SER E 82 6.56 13.47 -30.14
C SER E 82 7.46 12.38 -29.59
N ALA E 83 8.76 12.61 -29.58
CA ALA E 83 9.68 11.58 -29.15
C ALA E 83 11.04 12.17 -28.84
N PHE E 84 11.67 11.63 -27.81
CA PHE E 84 13.06 11.87 -27.48
C PHE E 84 13.82 10.57 -27.68
N LYS E 85 15.13 10.68 -27.86
CA LYS E 85 15.94 9.49 -28.06
C LYS E 85 17.35 9.74 -27.55
N VAL E 86 17.95 8.68 -27.04
CA VAL E 86 19.33 8.67 -26.57
C VAL E 86 19.98 7.41 -27.11
N GLN E 87 21.12 7.56 -27.78
CA GLN E 87 21.80 6.44 -28.38
C GLN E 87 23.28 6.51 -28.07
N LEU E 88 23.84 5.39 -27.64
CA LEU E 88 25.29 5.23 -27.51
C LEU E 88 25.75 4.17 -28.48
N GLN E 89 26.67 4.55 -29.36
CA GLN E 89 27.12 3.69 -30.44
C GLN E 89 28.63 3.61 -30.45
N LEU E 90 29.15 2.39 -30.45
CA LEU E 90 30.57 2.18 -30.61
C LEU E 90 30.89 1.85 -32.06
N PRO E 91 32.00 2.35 -32.61
CA PRO E 91 32.37 1.96 -33.96
C PRO E 91 32.61 0.46 -34.07
N ASP E 92 32.27 -0.09 -35.23
CA ASP E 92 32.30 -1.53 -35.41
C ASP E 92 33.69 -2.12 -35.23
N ASN E 93 34.74 -1.32 -35.36
CA ASN E 93 36.10 -1.81 -35.26
C ASN E 93 36.62 -1.85 -33.83
N GLU E 94 35.82 -1.46 -32.86
CA GLU E 94 36.27 -1.42 -31.48
C GLU E 94 36.23 -2.80 -30.84
N VAL E 95 37.07 -2.97 -29.82
CA VAL E 95 37.11 -4.22 -29.08
C VAL E 95 36.13 -4.21 -27.92
N ALA E 96 35.66 -3.03 -27.51
CA ALA E 96 34.74 -2.94 -26.38
C ALA E 96 33.35 -3.40 -26.78
N GLN E 97 32.53 -3.63 -25.76
CA GLN E 97 31.19 -4.16 -25.95
C GLN E 97 30.23 -3.49 -24.98
N ILE E 98 28.96 -3.43 -25.38
CA ILE E 98 27.91 -2.89 -24.54
C ILE E 98 27.35 -4.05 -23.73
N SER E 99 27.91 -4.26 -22.55
CA SER E 99 27.55 -5.42 -21.75
C SER E 99 26.14 -5.30 -21.19
N ASP E 100 25.79 -4.15 -20.63
CA ASP E 100 24.52 -4.05 -19.91
C ASP E 100 23.91 -2.68 -20.12
N TYR E 101 22.68 -2.53 -19.62
CA TYR E 101 21.95 -1.29 -19.77
C TYR E 101 20.78 -1.28 -18.78
N TYR E 102 20.23 -0.09 -18.60
CA TYR E 102 19.09 0.14 -17.74
C TYR E 102 18.57 1.55 -18.00
N PRO E 103 17.25 1.77 -18.01
CA PRO E 103 16.16 0.83 -17.82
C PRO E 103 15.94 -0.07 -19.01
N ARG E 104 15.12 -1.09 -18.83
CA ARG E 104 14.78 -2.04 -19.86
C ARG E 104 13.27 -2.02 -20.09
N ASN E 105 12.80 -2.97 -20.89
CA ASN E 105 11.38 -3.08 -21.23
C ASN E 105 10.70 -4.01 -20.24
N ASP E 106 10.29 -3.43 -19.12
CA ASP E 106 9.57 -4.19 -18.11
C ASP E 106 8.25 -4.69 -18.67
N ALA E 107 7.89 -5.92 -18.33
CA ALA E 107 6.62 -6.49 -18.75
C ALA E 107 5.49 -5.82 -17.97
N GLU E 108 4.60 -5.14 -18.69
CA GLU E 108 3.48 -4.44 -18.10
C GLU E 108 2.29 -5.39 -17.97
N PHE E 109 1.17 -4.85 -17.51
CA PHE E 109 -0.02 -5.65 -17.26
C PHE E 109 -1.24 -4.76 -17.30
N ARG E 110 -2.41 -5.40 -17.40
CA ARG E 110 -3.70 -4.74 -17.29
C ARG E 110 -4.56 -5.51 -16.32
N HIS E 111 -4.96 -4.86 -15.23
CA HIS E 111 -5.84 -5.49 -14.26
C HIS E 111 -7.15 -5.86 -14.94
N ASP E 112 -7.41 -7.16 -15.04
CA ASP E 112 -8.59 -7.71 -15.71
C ASP E 112 -9.53 -8.25 -14.65
N SER E 113 -10.68 -7.58 -14.48
CA SER E 113 -11.68 -8.00 -13.51
C SER E 113 -12.90 -8.51 -14.26
N GLY E 114 -13.13 -9.81 -14.21
CA GLY E 114 -14.26 -10.43 -14.86
C GLY E 114 -15.45 -10.55 -13.92
N TYR E 115 -16.63 -10.72 -14.50
CA TYR E 115 -17.88 -10.74 -13.75
C TYR E 115 -18.68 -12.00 -14.07
N GLU E 116 -19.12 -12.69 -13.02
CA GLU E 116 -20.13 -13.75 -13.12
C GLU E 116 -21.04 -13.55 -11.91
N VAL E 117 -22.09 -12.74 -12.07
CA VAL E 117 -22.92 -12.31 -10.96
C VAL E 117 -24.39 -12.49 -11.34
N HIS E 118 -25.20 -12.89 -10.35
CA HIS E 118 -26.62 -13.16 -10.55
C HIS E 118 -27.43 -12.26 -9.62
N HIS E 119 -28.50 -11.67 -10.16
CA HIS E 119 -29.45 -10.91 -9.38
C HIS E 119 -30.84 -11.48 -9.61
N GLN E 120 -31.69 -11.45 -8.58
CA GLN E 120 -33.09 -11.82 -8.71
C GLN E 120 -33.96 -10.82 -7.99
N LYS E 121 -35.09 -10.48 -8.61
CA LYS E 121 -36.03 -9.52 -8.05
C LYS E 121 -37.44 -10.06 -8.19
N LEU E 122 -38.29 -9.74 -7.21
CA LEU E 122 -39.68 -10.20 -7.19
C LEU E 122 -40.56 -8.99 -6.88
N VAL E 123 -41.29 -8.51 -7.88
CA VAL E 123 -42.17 -7.35 -7.73
C VAL E 123 -43.61 -7.84 -7.76
N PHE E 124 -44.45 -7.30 -6.87
CA PHE E 124 -45.87 -7.64 -6.85
C PHE E 124 -46.65 -6.37 -6.54
N PHE E 125 -47.04 -5.66 -7.59
CA PHE E 125 -47.76 -4.40 -7.52
C PHE E 125 -49.24 -4.65 -7.27
N ALA E 126 -49.89 -3.71 -6.58
CA ALA E 126 -51.30 -3.83 -6.28
C ALA E 126 -51.94 -2.45 -6.26
N GLU E 127 -53.25 -2.42 -6.45
CA GLU E 127 -54.05 -1.20 -6.42
C GLU E 127 -55.08 -1.28 -5.30
N ASP E 128 -55.55 -0.12 -4.88
CA ASP E 128 -56.57 -0.05 -3.83
C ASP E 128 -57.92 -0.57 -4.28
N VAL E 129 -58.12 -0.76 -5.59
CA VAL E 129 -59.41 -1.27 -6.08
C VAL E 129 -59.45 -2.79 -6.10
N GLY E 130 -58.37 -3.46 -5.70
CA GLY E 130 -58.35 -4.91 -5.68
C GLY E 130 -57.81 -5.52 -6.96
N SER E 131 -56.63 -5.08 -7.39
CA SER E 131 -56.01 -5.63 -8.60
C SER E 131 -54.54 -5.83 -8.32
N ASN E 132 -54.09 -7.09 -8.37
CA ASN E 132 -52.70 -7.44 -8.12
C ASN E 132 -52.07 -7.95 -9.42
N LYS E 133 -50.80 -7.61 -9.61
CA LYS E 133 -50.08 -7.95 -10.83
C LYS E 133 -48.58 -7.89 -10.54
N GLY E 134 -47.85 -8.90 -10.98
CA GLY E 134 -46.46 -8.99 -10.56
C GLY E 134 -45.56 -9.65 -11.58
N ALA E 135 -44.27 -9.67 -11.25
CA ALA E 135 -43.23 -10.21 -12.11
C ALA E 135 -42.09 -10.76 -11.26
N ILE E 136 -41.34 -11.68 -11.85
CA ILE E 136 -40.12 -12.21 -11.27
C ILE E 136 -39.03 -12.07 -12.32
N ILE E 137 -37.93 -11.41 -11.94
CA ILE E 137 -36.89 -11.00 -12.87
C ILE E 137 -35.58 -11.66 -12.47
N GLY E 138 -34.92 -12.29 -13.44
CA GLY E 138 -33.59 -12.83 -13.25
C GLY E 138 -32.61 -12.08 -14.14
N LEU E 139 -31.57 -11.52 -13.53
CA LEU E 139 -30.65 -10.63 -14.21
C LEU E 139 -29.24 -11.21 -14.14
N MET E 140 -28.54 -11.21 -15.26
CA MET E 140 -27.19 -11.75 -15.36
C MET E 140 -26.21 -10.59 -15.58
N VAL E 141 -25.12 -10.58 -14.81
CA VAL E 141 -24.05 -9.61 -14.98
C VAL E 141 -22.80 -10.37 -15.35
N GLY E 142 -22.23 -10.05 -16.51
CA GLY E 142 -21.05 -10.71 -17.02
C GLY E 142 -20.23 -9.74 -17.83
N GLY E 143 -19.07 -10.20 -18.25
CA GLY E 143 -18.12 -9.39 -18.98
C GLY E 143 -16.84 -9.17 -18.21
N VAL E 144 -16.13 -8.11 -18.61
CA VAL E 144 -14.82 -7.81 -18.04
C VAL E 144 -14.61 -6.31 -18.04
N VAL E 145 -13.86 -5.83 -17.04
CA VAL E 145 -13.38 -4.45 -17.00
C VAL E 145 -11.86 -4.50 -16.94
N ILE E 146 -11.22 -3.73 -17.81
CA ILE E 146 -9.76 -3.68 -17.91
C ILE E 146 -9.32 -2.32 -17.40
N ALA E 147 -8.46 -2.31 -16.38
CA ALA E 147 -7.95 -1.08 -15.79
C ALA E 147 -6.44 -1.13 -15.67
N TYR E 148 -5.78 -0.07 -16.13
CA TYR E 148 -4.34 0.00 -16.10
C TYR E 148 -3.92 1.46 -16.14
N VAL E 149 -2.64 1.69 -15.86
CA VAL E 149 -2.08 3.04 -15.90
C VAL E 149 -1.73 3.38 -17.34
N GLN E 150 -2.18 4.56 -17.80
CA GLN E 150 -1.94 5.02 -19.16
C GLN E 150 -1.11 6.30 -19.10
N PRO E 151 0.22 6.19 -19.10
CA PRO E 151 1.06 7.39 -19.01
C PRO E 151 1.09 8.16 -20.32
N ASP E 152 1.41 9.45 -20.19
CA ASP E 152 1.49 10.31 -21.36
C ASP E 152 2.62 9.86 -22.28
N PHE E 153 3.77 9.53 -21.71
CA PHE E 153 4.94 9.14 -22.47
C PHE E 153 5.46 7.80 -22.00
N LYS E 154 5.77 6.93 -22.95
CA LYS E 154 6.41 5.66 -22.67
C LYS E 154 7.91 5.79 -22.79
N THR E 155 8.63 4.94 -22.06
CA THR E 155 10.07 4.80 -22.20
C THR E 155 10.35 3.40 -22.72
N ILE E 156 11.20 3.30 -23.73
CA ILE E 156 11.42 2.06 -24.45
C ILE E 156 12.90 1.87 -24.70
N LEU E 157 13.35 0.62 -24.63
CA LEU E 157 14.72 0.25 -24.95
C LEU E 157 14.75 -0.31 -26.35
N GLU E 158 15.30 0.46 -27.29
CA GLU E 158 15.41 -0.01 -28.66
C GLU E 158 16.32 -1.22 -28.72
N SER E 159 16.06 -2.09 -29.70
CA SER E 159 16.80 -3.33 -29.86
C SER E 159 18.30 -3.04 -29.81
N PRO E 160 19.00 -3.47 -28.76
CA PRO E 160 20.42 -3.18 -28.64
C PRO E 160 21.30 -4.24 -29.29
N THR E 161 22.59 -3.94 -29.31
CA THR E 161 23.62 -4.82 -29.84
C THR E 161 24.83 -4.77 -28.91
N ASP E 162 25.93 -5.33 -29.38
CA ASP E 162 27.19 -5.23 -28.66
C ASP E 162 27.94 -3.95 -29.00
N LYS E 163 27.41 -3.13 -29.90
CA LYS E 163 28.02 -1.87 -30.27
C LYS E 163 27.08 -0.69 -30.18
N LYS E 164 25.77 -0.92 -30.28
CA LYS E 164 24.78 0.14 -30.23
C LYS E 164 23.74 -0.17 -29.18
N VAL E 165 23.34 0.86 -28.44
CA VAL E 165 22.22 0.77 -27.53
C VAL E 165 21.46 2.09 -27.59
N GLY E 166 20.18 2.03 -27.27
CA GLY E 166 19.36 3.22 -27.40
C GLY E 166 18.01 3.14 -26.72
N TRP E 167 17.64 4.24 -26.09
CA TRP E 167 16.33 4.43 -25.51
C TRP E 167 15.55 5.48 -26.29
N LYS E 168 14.25 5.29 -26.35
CA LYS E 168 13.35 6.25 -26.96
C LYS E 168 12.17 6.49 -26.05
N VAL E 169 11.85 7.76 -25.85
CA VAL E 169 10.67 8.18 -25.12
C VAL E 169 9.63 8.61 -26.16
N ILE E 170 8.45 8.02 -26.07
CA ILE E 170 7.45 8.10 -27.12
C ILE E 170 6.18 8.71 -26.55
N PHE E 171 5.52 9.54 -27.35
CA PHE E 171 4.22 10.07 -26.96
C PHE E 171 3.15 9.02 -27.18
N ASN E 172 2.45 8.64 -26.11
CA ASN E 172 1.43 7.60 -26.17
C ASN E 172 0.03 8.18 -26.24
N ASN E 173 -0.35 8.98 -25.25
CA ASN E 173 -1.67 9.59 -25.20
C ASN E 173 -1.59 10.86 -24.40
N MET E 174 -2.48 11.79 -24.70
CA MET E 174 -2.60 13.02 -23.94
C MET E 174 -4.07 13.29 -23.63
N VAL E 175 -4.32 13.82 -22.44
CA VAL E 175 -5.66 14.16 -22.00
C VAL E 175 -5.82 15.67 -22.14
N ASN E 176 -6.77 16.09 -22.97
CA ASN E 176 -7.09 17.50 -23.09
C ASN E 176 -7.87 17.95 -21.85
N GLN E 177 -8.39 19.17 -21.91
CA GLN E 177 -9.02 19.78 -20.75
C GLN E 177 -9.97 18.79 -20.07
N ASN E 178 -10.97 18.32 -20.80
CA ASN E 178 -11.85 17.26 -20.32
C ASN E 178 -12.47 16.48 -21.48
N TRP E 179 -11.94 16.64 -22.69
CA TRP E 179 -12.49 16.02 -23.88
C TRP E 179 -12.00 14.59 -24.09
N GLY E 180 -11.11 14.11 -23.23
CA GLY E 180 -10.66 12.75 -23.28
C GLY E 180 -9.29 12.60 -23.91
N PRO E 181 -8.81 11.36 -23.96
CA PRO E 181 -7.47 11.12 -24.51
C PRO E 181 -7.41 11.38 -26.00
N TYR E 182 -6.21 11.73 -26.46
CA TYR E 182 -5.96 11.91 -27.88
C TYR E 182 -4.52 11.49 -28.17
N ASP E 183 -4.31 10.95 -29.37
CA ASP E 183 -3.01 10.48 -29.81
C ASP E 183 -2.68 11.09 -31.15
N ARG E 184 -1.51 10.73 -31.68
CA ARG E 184 -1.07 11.28 -32.95
C ARG E 184 -1.96 10.82 -34.09
N ASP E 185 -2.57 9.64 -33.96
CA ASP E 185 -3.39 9.06 -35.01
C ASP E 185 -4.86 9.37 -34.87
N SER E 186 -5.26 10.05 -33.79
CA SER E 186 -6.66 10.42 -33.63
C SER E 186 -7.12 11.28 -34.79
N TRP E 187 -8.33 11.04 -35.26
CA TRP E 187 -8.87 11.77 -36.39
C TRP E 187 -10.38 11.84 -36.28
N ASN E 188 -10.90 13.03 -36.09
CA ASN E 188 -12.33 13.28 -36.13
C ASN E 188 -12.68 13.93 -37.45
N PRO E 189 -13.64 13.40 -38.22
CA PRO E 189 -13.97 14.04 -39.49
C PRO E 189 -14.38 15.49 -39.33
N VAL E 190 -14.97 15.84 -38.19
CA VAL E 190 -15.40 17.22 -37.95
C VAL E 190 -14.21 18.09 -37.59
N TYR E 191 -13.51 17.74 -36.51
CA TYR E 191 -12.44 18.56 -35.97
C TYR E 191 -11.05 18.06 -36.31
N GLY E 192 -10.94 16.96 -37.04
CA GLY E 192 -9.63 16.42 -37.32
C GLY E 192 -9.01 15.88 -36.04
N ASN E 193 -7.82 16.39 -35.72
CA ASN E 193 -7.08 15.97 -34.54
C ASN E 193 -7.24 17.04 -33.47
N GLN E 194 -7.91 16.70 -32.38
CA GLN E 194 -8.20 17.63 -31.29
C GLN E 194 -7.14 17.61 -30.21
N LEU E 195 -5.90 17.25 -30.56
CA LEU E 195 -4.89 17.00 -29.54
C LEU E 195 -4.57 18.26 -28.75
N PHE E 196 -4.34 19.38 -29.45
CA PHE E 196 -3.89 20.61 -28.80
C PHE E 196 -4.84 21.78 -29.04
N MET E 197 -6.11 21.51 -29.36
CA MET E 197 -7.07 22.58 -29.58
C MET E 197 -7.65 23.04 -28.26
N LYS E 198 -7.39 24.30 -27.91
CA LYS E 198 -7.97 24.84 -26.69
C LYS E 198 -9.49 24.88 -26.77
N THR E 199 -10.03 25.26 -27.92
CA THR E 199 -11.48 25.31 -28.11
C THR E 199 -11.81 24.93 -29.54
N ARG E 200 -13.03 24.46 -29.72
CA ARG E 200 -13.50 24.00 -31.02
C ARG E 200 -14.13 25.11 -31.86
N ASN E 201 -14.75 26.09 -31.20
CA ASN E 201 -15.44 27.19 -31.87
C ASN E 201 -14.92 28.52 -31.36
N GLY E 202 -13.60 28.63 -31.26
CA GLY E 202 -13.00 29.83 -30.72
C GLY E 202 -13.04 30.98 -31.71
N SER E 203 -13.15 32.18 -31.14
CA SER E 203 -13.14 33.42 -31.93
C SER E 203 -11.76 34.04 -32.03
N MET E 204 -10.77 33.49 -31.33
CA MET E 204 -9.42 34.02 -31.39
C MET E 204 -8.68 33.46 -32.58
N LYS E 205 -7.58 34.13 -32.95
CA LYS E 205 -6.78 33.65 -34.05
C LYS E 205 -6.15 32.31 -33.71
N ALA E 206 -5.85 31.54 -34.76
CA ALA E 206 -5.41 30.16 -34.58
C ALA E 206 -4.27 30.06 -33.58
N ALA E 207 -3.32 30.99 -33.66
CA ALA E 207 -2.14 30.89 -32.80
C ALA E 207 -2.51 30.91 -31.33
N ASP E 208 -3.68 31.44 -30.99
CA ASP E 208 -4.12 31.55 -29.61
C ASP E 208 -5.08 30.45 -29.19
N ASN E 209 -5.38 29.50 -30.09
CA ASN E 209 -6.30 28.41 -29.79
C ASN E 209 -5.57 27.13 -29.41
N PHE E 210 -4.27 27.20 -29.19
CA PHE E 210 -3.47 26.06 -28.78
C PHE E 210 -3.44 25.94 -27.26
N LEU E 211 -3.35 24.70 -26.79
CA LEU E 211 -3.30 24.46 -25.36
C LEU E 211 -2.14 25.20 -24.72
N ASP E 212 -2.38 25.76 -23.55
CA ASP E 212 -1.31 26.35 -22.78
C ASP E 212 -0.36 25.25 -22.32
N PRO E 213 0.95 25.39 -22.53
CA PRO E 213 1.85 24.31 -22.15
C PRO E 213 1.78 23.94 -20.68
N ASN E 214 1.43 24.89 -19.81
CA ASN E 214 1.31 24.57 -18.39
C ASN E 214 0.26 23.50 -18.14
N LYS E 215 -0.88 23.58 -18.83
CA LYS E 215 -1.89 22.56 -18.71
C LYS E 215 -1.38 21.21 -19.19
N ALA E 216 -0.63 21.22 -20.29
CA ALA E 216 -0.14 19.99 -20.88
C ALA E 216 1.07 19.47 -20.11
N SER E 217 1.47 18.24 -20.42
CA SER E 217 2.60 17.62 -19.76
C SER E 217 3.85 18.48 -19.93
N SER E 218 4.62 18.60 -18.86
CA SER E 218 5.81 19.45 -18.89
C SER E 218 6.86 18.90 -19.83
N LEU E 219 6.73 17.64 -20.26
CA LEU E 219 7.67 17.09 -21.22
C LEU E 219 7.62 17.84 -22.54
N LEU E 220 6.46 18.38 -22.89
CA LEU E 220 6.30 19.08 -24.15
C LEU E 220 6.96 20.45 -24.14
N SER E 221 6.81 21.18 -23.04
CA SER E 221 7.28 22.56 -22.98
C SER E 221 8.68 22.66 -22.38
N SER E 222 8.83 22.23 -21.15
CA SER E 222 10.10 22.34 -20.45
C SER E 222 11.10 21.28 -20.91
N GLY E 223 10.65 20.07 -21.12
CA GLY E 223 11.46 19.02 -21.70
C GLY E 223 11.50 17.78 -20.83
N PHE E 224 12.38 16.86 -21.23
CA PHE E 224 12.52 15.56 -20.60
C PHE E 224 13.95 15.37 -20.15
N SER E 225 14.11 14.88 -18.93
CA SER E 225 15.44 14.72 -18.33
C SER E 225 15.76 13.23 -18.19
N PRO E 226 16.50 12.64 -19.10
CA PRO E 226 16.79 11.20 -19.01
C PRO E 226 17.75 10.89 -17.88
N ASP E 227 17.67 9.63 -17.44
CA ASP E 227 18.69 9.01 -16.57
C ASP E 227 18.83 7.58 -17.07
N PHE E 228 19.77 7.37 -17.99
CA PHE E 228 19.90 6.10 -18.68
C PHE E 228 21.32 5.58 -18.52
N ALA E 229 21.45 4.42 -17.89
CA ALA E 229 22.75 3.82 -17.61
C ALA E 229 23.08 2.77 -18.65
N THR E 230 24.33 2.75 -19.07
CA THR E 230 24.88 1.74 -19.95
C THR E 230 26.18 1.24 -19.35
N VAL E 231 26.49 -0.02 -19.58
CA VAL E 231 27.67 -0.65 -19.01
C VAL E 231 28.48 -1.22 -20.14
N ILE E 232 29.60 -0.56 -20.42
CA ILE E 232 30.62 -0.99 -21.37
C ILE E 232 31.58 -1.90 -20.63
N THR E 233 32.09 -2.91 -21.35
CA THR E 233 33.04 -3.85 -20.78
C THR E 233 34.19 -4.04 -21.76
N MET E 234 35.42 -4.01 -21.23
CA MET E 234 36.60 -4.20 -22.04
C MET E 234 37.50 -5.25 -21.41
N ASP E 235 38.21 -5.99 -22.25
CA ASP E 235 39.16 -6.98 -21.79
C ASP E 235 40.47 -6.30 -21.44
N ARG E 236 41.04 -6.65 -20.29
CA ARG E 236 42.28 -6.01 -19.85
C ARG E 236 43.42 -6.27 -20.81
N LYS E 237 43.42 -7.41 -21.48
CA LYS E 237 44.53 -7.80 -22.34
C LYS E 237 44.49 -7.15 -23.71
N ALA E 238 43.43 -6.40 -24.03
CA ALA E 238 43.34 -5.77 -25.33
C ALA E 238 44.47 -4.74 -25.49
N SER E 239 45.14 -4.78 -26.64
CA SER E 239 46.25 -3.87 -26.87
C SER E 239 45.79 -2.43 -26.91
N LYS E 240 44.63 -2.16 -27.52
CA LYS E 240 44.12 -0.80 -27.69
C LYS E 240 43.22 -0.48 -26.51
N GLN E 241 43.74 0.31 -25.57
CA GLN E 241 43.01 0.69 -24.36
C GLN E 241 42.34 2.06 -24.50
N GLN E 242 42.11 2.52 -25.72
CA GLN E 242 41.41 3.77 -25.98
C GLN E 242 40.26 3.48 -26.94
N THR E 243 39.11 4.09 -26.66
CA THR E 243 37.93 3.90 -27.49
C THR E 243 37.25 5.24 -27.74
N ASN E 244 36.37 5.25 -28.73
CA ASN E 244 35.58 6.43 -29.06
C ASN E 244 34.12 6.02 -29.09
N ILE E 245 33.29 6.70 -28.29
CA ILE E 245 31.88 6.36 -28.17
C ILE E 245 31.06 7.57 -28.56
N ASP E 246 30.06 7.36 -29.41
CA ASP E 246 29.19 8.41 -29.89
C ASP E 246 27.92 8.43 -29.07
N VAL E 247 27.70 9.52 -28.34
CA VAL E 247 26.48 9.74 -27.58
C VAL E 247 25.60 10.69 -28.38
N ILE E 248 24.36 10.28 -28.61
CA ILE E 248 23.44 10.98 -29.50
C ILE E 248 22.15 11.26 -28.75
N TYR E 249 21.72 12.51 -28.79
CA TYR E 249 20.40 12.91 -28.31
C TYR E 249 19.57 13.36 -29.50
N GLU E 250 18.29 13.02 -29.48
CA GLU E 250 17.41 13.39 -30.57
C GLU E 250 16.08 13.89 -30.02
N ARG E 251 15.54 14.88 -30.70
CA ARG E 251 14.19 15.37 -30.45
C ARG E 251 13.44 15.33 -31.77
N VAL E 252 12.38 14.54 -31.81
CA VAL E 252 11.52 14.43 -32.98
C VAL E 252 10.35 15.38 -32.78
N ARG E 253 10.20 16.34 -33.68
CA ARG E 253 9.18 17.37 -33.56
C ARG E 253 8.16 17.18 -34.67
N ASP E 254 6.90 17.05 -34.28
CA ASP E 254 5.78 16.95 -35.19
C ASP E 254 5.10 18.29 -35.33
N ASP E 255 4.41 18.46 -36.46
CA ASP E 255 3.75 19.72 -36.80
C ASP E 255 2.25 19.57 -36.64
N TYR E 256 1.68 20.35 -35.74
CA TYR E 256 0.24 20.39 -35.51
C TYR E 256 -0.28 21.65 -36.18
N GLN E 257 -0.94 21.47 -37.31
CA GLN E 257 -1.48 22.56 -38.10
C GLN E 257 -2.94 22.75 -37.75
N LEU E 258 -3.30 23.98 -37.39
CA LEU E 258 -4.66 24.32 -37.01
C LEU E 258 -5.24 25.23 -38.07
N HIS E 259 -6.43 24.87 -38.57
CA HIS E 259 -7.09 25.54 -39.67
C HIS E 259 -8.50 25.93 -39.27
N TRP E 260 -8.99 26.99 -39.90
CA TRP E 260 -10.34 27.49 -39.69
C TRP E 260 -11.21 27.08 -40.87
N THR E 261 -12.31 26.39 -40.59
CA THR E 261 -13.22 25.93 -41.62
C THR E 261 -14.35 26.90 -41.89
N SER E 262 -14.34 28.07 -41.26
CA SER E 262 -15.42 29.06 -41.37
C SER E 262 -16.61 28.62 -40.53
N THR E 263 -16.58 27.39 -40.02
CA THR E 263 -17.58 26.87 -39.09
C THR E 263 -16.96 26.53 -37.75
N ASN E 264 -15.90 25.72 -37.75
CA ASN E 264 -15.21 25.33 -36.53
C ASN E 264 -13.73 25.16 -36.87
N TRP E 265 -12.96 24.71 -35.88
CA TRP E 265 -11.53 24.51 -36.05
C TRP E 265 -11.22 23.05 -36.38
N LYS E 266 -10.18 22.85 -37.17
CA LYS E 266 -9.72 21.51 -37.53
C LYS E 266 -8.22 21.41 -37.32
N GLY E 267 -7.76 20.26 -36.85
CA GLY E 267 -6.36 20.05 -36.55
C GLY E 267 -5.81 18.85 -37.30
N THR E 268 -4.61 19.02 -37.84
CA THR E 268 -3.90 17.96 -38.53
C THR E 268 -2.51 17.81 -37.92
N ASN E 269 -1.98 16.60 -38.00
CA ASN E 269 -0.71 16.26 -37.34
C ASN E 269 0.19 15.58 -38.35
N THR E 270 1.28 16.26 -38.71
CA THR E 270 2.31 15.72 -39.57
C THR E 270 3.42 15.17 -38.69
N LYS E 271 3.67 13.87 -38.80
CA LYS E 271 4.62 13.20 -37.93
C LYS E 271 6.05 13.40 -38.39
N ASP E 272 6.96 13.40 -37.41
CA ASP E 272 8.39 13.41 -37.67
C ASP E 272 8.77 14.49 -38.69
N LYS E 273 8.11 15.64 -38.60
CA LYS E 273 8.38 16.73 -39.51
C LYS E 273 9.84 17.18 -39.40
N TRP E 274 10.31 17.35 -38.17
CA TRP E 274 11.69 17.75 -37.92
C TRP E 274 12.35 16.77 -36.97
N THR E 275 13.67 16.64 -37.11
CA THR E 275 14.46 15.78 -36.23
C THR E 275 15.73 16.54 -35.87
N ASP E 276 15.90 16.81 -34.58
CA ASP E 276 17.01 17.60 -34.07
C ASP E 276 17.95 16.66 -33.35
N ARG E 277 19.15 16.46 -33.91
CA ARG E 277 20.13 15.53 -33.38
C ARG E 277 21.35 16.29 -32.88
N SER E 278 21.82 15.89 -31.71
CA SER E 278 23.05 16.41 -31.12
C SER E 278 23.93 15.20 -30.80
N SER E 279 25.02 15.05 -31.54
CA SER E 279 25.93 13.93 -31.39
C SER E 279 27.27 14.44 -30.91
N GLU E 280 27.82 13.75 -29.92
CA GLU E 280 29.15 14.04 -29.40
C GLU E 280 29.95 12.75 -29.41
N ARG E 281 31.26 12.90 -29.59
CA ARG E 281 32.18 11.76 -29.55
C ARG E 281 33.06 11.92 -28.32
N TYR E 282 33.08 10.90 -27.49
CA TYR E 282 33.83 10.89 -26.25
C TYR E 282 34.97 9.90 -26.36
N LYS E 283 36.17 10.37 -26.04
CA LYS E 283 37.36 9.54 -25.99
C LYS E 283 37.45 8.92 -24.60
N ILE E 284 37.51 7.60 -24.56
CA ILE E 284 37.58 6.82 -23.33
C ILE E 284 38.99 6.27 -23.21
N ASP E 285 39.68 6.64 -22.13
CA ASP E 285 41.00 6.13 -21.82
C ASP E 285 40.86 5.17 -20.64
N TRP E 286 41.00 3.88 -20.93
CA TRP E 286 40.81 2.84 -19.92
C TRP E 286 42.01 2.69 -19.00
N GLU E 287 43.17 3.17 -19.40
CA GLU E 287 44.36 3.07 -18.56
C GLU E 287 44.40 4.18 -17.51
N LYS E 288 44.19 5.42 -17.94
CA LYS E 288 44.06 6.53 -17.01
C LYS E 288 42.66 6.61 -16.41
N GLU E 289 41.74 5.79 -16.88
CA GLU E 289 40.37 5.75 -16.37
C GLU E 289 39.75 7.14 -16.42
N GLU E 290 39.59 7.65 -17.65
CA GLU E 290 38.99 8.95 -17.83
C GLU E 290 38.22 8.98 -19.15
N MET E 291 37.37 10.00 -19.28
CA MET E 291 36.63 10.25 -20.50
C MET E 291 36.73 11.74 -20.80
N THR E 292 36.86 12.06 -22.08
CA THR E 292 36.99 13.44 -22.51
C THR E 292 36.20 13.65 -23.79
N ASN E 293 36.01 14.91 -24.15
CA ASN E 293 35.32 15.25 -25.39
C ASN E 293 36.25 16.01 -26.33
N ALA F 1 10.93 -17.28 6.34
CA ALA F 1 12.34 -16.88 6.32
C ALA F 1 13.09 -17.51 7.47
N ASP F 2 14.42 -17.39 7.44
CA ASP F 2 15.25 -17.96 8.49
C ASP F 2 15.02 -17.30 9.84
N SER F 3 14.38 -16.13 9.88
CA SER F 3 14.00 -15.53 11.14
C SER F 3 12.79 -16.21 11.77
N ASP F 4 11.91 -16.76 10.94
CA ASP F 4 10.70 -17.41 11.43
C ASP F 4 10.98 -18.72 12.12
N ILE F 5 12.21 -19.24 12.03
CA ILE F 5 12.61 -20.44 12.74
C ILE F 5 13.62 -20.09 13.85
N ASN F 6 13.65 -18.83 14.26
CA ASN F 6 14.48 -18.38 15.36
C ASN F 6 15.96 -18.47 15.04
N ILE F 7 16.33 -18.21 13.79
CA ILE F 7 17.71 -18.21 13.34
C ILE F 7 18.02 -16.83 12.79
N LYS F 8 19.17 -16.28 13.18
CA LYS F 8 19.57 -14.95 12.74
C LYS F 8 19.61 -14.90 11.22
N THR F 9 19.07 -13.83 10.65
CA THR F 9 18.94 -13.73 9.21
C THR F 9 20.30 -13.68 8.54
N GLY F 10 20.41 -14.36 7.40
CA GLY F 10 21.65 -14.42 6.66
C GLY F 10 22.67 -15.39 7.19
N THR F 11 22.34 -16.13 8.25
CA THR F 11 23.31 -17.05 8.84
C THR F 11 23.51 -18.28 7.97
N THR F 12 22.43 -18.82 7.42
CA THR F 12 22.48 -20.02 6.61
C THR F 12 22.82 -19.73 5.15
N ASP F 13 22.96 -18.46 4.79
CA ASP F 13 23.26 -18.11 3.41
C ASP F 13 24.74 -18.33 3.10
N ILE F 14 25.06 -18.29 1.82
CA ILE F 14 26.39 -18.55 1.32
C ILE F 14 27.04 -17.23 0.92
N GLY F 15 28.37 -17.25 0.85
CA GLY F 15 29.12 -16.11 0.39
C GLY F 15 29.66 -15.20 1.47
N SER F 16 29.64 -15.63 2.72
CA SER F 16 30.10 -14.81 3.82
C SER F 16 31.60 -14.99 3.98
N ASN F 17 32.35 -13.89 3.86
CA ASN F 17 33.79 -13.89 4.09
C ASN F 17 34.52 -14.79 3.09
N THR F 18 34.19 -14.60 1.81
CA THR F 18 34.83 -15.34 0.74
C THR F 18 35.01 -14.42 -0.46
N THR F 19 35.97 -14.77 -1.31
CA THR F 19 36.26 -14.01 -2.51
C THR F 19 35.52 -14.62 -3.69
N VAL F 20 34.79 -13.78 -4.42
CA VAL F 20 33.92 -14.21 -5.51
C VAL F 20 34.54 -13.74 -6.82
N LYS F 21 34.59 -14.62 -7.80
CA LYS F 21 35.20 -14.31 -9.09
C LYS F 21 34.09 -14.11 -10.12
N THR F 22 33.87 -12.86 -10.51
CA THR F 22 32.80 -12.52 -11.44
C THR F 22 33.34 -12.38 -12.85
N GLY F 23 32.42 -12.26 -13.80
CA GLY F 23 32.79 -12.04 -15.17
C GLY F 23 31.58 -11.85 -16.06
N ASP F 24 31.83 -11.20 -17.20
CA ASP F 24 30.83 -10.95 -18.22
C ASP F 24 31.28 -11.60 -19.51
N LEU F 25 30.34 -12.18 -20.24
CA LEU F 25 30.59 -12.74 -21.57
C LEU F 25 29.49 -12.28 -22.49
N VAL F 26 29.84 -11.50 -23.51
CA VAL F 26 28.87 -10.85 -24.37
C VAL F 26 29.09 -11.30 -25.81
N THR F 27 28.01 -11.33 -26.58
CA THR F 27 28.11 -11.63 -28.00
C THR F 27 26.78 -11.35 -28.67
N TYR F 28 26.84 -10.87 -29.91
CA TYR F 28 25.66 -10.46 -30.66
C TYR F 28 25.51 -11.33 -31.88
N ASP F 29 24.40 -12.06 -31.95
CA ASP F 29 24.02 -12.82 -33.14
C ASP F 29 23.17 -11.92 -34.01
N LYS F 30 23.78 -11.39 -35.06
CA LYS F 30 23.08 -10.48 -35.96
C LYS F 30 21.97 -11.19 -36.70
N GLU F 31 22.22 -12.41 -37.17
CA GLU F 31 21.23 -13.13 -37.98
C GLU F 31 19.95 -13.34 -37.20
N ASN F 32 20.07 -13.79 -35.95
CA ASN F 32 18.92 -14.02 -35.09
C ASN F 32 18.57 -12.80 -34.26
N GLY F 33 19.36 -11.73 -34.32
CA GLY F 33 19.03 -10.50 -33.63
C GLY F 33 19.00 -10.65 -32.13
N MET F 34 20.02 -11.28 -31.56
CA MET F 34 20.07 -11.54 -30.12
C MET F 34 21.34 -10.94 -29.54
N HIS F 35 21.17 -10.14 -28.50
CA HIS F 35 22.30 -9.69 -27.69
C HIS F 35 22.35 -10.60 -26.47
N LYS F 36 23.34 -11.48 -26.44
CA LYS F 36 23.48 -12.46 -25.37
C LYS F 36 24.56 -12.01 -24.41
N LYS F 37 24.24 -12.04 -23.12
CA LYS F 37 25.21 -11.79 -22.07
C LYS F 37 25.07 -12.86 -21.01
N VAL F 38 26.20 -13.23 -20.44
CA VAL F 38 26.25 -14.17 -19.33
C VAL F 38 27.08 -13.52 -18.24
N PHE F 39 26.45 -13.32 -17.08
CA PHE F 39 27.16 -12.84 -15.90
C PHE F 39 27.41 -14.01 -14.98
N TYR F 40 28.68 -14.40 -14.85
CA TYR F 40 29.03 -15.58 -14.09
C TYR F 40 29.76 -15.17 -12.82
N SER F 41 29.46 -15.90 -11.74
CA SER F 41 30.08 -15.67 -10.45
C SER F 41 30.49 -17.00 -9.86
N PHE F 42 31.78 -17.17 -9.62
CA PHE F 42 32.32 -18.35 -8.97
C PHE F 42 32.43 -18.11 -7.47
N ILE F 43 31.90 -19.05 -6.70
CA ILE F 43 31.86 -18.97 -5.25
C ILE F 43 32.46 -20.27 -4.73
N ASP F 44 33.56 -20.15 -3.99
CA ASP F 44 34.19 -21.29 -3.32
C ASP F 44 34.13 -21.00 -1.83
N ASP F 45 33.01 -21.33 -1.21
CA ASP F 45 32.83 -21.17 0.23
C ASP F 45 33.41 -22.39 0.92
N LYS F 46 34.51 -22.18 1.65
CA LYS F 46 35.18 -23.29 2.30
C LYS F 46 34.27 -24.05 3.24
N ASN F 47 33.24 -23.39 3.78
CA ASN F 47 32.27 -24.04 4.64
C ASN F 47 31.16 -24.75 3.87
N HIS F 48 31.06 -24.51 2.56
CA HIS F 48 30.10 -25.18 1.71
C HIS F 48 30.72 -26.43 1.12
N ASN F 49 29.89 -27.44 0.87
CA ASN F 49 30.37 -28.74 0.43
C ASN F 49 30.64 -28.81 -1.07
N LYS F 50 30.35 -27.74 -1.81
CA LYS F 50 30.53 -27.75 -3.24
C LYS F 50 30.90 -26.36 -3.73
N LYS F 51 31.49 -26.33 -4.92
CA LYS F 51 31.75 -25.07 -5.60
C LYS F 51 30.49 -24.64 -6.34
N LEU F 52 30.18 -23.35 -6.26
CA LEU F 52 28.98 -22.80 -6.87
C LEU F 52 29.34 -21.89 -8.03
N LEU F 53 28.56 -21.97 -9.08
CA LEU F 53 28.65 -21.06 -10.20
C LEU F 53 27.26 -20.47 -10.44
N VAL F 54 27.14 -19.17 -10.31
CA VAL F 54 25.89 -18.46 -10.56
C VAL F 54 25.97 -17.86 -11.94
N ILE F 55 25.12 -18.35 -12.84
CA ILE F 55 25.10 -17.95 -14.24
C ILE F 55 23.81 -17.17 -14.46
N ARG F 56 23.93 -15.87 -14.68
CA ARG F 56 22.78 -15.02 -14.96
C ARG F 56 22.78 -14.74 -16.45
N THR F 57 21.84 -15.38 -17.16
CA THR F 57 21.59 -15.06 -18.55
C THR F 57 20.87 -13.74 -18.63
N LYS F 58 21.39 -12.85 -19.48
CA LYS F 58 20.84 -11.52 -19.67
C LYS F 58 21.01 -11.14 -21.13
N GLY F 59 20.54 -9.94 -21.44
CA GLY F 59 20.67 -9.43 -22.78
C GLY F 59 19.36 -8.93 -23.32
N THR F 60 19.13 -9.14 -24.61
CA THR F 60 17.90 -8.71 -25.23
C THR F 60 17.65 -9.55 -26.47
N ILE F 61 16.46 -10.09 -26.57
CA ILE F 61 16.04 -10.90 -27.71
C ILE F 61 15.07 -10.04 -28.51
N ALA F 62 15.57 -9.43 -29.58
CA ALA F 62 14.76 -8.52 -30.35
C ALA F 62 13.50 -9.21 -30.85
N GLY F 63 12.36 -8.55 -30.66
CA GLY F 63 11.10 -9.15 -31.05
C GLY F 63 10.97 -9.28 -32.56
N GLN F 64 11.47 -8.30 -33.30
CA GLN F 64 11.43 -8.31 -34.75
C GLN F 64 10.01 -8.37 -35.28
N TYR F 65 9.08 -7.74 -34.56
CA TYR F 65 7.73 -7.52 -35.06
C TYR F 65 7.82 -6.75 -36.37
N ARG F 66 7.53 -7.41 -37.49
CA ARG F 66 7.79 -6.76 -38.77
C ARG F 66 6.97 -7.40 -39.86
N VAL F 67 6.54 -6.59 -40.81
CA VAL F 67 5.90 -7.07 -42.03
C VAL F 67 6.98 -7.72 -42.89
N TYR F 68 6.76 -8.98 -43.28
CA TYR F 68 7.78 -9.73 -44.00
C TYR F 68 7.46 -9.96 -45.46
N SER F 69 6.18 -9.95 -45.85
CA SER F 69 5.82 -10.26 -47.22
C SER F 69 4.54 -9.53 -47.58
N GLU F 70 4.49 -9.01 -48.80
CA GLU F 70 3.31 -8.35 -49.34
C GLU F 70 3.03 -8.93 -50.73
N GLU F 71 1.81 -9.40 -50.93
CA GLU F 71 1.37 -9.92 -52.21
C GLU F 71 0.44 -8.95 -52.95
N GLY F 72 0.45 -7.68 -52.55
CA GLY F 72 -0.44 -6.70 -53.12
C GLY F 72 -1.12 -5.87 -52.06
N ALA F 73 -2.24 -5.23 -52.42
CA ALA F 73 -2.95 -4.38 -51.47
C ALA F 73 -3.98 -5.14 -50.66
N ASN F 74 -4.20 -6.43 -50.97
CA ASN F 74 -5.23 -7.21 -50.30
C ASN F 74 -4.68 -8.20 -49.30
N LYS F 75 -3.40 -8.56 -49.39
CA LYS F 75 -2.81 -9.55 -48.50
C LYS F 75 -1.51 -9.01 -47.93
N SER F 76 -1.22 -9.40 -46.70
CA SER F 76 0.07 -9.08 -46.11
C SER F 76 0.36 -10.06 -44.98
N GLY F 77 1.63 -10.09 -44.58
CA GLY F 77 2.07 -11.01 -43.55
C GLY F 77 3.01 -10.39 -42.53
N LEU F 78 2.74 -10.66 -41.26
CA LEU F 78 3.50 -10.12 -40.15
C LEU F 78 4.19 -11.23 -39.37
N ALA F 79 5.48 -11.08 -39.16
CA ALA F 79 6.21 -11.95 -38.25
C ALA F 79 6.20 -11.30 -36.88
N TRP F 80 5.60 -11.96 -35.89
CA TRP F 80 5.50 -11.43 -34.55
C TRP F 80 5.95 -12.49 -33.56
N PRO F 81 6.72 -12.14 -32.53
CA PRO F 81 7.20 -13.14 -31.58
C PRO F 81 6.10 -13.53 -30.60
N SER F 82 5.85 -14.84 -30.50
CA SER F 82 4.90 -15.37 -29.55
C SER F 82 5.58 -15.91 -28.30
N ALA F 83 6.89 -16.13 -28.35
CA ALA F 83 7.57 -16.73 -27.20
C ALA F 83 9.06 -16.52 -27.32
N PHE F 84 9.68 -16.29 -26.18
CA PHE F 84 11.13 -16.31 -26.02
C PHE F 84 11.49 -17.48 -25.13
N LYS F 85 12.74 -17.92 -25.22
CA LYS F 85 13.17 -19.04 -24.41
C LYS F 85 14.66 -18.92 -24.12
N VAL F 86 15.04 -19.39 -22.95
CA VAL F 86 16.42 -19.45 -22.51
C VAL F 86 16.64 -20.81 -21.88
N GLN F 87 17.66 -21.53 -22.33
CA GLN F 87 17.93 -22.87 -21.85
C GLN F 87 19.41 -23.03 -21.57
N LEU F 88 19.73 -23.58 -20.41
CA LEU F 88 21.08 -23.99 -20.08
C LEU F 88 21.10 -25.49 -19.91
N GLN F 89 21.94 -26.17 -20.70
CA GLN F 89 21.97 -27.61 -20.74
C GLN F 89 23.38 -28.10 -20.56
N LEU F 90 23.57 -29.01 -19.61
CA LEU F 90 24.86 -29.67 -19.44
C LEU F 90 24.85 -31.02 -20.14
N PRO F 91 25.94 -31.43 -20.78
CA PRO F 91 25.98 -32.76 -21.38
C PRO F 91 25.81 -33.84 -20.32
N ASP F 92 25.17 -34.93 -20.71
CA ASP F 92 24.79 -35.97 -19.76
C ASP F 92 26.00 -36.60 -19.08
N ASN F 93 27.18 -36.50 -19.67
CA ASN F 93 28.37 -37.13 -19.14
C ASN F 93 29.09 -36.27 -18.10
N GLU F 94 28.57 -35.09 -17.80
CA GLU F 94 29.24 -34.19 -16.88
C GLU F 94 28.95 -34.57 -15.44
N VAL F 95 29.87 -34.19 -14.56
CA VAL F 95 29.70 -34.44 -13.13
C VAL F 95 28.95 -33.30 -12.45
N ALA F 96 28.87 -32.14 -13.08
CA ALA F 96 28.20 -31.00 -12.48
C ALA F 96 26.69 -31.17 -12.52
N GLN F 97 26.01 -30.34 -11.75
CA GLN F 97 24.57 -30.42 -11.59
C GLN F 97 23.98 -29.02 -11.52
N ILE F 98 22.72 -28.92 -11.94
CA ILE F 98 21.98 -27.66 -11.87
C ILE F 98 21.28 -27.65 -10.52
N SER F 99 21.96 -27.08 -9.52
CA SER F 99 21.44 -27.12 -8.17
C SER F 99 20.22 -26.23 -8.00
N ASP F 100 20.26 -25.00 -8.51
CA ASP F 100 19.20 -24.05 -8.22
C ASP F 100 18.93 -23.17 -9.42
N TYR F 101 17.88 -22.37 -9.30
CA TYR F 101 17.46 -21.48 -10.38
C TYR F 101 16.52 -20.43 -9.84
N TYR F 102 16.32 -19.39 -10.63
CA TYR F 102 15.42 -18.29 -10.32
C TYR F 102 15.25 -17.45 -11.58
N PRO F 103 14.05 -16.94 -11.87
CA PRO F 103 12.80 -17.07 -11.14
C PRO F 103 12.16 -18.44 -11.28
N ARG F 104 11.15 -18.71 -10.48
CA ARG F 104 10.42 -19.95 -10.51
C ARG F 104 8.95 -19.67 -10.79
N ASN F 105 8.13 -20.71 -10.67
CA ASN F 105 6.70 -20.62 -10.95
C ASN F 105 5.97 -20.28 -9.66
N ASP F 106 5.91 -18.99 -9.37
CA ASP F 106 5.18 -18.52 -8.19
C ASP F 106 3.71 -18.87 -8.31
N ALA F 107 3.10 -19.28 -7.21
CA ALA F 107 1.68 -19.56 -7.18
C ALA F 107 0.90 -18.27 -7.25
N GLU F 108 0.11 -18.11 -8.32
CA GLU F 108 -0.69 -16.92 -8.53
C GLU F 108 -2.05 -17.08 -7.85
N PHE F 109 -2.90 -16.08 -8.03
CA PHE F 109 -4.20 -16.06 -7.38
C PHE F 109 -5.15 -15.17 -8.16
N ARG F 110 -6.44 -15.32 -7.86
CA ARG F 110 -7.48 -14.45 -8.39
C ARG F 110 -8.35 -13.97 -7.24
N HIS F 111 -8.39 -12.66 -7.03
CA HIS F 111 -9.24 -12.10 -5.99
C HIS F 111 -10.70 -12.45 -6.28
N ASP F 112 -11.29 -13.26 -5.41
CA ASP F 112 -12.66 -13.75 -5.56
C ASP F 112 -13.52 -13.03 -4.53
N SER F 113 -14.42 -12.17 -5.01
CA SER F 113 -15.33 -11.43 -4.14
C SER F 113 -16.74 -11.94 -4.37
N GLY F 114 -17.28 -12.66 -3.39
CA GLY F 114 -18.62 -13.19 -3.48
C GLY F 114 -19.63 -12.24 -2.86
N TYR F 115 -20.90 -12.44 -3.22
CA TYR F 115 -21.98 -11.54 -2.82
C TYR F 115 -23.11 -12.33 -2.17
N GLU F 116 -23.55 -11.87 -0.99
CA GLU F 116 -24.79 -12.31 -0.37
C GLU F 116 -25.41 -11.04 0.21
N VAL F 117 -26.24 -10.36 -0.59
CA VAL F 117 -26.75 -9.04 -0.22
C VAL F 117 -28.25 -9.01 -0.47
N HIS F 118 -28.97 -8.31 0.41
CA HIS F 118 -30.42 -8.21 0.36
C HIS F 118 -30.82 -6.75 0.24
N HIS F 119 -31.78 -6.45 -0.65
CA HIS F 119 -32.37 -5.14 -0.76
C HIS F 119 -33.87 -5.26 -0.63
N GLN F 120 -34.50 -4.25 -0.03
CA GLN F 120 -35.96 -4.19 0.05
C GLN F 120 -36.42 -2.78 -0.29
N LYS F 121 -37.51 -2.68 -1.05
CA LYS F 121 -38.07 -1.41 -1.47
C LYS F 121 -39.58 -1.45 -1.29
N LEU F 122 -40.15 -0.29 -0.94
CA LEU F 122 -41.58 -0.16 -0.72
C LEU F 122 -42.07 1.07 -1.47
N VAL F 123 -42.81 0.86 -2.56
CA VAL F 123 -43.32 1.94 -3.39
C VAL F 123 -44.83 2.02 -3.17
N PHE F 124 -45.35 3.25 -3.05
CA PHE F 124 -46.79 3.46 -2.91
C PHE F 124 -47.16 4.71 -3.70
N PHE F 125 -47.51 4.50 -4.97
CA PHE F 125 -47.87 5.56 -5.90
C PHE F 125 -49.30 6.00 -5.69
N ALA F 126 -49.57 7.27 -5.98
CA ALA F 126 -50.90 7.83 -5.81
C ALA F 126 -51.16 8.90 -6.87
N GLU F 127 -52.43 9.15 -7.12
CA GLU F 127 -52.88 10.16 -8.08
C GLU F 127 -53.70 11.21 -7.36
N ASP F 128 -53.79 12.40 -7.98
CA ASP F 128 -54.57 13.48 -7.42
C ASP F 128 -56.07 13.22 -7.45
N VAL F 129 -56.51 12.21 -8.20
CA VAL F 129 -57.94 11.90 -8.27
C VAL F 129 -58.38 10.95 -7.16
N GLY F 130 -57.46 10.50 -6.31
CA GLY F 130 -57.80 9.62 -5.22
C GLY F 130 -57.65 8.15 -5.58
N SER F 131 -56.48 7.78 -6.09
CA SER F 131 -56.22 6.38 -6.44
C SER F 131 -54.82 6.02 -5.98
N ASN F 132 -54.73 5.08 -5.04
CA ASN F 132 -53.45 4.63 -4.50
C ASN F 132 -53.18 3.19 -4.93
N LYS F 133 -51.91 2.90 -5.19
CA LYS F 133 -51.51 1.60 -5.70
C LYS F 133 -50.02 1.42 -5.42
N GLY F 134 -49.65 0.25 -4.91
CA GLY F 134 -48.29 0.11 -4.44
C GLY F 134 -47.75 -1.31 -4.56
N ALA F 135 -46.48 -1.45 -4.22
CA ALA F 135 -45.76 -2.71 -4.30
C ALA F 135 -44.68 -2.76 -3.22
N ILE F 136 -44.30 -3.99 -2.87
CA ILE F 136 -43.17 -4.26 -1.99
C ILE F 136 -42.26 -5.24 -2.70
N ILE F 137 -40.99 -4.87 -2.84
CA ILE F 137 -40.04 -5.59 -3.68
C ILE F 137 -38.89 -6.09 -2.81
N GLY F 138 -38.58 -7.37 -2.93
CA GLY F 138 -37.41 -7.96 -2.30
C GLY F 138 -36.43 -8.42 -3.37
N LEU F 139 -35.20 -7.92 -3.27
CA LEU F 139 -34.20 -8.13 -4.31
C LEU F 139 -32.99 -8.84 -3.70
N MET F 140 -32.51 -9.86 -4.40
CA MET F 140 -31.36 -10.65 -3.96
C MET F 140 -30.18 -10.38 -4.87
N VAL F 141 -29.01 -10.12 -4.27
CA VAL F 141 -27.77 -9.95 -5.00
C VAL F 141 -26.83 -11.06 -4.58
N GLY F 142 -26.39 -11.86 -5.54
CA GLY F 142 -25.52 -12.99 -5.30
C GLY F 142 -24.62 -13.21 -6.49
N GLY F 143 -23.69 -14.14 -6.33
CA GLY F 143 -22.69 -14.42 -7.34
C GLY F 143 -21.29 -14.10 -6.88
N VAL F 144 -20.41 -13.93 -7.85
CA VAL F 144 -18.99 -13.71 -7.58
C VAL F 144 -18.40 -12.83 -8.68
N VAL F 145 -17.42 -12.02 -8.30
CA VAL F 145 -16.60 -11.27 -9.24
C VAL F 145 -15.15 -11.69 -9.04
N ILE F 146 -14.48 -12.03 -10.13
CA ILE F 146 -13.09 -12.49 -10.11
C ILE F 146 -12.24 -11.39 -10.74
N ALA F 147 -11.26 -10.91 -9.98
CA ALA F 147 -10.37 -9.84 -10.45
C ALA F 147 -8.92 -10.24 -10.20
N TYR F 148 -8.10 -10.09 -11.24
CA TYR F 148 -6.69 -10.45 -11.14
C TYR F 148 -5.93 -9.68 -12.21
N VAL F 149 -4.60 -9.69 -12.10
CA VAL F 149 -3.73 -9.05 -13.06
C VAL F 149 -3.54 -9.98 -14.25
N GLN F 150 -3.74 -9.46 -15.46
CA GLN F 150 -3.61 -10.22 -16.69
C GLN F 150 -2.48 -9.63 -17.52
N PRO F 151 -1.24 -10.07 -17.33
CA PRO F 151 -0.12 -9.49 -18.08
C PRO F 151 -0.10 -9.97 -19.52
N ASP F 152 0.55 -9.16 -20.36
CA ASP F 152 0.66 -9.50 -21.77
C ASP F 152 1.48 -10.77 -21.97
N PHE F 153 2.59 -10.90 -21.24
CA PHE F 153 3.48 -12.04 -21.35
C PHE F 153 3.70 -12.67 -20.00
N LYS F 154 3.63 -14.00 -19.97
CA LYS F 154 3.96 -14.78 -18.79
C LYS F 154 5.41 -15.20 -18.84
N THR F 155 5.99 -15.42 -17.67
CA THR F 155 7.31 -16.03 -17.52
C THR F 155 7.14 -17.36 -16.81
N ILE F 156 7.76 -18.40 -17.35
CA ILE F 156 7.54 -19.76 -16.90
C ILE F 156 8.86 -20.48 -16.78
N LEU F 157 8.98 -21.35 -15.78
CA LEU F 157 10.14 -22.19 -15.60
C LEU F 157 9.81 -23.58 -16.14
N GLU F 158 10.38 -23.93 -17.28
CA GLU F 158 10.14 -25.25 -17.84
C GLU F 158 10.69 -26.32 -16.91
N SER F 159 10.07 -27.49 -16.94
CA SER F 159 10.44 -28.60 -16.07
C SER F 159 11.94 -28.82 -16.12
N PRO F 160 12.67 -28.53 -15.04
CA PRO F 160 14.11 -28.67 -15.05
C PRO F 160 14.59 -30.05 -14.63
N THR F 161 15.89 -30.25 -14.75
CA THR F 161 16.55 -31.48 -14.36
C THR F 161 17.86 -31.12 -13.66
N ASP F 162 18.71 -32.13 -13.48
CA ASP F 162 20.05 -31.91 -12.96
C ASP F 162 21.04 -31.57 -14.07
N LYS F 163 20.60 -31.57 -15.32
CA LYS F 163 21.44 -31.22 -16.45
C LYS F 163 20.86 -30.14 -17.34
N LYS F 164 19.54 -29.99 -17.35
CA LYS F 164 18.87 -29.00 -18.18
C LYS F 164 17.97 -28.13 -17.34
N VAL F 165 17.96 -26.84 -17.64
CA VAL F 165 17.02 -25.90 -17.06
C VAL F 165 16.62 -24.92 -18.14
N GLY F 166 15.43 -24.34 -18.00
CA GLY F 166 14.93 -23.46 -19.03
C GLY F 166 13.73 -22.64 -18.64
N TRP F 167 13.77 -21.37 -19.07
CA TRP F 167 12.66 -20.46 -18.93
C TRP F 167 12.06 -20.16 -20.28
N LYS F 168 10.76 -19.93 -20.29
CA LYS F 168 10.05 -19.52 -21.50
C LYS F 168 9.13 -18.37 -21.17
N VAL F 169 9.18 -17.34 -22.00
CA VAL F 169 8.28 -16.21 -21.92
C VAL F 169 7.24 -16.39 -23.02
N ILE F 170 5.97 -16.36 -22.63
CA ILE F 170 4.87 -16.78 -23.48
C ILE F 170 3.90 -15.63 -23.66
N PHE F 171 3.36 -15.49 -24.87
CA PHE F 171 2.32 -14.51 -25.11
C PHE F 171 0.99 -15.02 -24.57
N ASN F 172 0.40 -14.27 -23.63
CA ASN F 172 -0.85 -14.67 -22.99
C ASN F 172 -2.05 -13.95 -23.59
N ASN F 173 -2.05 -12.63 -23.55
CA ASN F 173 -3.16 -11.83 -24.08
C ASN F 173 -2.61 -10.47 -24.47
N MET F 174 -3.27 -9.85 -25.45
CA MET F 174 -2.95 -8.50 -25.85
C MET F 174 -4.23 -7.69 -25.97
N VAL F 175 -4.15 -6.43 -25.59
CA VAL F 175 -5.28 -5.50 -25.67
C VAL F 175 -5.06 -4.62 -26.88
N ASN F 176 -5.99 -4.68 -27.83
CA ASN F 176 -5.96 -3.80 -28.98
C ASN F 176 -6.39 -2.40 -28.55
N GLN F 177 -6.58 -1.53 -29.53
CA GLN F 177 -6.85 -0.11 -29.26
C GLN F 177 -7.89 0.03 -28.16
N ASN F 178 -9.08 -0.51 -28.39
CA ASN F 178 -10.12 -0.57 -27.36
C ASN F 178 -11.09 -1.71 -27.62
N TRP F 179 -10.74 -2.65 -28.49
CA TRP F 179 -11.62 -3.75 -28.88
C TRP F 179 -11.54 -4.91 -27.93
N GLY F 180 -10.67 -4.86 -26.93
CA GLY F 180 -10.61 -5.88 -25.91
C GLY F 180 -9.44 -6.82 -26.09
N PRO F 181 -9.31 -7.78 -25.18
CA PRO F 181 -8.17 -8.71 -25.25
C PRO F 181 -8.29 -9.64 -26.43
N TYR F 182 -7.13 -10.11 -26.90
CA TYR F 182 -7.06 -11.09 -27.96
C TYR F 182 -5.85 -11.98 -27.72
N ASP F 183 -5.98 -13.25 -28.10
CA ASP F 183 -4.93 -14.24 -27.93
C ASP F 183 -4.66 -14.93 -29.26
N ARG F 184 -3.72 -15.86 -29.24
CA ARG F 184 -3.37 -16.58 -30.46
C ARG F 184 -4.52 -17.44 -30.96
N ASP F 185 -5.38 -17.90 -30.06
CA ASP F 185 -6.47 -18.80 -30.40
C ASP F 185 -7.78 -18.06 -30.66
N SER F 186 -7.81 -16.74 -30.48
CA SER F 186 -9.03 -16.00 -30.76
C SER F 186 -9.43 -16.17 -32.22
N TRP F 187 -10.72 -16.31 -32.46
CA TRP F 187 -11.23 -16.53 -33.81
C TRP F 187 -12.63 -15.97 -33.90
N ASN F 188 -12.80 -14.92 -34.71
CA ASN F 188 -14.10 -14.39 -35.04
C ASN F 188 -14.48 -14.84 -36.43
N PRO F 189 -15.65 -15.46 -36.64
CA PRO F 189 -16.00 -15.88 -37.99
C PRO F 189 -16.00 -14.75 -38.99
N VAL F 190 -16.29 -13.53 -38.54
CA VAL F 190 -16.31 -12.37 -39.43
C VAL F 190 -14.89 -11.91 -39.73
N TYR F 191 -14.15 -11.55 -38.69
CA TYR F 191 -12.83 -10.94 -38.84
C TYR F 191 -11.69 -11.91 -38.57
N GLY F 192 -11.98 -13.16 -38.24
CA GLY F 192 -10.91 -14.08 -37.92
C GLY F 192 -10.25 -13.66 -36.62
N ASN F 193 -8.94 -13.46 -36.67
CA ASN F 193 -8.16 -13.07 -35.51
C ASN F 193 -7.86 -11.58 -35.60
N GLN F 194 -8.42 -10.80 -34.67
CA GLN F 194 -8.28 -9.35 -34.65
C GLN F 194 -7.10 -8.89 -33.83
N LEU F 195 -6.07 -9.72 -33.69
CA LEU F 195 -5.01 -9.42 -32.74
C LEU F 195 -4.26 -8.16 -33.11
N PHE F 196 -3.86 -8.03 -34.38
CA PHE F 196 -3.02 -6.92 -34.82
C PHE F 196 -3.67 -6.10 -35.92
N MET F 197 -4.99 -6.13 -36.04
CA MET F 197 -5.67 -5.36 -37.07
C MET F 197 -5.90 -3.94 -36.57
N LYS F 198 -5.29 -2.97 -37.24
CA LYS F 198 -5.50 -1.57 -36.88
C LYS F 198 -6.95 -1.17 -37.09
N THR F 199 -7.54 -1.62 -38.20
CA THR F 199 -8.94 -1.30 -38.49
C THR F 199 -9.58 -2.48 -39.19
N ARG F 200 -10.91 -2.57 -39.07
CA ARG F 200 -11.67 -3.66 -39.64
C ARG F 200 -12.12 -3.38 -41.07
N ASN F 201 -12.36 -2.12 -41.41
CA ASN F 201 -12.84 -1.72 -42.72
C ASN F 201 -11.91 -0.67 -43.33
N GLY F 202 -10.62 -0.91 -43.22
CA GLY F 202 -9.65 0.06 -43.70
C GLY F 202 -9.57 0.08 -45.21
N SER F 203 -9.26 1.26 -45.73
CA SER F 203 -9.06 1.46 -47.17
C SER F 203 -7.60 1.39 -47.57
N MET F 204 -6.69 1.25 -46.62
CA MET F 204 -5.27 1.16 -46.94
C MET F 204 -4.90 -0.27 -47.26
N LYS F 205 -3.74 -0.44 -47.89
CA LYS F 205 -3.27 -1.77 -48.21
C LYS F 205 -2.97 -2.54 -46.93
N ALA F 206 -3.04 -3.87 -47.04
CA ALA F 206 -2.95 -4.72 -45.86
C ALA F 206 -1.72 -4.40 -45.03
N ALA F 207 -0.59 -4.14 -45.67
CA ALA F 207 0.65 -3.92 -44.94
C ALA F 207 0.53 -2.73 -43.99
N ASP F 208 -0.39 -1.81 -44.26
CA ASP F 208 -0.57 -0.62 -43.45
C ASP F 208 -1.69 -0.74 -42.45
N ASN F 209 -2.36 -1.89 -42.38
CA ASN F 209 -3.48 -2.09 -41.45
C ASN F 209 -3.04 -2.81 -40.18
N PHE F 210 -1.75 -2.98 -39.98
CA PHE F 210 -1.22 -3.63 -38.79
C PHE F 210 -0.98 -2.61 -37.69
N LEU F 211 -1.13 -3.07 -36.45
CA LEU F 211 -0.93 -2.19 -35.30
C LEU F 211 0.48 -1.61 -35.32
N ASP F 212 0.57 -0.33 -34.98
CA ASP F 212 1.86 0.29 -34.81
C ASP F 212 2.56 -0.34 -33.61
N PRO F 213 3.80 -0.78 -33.73
CA PRO F 213 4.46 -1.44 -32.60
C PRO F 213 4.53 -0.59 -31.35
N ASN F 214 4.58 0.74 -31.50
CA ASN F 214 4.61 1.61 -30.33
C ASN F 214 3.38 1.42 -29.47
N LYS F 215 2.20 1.30 -30.09
CA LYS F 215 0.99 1.04 -29.33
C LYS F 215 1.06 -0.29 -28.62
N ALA F 216 1.59 -1.30 -29.29
CA ALA F 216 1.66 -2.64 -28.73
C ALA F 216 2.80 -2.75 -27.73
N SER F 217 2.82 -3.86 -27.01
CA SER F 217 3.85 -4.09 -26.00
C SER F 217 5.22 -4.04 -26.65
N SER F 218 6.17 -3.40 -25.95
CA SER F 218 7.51 -3.25 -26.50
C SER F 218 8.23 -4.58 -26.62
N LEU F 219 7.71 -5.64 -26.00
CA LEU F 219 8.32 -6.94 -26.15
C LEU F 219 8.24 -7.43 -27.59
N LEU F 220 7.22 -7.00 -28.32
CA LEU F 220 7.05 -7.45 -29.70
C LEU F 220 8.03 -6.77 -30.64
N SER F 221 8.25 -5.47 -30.46
CA SER F 221 9.05 -4.70 -31.40
C SER F 221 10.51 -4.61 -30.95
N SER F 222 10.74 -4.01 -29.79
CA SER F 222 12.10 -3.82 -29.30
C SER F 222 12.70 -5.09 -28.74
N GLY F 223 11.93 -5.88 -28.01
CA GLY F 223 12.34 -7.19 -27.56
C GLY F 223 12.21 -7.35 -26.07
N PHE F 224 12.73 -8.45 -25.58
CA PHE F 224 12.64 -8.85 -24.19
C PHE F 224 14.04 -9.05 -23.62
N SER F 225 14.26 -8.53 -22.43
CA SER F 225 15.57 -8.57 -21.80
C SER F 225 15.52 -9.48 -20.58
N PRO F 226 15.94 -10.74 -20.68
CA PRO F 226 15.86 -11.64 -19.54
C PRO F 226 16.87 -11.31 -18.46
N ASP F 227 16.55 -11.74 -17.25
CA ASP F 227 17.50 -11.79 -16.13
C ASP F 227 17.19 -13.09 -15.40
N PHE F 228 17.89 -14.16 -15.77
CA PHE F 228 17.57 -15.49 -15.28
C PHE F 228 18.82 -16.10 -14.66
N ALA F 229 18.74 -16.41 -13.37
CA ALA F 229 19.87 -16.96 -12.63
C ALA F 229 19.75 -18.46 -12.52
N THR F 230 20.88 -19.13 -12.68
CA THR F 230 21.01 -20.56 -12.48
C THR F 230 22.21 -20.81 -11.60
N VAL F 231 22.15 -21.86 -10.80
CA VAL F 231 23.20 -22.17 -9.85
C VAL F 231 23.66 -23.59 -10.11
N ILE F 232 24.85 -23.71 -10.69
CA ILE F 232 25.56 -24.95 -10.92
C ILE F 232 26.36 -25.27 -9.67
N THR F 233 26.47 -26.56 -9.36
CA THR F 233 27.23 -27.02 -8.21
C THR F 233 28.12 -28.17 -8.62
N MET F 234 29.37 -28.12 -8.18
CA MET F 234 30.34 -29.18 -8.48
C MET F 234 31.03 -29.63 -7.22
N ASP F 235 31.38 -30.91 -7.17
CA ASP F 235 32.11 -31.45 -6.04
C ASP F 235 33.59 -31.16 -6.20
N ARG F 236 34.23 -30.71 -5.12
CA ARG F 236 35.64 -30.34 -5.19
C ARG F 236 36.51 -31.53 -5.54
N LYS F 237 36.11 -32.73 -5.14
CA LYS F 237 36.93 -33.92 -5.34
C LYS F 237 36.83 -34.49 -6.75
N ALA F 238 35.97 -33.96 -7.59
CA ALA F 238 35.84 -34.47 -8.94
C ALA F 238 37.15 -34.27 -9.70
N SER F 239 37.59 -35.33 -10.39
CA SER F 239 38.85 -35.25 -11.12
C SER F 239 38.78 -34.25 -12.26
N LYS F 240 37.65 -34.19 -12.96
CA LYS F 240 37.48 -33.32 -14.12
C LYS F 240 36.89 -31.99 -13.65
N GLN F 241 37.74 -30.97 -13.55
CA GLN F 241 37.33 -29.65 -13.10
C GLN F 241 37.02 -28.70 -14.25
N GLN F 242 36.73 -29.24 -15.43
CA GLN F 242 36.33 -28.45 -16.59
C GLN F 242 35.02 -28.98 -17.12
N THR F 243 34.11 -28.07 -17.47
CA THR F 243 32.81 -28.46 -18.00
C THR F 243 32.47 -27.61 -19.21
N ASN F 244 31.47 -28.06 -19.95
CA ASN F 244 30.97 -27.33 -21.12
C ASN F 244 29.46 -27.19 -20.95
N ILE F 245 28.97 -25.96 -21.00
CA ILE F 245 27.56 -25.66 -20.79
C ILE F 245 27.03 -24.96 -22.01
N ASP F 246 25.88 -25.43 -22.51
CA ASP F 246 25.25 -24.86 -23.69
C ASP F 246 24.17 -23.89 -23.26
N VAL F 247 24.35 -22.62 -23.59
CA VAL F 247 23.36 -21.57 -23.35
C VAL F 247 22.64 -21.30 -24.66
N ILE F 248 21.32 -21.38 -24.62
CA ILE F 248 20.48 -21.32 -25.81
C ILE F 248 19.44 -20.23 -25.63
N TYR F 249 19.34 -19.35 -26.61
CA TYR F 249 18.27 -18.37 -26.71
C TYR F 249 17.40 -18.72 -27.90
N GLU F 250 16.09 -18.55 -27.75
CA GLU F 250 15.17 -18.85 -28.83
C GLU F 250 14.12 -17.77 -28.95
N ARG F 251 13.75 -17.47 -30.18
CA ARG F 251 12.63 -16.60 -30.50
C ARG F 251 11.69 -17.37 -31.41
N VAL F 252 10.47 -17.59 -30.95
CA VAL F 252 9.44 -18.25 -31.72
C VAL F 252 8.60 -17.18 -32.38
N ARG F 253 8.56 -17.19 -33.71
CA ARG F 253 7.86 -16.17 -34.48
C ARG F 253 6.66 -16.80 -35.17
N ASP F 254 5.50 -16.23 -34.92
CA ASP F 254 4.26 -16.64 -35.55
C ASP F 254 3.93 -15.70 -36.70
N ASP F 255 3.13 -16.21 -37.63
CA ASP F 255 2.78 -15.49 -38.85
C ASP F 255 1.33 -15.04 -38.76
N TYR F 256 1.14 -13.73 -38.80
CA TYR F 256 -0.20 -13.13 -38.78
C TYR F 256 -0.48 -12.69 -40.21
N GLN F 257 -1.34 -13.43 -40.90
CA GLN F 257 -1.69 -13.16 -42.27
C GLN F 257 -2.98 -12.36 -42.30
N LEU F 258 -2.96 -11.23 -43.00
CA LEU F 258 -4.11 -10.35 -43.12
C LEU F 258 -4.60 -10.38 -44.55
N HIS F 259 -5.90 -10.63 -44.71
CA HIS F 259 -6.53 -10.83 -46.01
C HIS F 259 -7.71 -9.88 -46.15
N TRP F 260 -8.01 -9.54 -47.40
CA TRP F 260 -9.14 -8.68 -47.74
C TRP F 260 -10.26 -9.55 -48.30
N THR F 261 -11.44 -9.45 -47.70
CA THR F 261 -12.59 -10.23 -48.13
C THR F 261 -13.47 -9.49 -49.12
N SER F 262 -13.05 -8.31 -49.57
CA SER F 262 -13.84 -7.46 -50.45
C SER F 262 -14.97 -6.78 -49.68
N THR F 263 -15.17 -7.19 -48.43
CA THR F 263 -16.10 -6.54 -47.51
C THR F 263 -15.39 -5.96 -46.30
N ASN F 264 -14.58 -6.76 -45.61
CA ASN F 264 -13.83 -6.33 -44.45
C ASN F 264 -12.52 -7.10 -44.42
N TRP F 265 -11.74 -6.90 -43.36
CA TRP F 265 -10.45 -7.56 -43.21
C TRP F 265 -10.58 -8.79 -42.33
N LYS F 266 -9.77 -9.80 -42.61
CA LYS F 266 -9.73 -11.02 -41.82
C LYS F 266 -8.29 -11.36 -41.48
N GLY F 267 -8.08 -11.88 -40.28
CA GLY F 267 -6.74 -12.18 -39.80
C GLY F 267 -6.64 -13.64 -39.38
N THR F 268 -5.54 -14.28 -39.75
CA THR F 268 -5.25 -15.65 -39.37
C THR F 268 -3.87 -15.69 -38.73
N ASN F 269 -3.68 -16.66 -37.84
CA ASN F 269 -2.45 -16.76 -37.05
C ASN F 269 -1.92 -18.17 -37.15
N THR F 270 -0.77 -18.32 -37.79
CA THR F 270 -0.06 -19.59 -37.88
C THR F 270 1.00 -19.61 -36.79
N LYS F 271 0.89 -20.57 -35.88
CA LYS F 271 1.75 -20.63 -34.72
C LYS F 271 3.10 -21.25 -35.05
N ASP F 272 4.12 -20.80 -34.32
CA ASP F 272 5.45 -21.39 -34.38
C ASP F 272 5.91 -21.58 -35.83
N LYS F 273 5.59 -20.60 -36.67
CA LYS F 273 6.00 -20.66 -38.07
C LYS F 273 7.51 -20.72 -38.18
N TRP F 274 8.21 -19.86 -37.45
CA TRP F 274 9.66 -19.82 -37.46
C TRP F 274 10.19 -19.93 -36.04
N THR F 275 11.39 -20.49 -35.92
CA THR F 275 12.08 -20.62 -34.64
C THR F 275 13.53 -20.25 -34.84
N ASP F 276 13.96 -19.19 -34.18
CA ASP F 276 15.31 -18.65 -34.32
C ASP F 276 16.09 -18.99 -33.06
N ARG F 277 17.07 -19.86 -33.19
CA ARG F 277 17.86 -20.34 -32.06
C ARG F 277 19.31 -19.86 -32.18
N SER F 278 19.84 -19.39 -31.05
CA SER F 278 21.24 -19.00 -30.94
C SER F 278 21.82 -19.76 -29.76
N SER F 279 22.70 -20.71 -30.05
CA SER F 279 23.31 -21.56 -29.04
C SER F 279 24.80 -21.29 -28.98
N GLU F 280 25.30 -21.15 -27.76
CA GLU F 280 26.72 -20.98 -27.51
C GLU F 280 27.16 -22.02 -26.49
N ARG F 281 28.41 -22.44 -26.62
CA ARG F 281 29.01 -23.38 -25.68
C ARG F 281 30.08 -22.64 -24.89
N TYR F 282 29.96 -22.69 -23.58
CA TYR F 282 30.88 -22.01 -22.68
C TYR F 282 31.70 -23.04 -21.92
N LYS F 283 33.01 -22.86 -21.96
CA LYS F 283 33.94 -23.68 -21.20
C LYS F 283 34.09 -23.09 -19.80
N ILE F 284 33.81 -23.90 -18.80
CA ILE F 284 33.88 -23.51 -17.40
C ILE F 284 35.10 -24.17 -16.79
N ASP F 285 36.03 -23.36 -16.27
CA ASP F 285 37.21 -23.83 -15.58
C ASP F 285 37.02 -23.53 -14.10
N TRP F 286 36.77 -24.59 -13.32
CA TRP F 286 36.49 -24.45 -11.90
C TRP F 286 37.74 -24.21 -11.07
N GLU F 287 38.91 -24.54 -11.59
CA GLU F 287 40.15 -24.34 -10.85
C GLU F 287 40.63 -22.90 -10.96
N LYS F 288 40.69 -22.37 -12.19
CA LYS F 288 40.99 -20.97 -12.39
C LYS F 288 39.77 -20.08 -12.18
N GLU F 289 38.60 -20.68 -11.96
CA GLU F 289 37.38 -19.93 -11.71
C GLU F 289 37.13 -18.92 -12.83
N GLU F 290 36.91 -19.44 -14.03
CA GLU F 290 36.64 -18.59 -15.17
C GLU F 290 35.70 -19.31 -16.13
N MET F 291 35.13 -18.52 -17.05
CA MET F 291 34.30 -19.03 -18.12
C MET F 291 34.71 -18.36 -19.41
N THR F 292 34.73 -19.12 -20.49
CA THR F 292 35.14 -18.61 -21.79
C THR F 292 34.24 -19.18 -22.87
N ASN F 293 34.32 -18.60 -24.06
CA ASN F 293 33.56 -19.09 -25.19
C ASN F 293 34.48 -19.57 -26.30
N ALA G 1 7.02 -9.33 17.94
CA ALA G 1 8.46 -9.51 17.75
C ALA G 1 9.21 -9.28 19.05
N ASP G 2 10.49 -9.61 19.06
CA ASP G 2 11.30 -9.44 20.25
C ASP G 2 11.47 -7.97 20.65
N SER G 3 11.16 -7.04 19.75
CA SER G 3 11.17 -5.63 20.12
C SER G 3 9.93 -5.26 20.94
N ASP G 4 8.82 -5.95 20.71
CA ASP G 4 7.58 -5.64 21.42
C ASP G 4 7.61 -6.04 22.88
N ILE G 5 8.64 -6.78 23.30
CA ILE G 5 8.84 -7.13 24.70
C ILE G 5 10.05 -6.41 25.26
N ASN G 6 10.47 -5.33 24.62
CA ASN G 6 11.57 -4.48 25.09
C ASN G 6 12.91 -5.20 25.07
N ILE G 7 13.12 -6.06 24.07
CA ILE G 7 14.37 -6.78 23.89
C ILE G 7 14.92 -6.41 22.53
N LYS G 8 16.22 -6.11 22.49
CA LYS G 8 16.86 -5.72 21.25
C LYS G 8 16.69 -6.80 20.20
N THR G 9 16.35 -6.39 18.98
CA THR G 9 16.02 -7.33 17.93
C THR G 9 17.23 -8.19 17.57
N GLY G 10 16.98 -9.47 17.32
CA GLY G 10 18.02 -10.41 16.96
C GLY G 10 18.83 -10.92 18.13
N THR G 11 18.49 -10.52 19.35
CA THR G 11 19.28 -10.94 20.51
C THR G 11 19.02 -12.40 20.86
N THR G 12 17.76 -12.82 20.79
CA THR G 12 17.37 -14.18 21.13
C THR G 12 17.54 -15.14 19.98
N ASP G 13 17.95 -14.67 18.82
CA ASP G 13 18.11 -15.53 17.66
C ASP G 13 19.40 -16.32 17.74
N ILE G 14 19.51 -17.32 16.88
CA ILE G 14 20.64 -18.22 16.86
C ILE G 14 21.54 -17.88 15.67
N GLY G 15 22.79 -18.32 15.75
CA GLY G 15 23.72 -18.16 14.66
C GLY G 15 24.64 -16.97 14.77
N SER G 16 24.70 -16.33 15.92
CA SER G 16 25.53 -15.15 16.08
C SER G 16 26.95 -15.57 16.46
N ASN G 17 27.92 -15.19 15.63
CA ASN G 17 29.33 -15.44 15.90
C ASN G 17 29.63 -16.94 15.96
N THR G 18 29.17 -17.65 14.94
CA THR G 18 29.41 -19.08 14.83
C THR G 18 29.64 -19.42 13.36
N THR G 19 30.32 -20.54 13.13
CA THR G 19 30.61 -21.02 11.79
C THR G 19 29.55 -22.04 11.39
N VAL G 20 28.96 -21.83 10.22
CA VAL G 20 27.85 -22.64 9.73
C VAL G 20 28.35 -23.48 8.57
N LYS G 21 28.02 -24.77 8.57
CA LYS G 21 28.47 -25.67 7.52
C LYS G 21 27.30 -25.98 6.59
N THR G 22 27.35 -25.43 5.39
CA THR G 22 26.27 -25.57 4.42
C THR G 22 26.60 -26.67 3.42
N GLY G 23 25.60 -27.01 2.62
CA GLY G 23 25.79 -27.98 1.57
C GLY G 23 24.55 -28.15 0.73
N ASP G 24 24.77 -28.65 -0.49
CA ASP G 24 23.71 -28.95 -1.43
C ASP G 24 23.78 -30.42 -1.79
N LEU G 25 22.60 -31.05 -1.92
CA LEU G 25 22.50 -32.43 -2.38
C LEU G 25 21.41 -32.50 -3.43
N VAL G 26 21.79 -32.85 -4.66
CA VAL G 26 20.89 -32.79 -5.81
C VAL G 26 20.76 -34.18 -6.41
N THR G 27 19.60 -34.45 -7.00
CA THR G 27 19.40 -35.69 -7.72
C THR G 27 18.10 -35.62 -8.49
N TYR G 28 18.07 -36.24 -9.66
CA TYR G 28 16.94 -36.18 -10.57
C TYR G 28 16.37 -37.58 -10.75
N ASP G 29 15.12 -37.76 -10.36
CA ASP G 29 14.37 -38.99 -10.62
C ASP G 29 13.65 -38.81 -11.95
N LYS G 30 14.21 -39.42 -12.99
CA LYS G 30 13.63 -39.31 -14.33
C LYS G 30 12.26 -39.97 -14.39
N GLU G 31 12.12 -41.14 -13.78
CA GLU G 31 10.87 -41.89 -13.88
C GLU G 31 9.72 -41.09 -13.31
N ASN G 32 9.92 -40.49 -12.13
CA ASN G 32 8.90 -39.68 -11.49
C ASN G 32 9.00 -38.21 -11.86
N GLY G 33 10.02 -37.82 -12.62
CA GLY G 33 10.12 -36.46 -13.10
C GLY G 33 10.30 -35.45 -11.99
N MET G 34 11.20 -35.73 -11.05
CA MET G 34 11.42 -34.87 -9.90
C MET G 34 12.87 -34.42 -9.85
N HIS G 35 13.08 -33.12 -9.75
CA HIS G 35 14.39 -32.57 -9.44
C HIS G 35 14.41 -32.27 -7.95
N LYS G 36 15.13 -33.09 -7.19
CA LYS G 36 15.18 -32.97 -5.74
C LYS G 36 16.48 -32.30 -5.34
N LYS G 37 16.38 -31.28 -4.49
CA LYS G 37 17.53 -30.65 -3.89
C LYS G 37 17.29 -30.51 -2.40
N VAL G 38 18.36 -30.65 -1.63
CA VAL G 38 18.35 -30.46 -0.20
C VAL G 38 19.48 -29.49 0.12
N PHE G 39 19.12 -28.35 0.69
CA PHE G 39 20.10 -27.39 1.19
C PHE G 39 20.19 -27.53 2.68
N TYR G 40 21.32 -28.04 3.17
CA TYR G 40 21.46 -28.31 4.58
C TYR G 40 22.47 -27.35 5.20
N SER G 41 22.17 -26.94 6.42
CA SER G 41 23.03 -26.03 7.18
C SER G 41 23.17 -26.55 8.59
N PHE G 42 24.40 -26.85 8.99
CA PHE G 42 24.72 -27.28 10.34
C PHE G 42 25.12 -26.08 11.17
N ILE G 43 24.49 -25.94 12.33
CA ILE G 43 24.71 -24.83 13.25
C ILE G 43 25.03 -25.43 14.61
N ASP G 44 26.22 -25.15 15.11
CA ASP G 44 26.64 -25.55 16.45
C ASP G 44 26.90 -24.27 17.23
N ASP G 45 25.84 -23.70 17.79
CA ASP G 45 25.94 -22.50 18.61
C ASP G 45 26.29 -22.93 20.03
N LYS G 46 27.50 -22.59 20.46
CA LYS G 46 27.97 -23.00 21.77
C LYS G 46 27.05 -22.53 22.89
N ASN G 47 26.33 -21.43 22.67
CA ASN G 47 25.37 -20.94 23.64
C ASN G 47 24.01 -21.62 23.55
N HIS G 48 23.77 -22.39 22.49
CA HIS G 48 22.54 -23.14 22.34
C HIS G 48 22.72 -24.55 22.92
N ASN G 49 21.63 -25.11 23.42
CA ASN G 49 21.70 -26.37 24.13
C ASN G 49 21.69 -27.57 23.20
N LYS G 50 21.57 -27.38 21.89
CA LYS G 50 21.51 -28.48 20.96
C LYS G 50 22.15 -28.07 19.64
N LYS G 51 22.53 -29.07 18.87
CA LYS G 51 22.98 -28.87 17.50
C LYS G 51 21.78 -28.77 16.58
N LEU G 52 21.82 -27.82 15.67
CA LEU G 52 20.72 -27.57 14.75
C LEU G 52 21.12 -27.95 13.34
N LEU G 53 20.17 -28.54 12.61
CA LEU G 53 20.31 -28.81 11.19
C LEU G 53 19.10 -28.22 10.49
N VAL G 54 19.36 -27.27 9.60
CA VAL G 54 18.30 -26.66 8.81
C VAL G 54 18.31 -27.31 7.43
N ILE G 55 17.23 -28.01 7.13
CA ILE G 55 17.09 -28.77 5.89
C ILE G 55 16.02 -28.07 5.06
N ARG G 56 16.44 -27.46 3.97
CA ARG G 56 15.52 -26.81 3.05
C ARG G 56 15.34 -27.72 1.85
N THR G 57 14.18 -28.35 1.77
CA THR G 57 13.80 -29.09 0.59
C THR G 57 13.44 -28.11 -0.52
N LYS G 58 14.02 -28.33 -1.69
CA LYS G 58 13.81 -27.48 -2.85
C LYS G 58 13.83 -28.35 -4.10
N GLY G 59 13.65 -27.69 -5.23
CA GLY G 59 13.69 -28.38 -6.49
C GLY G 59 12.48 -28.08 -7.34
N THR G 60 12.00 -29.09 -8.06
CA THR G 60 10.84 -28.92 -8.91
C THR G 60 10.20 -30.27 -9.14
N ILE G 61 8.90 -30.34 -8.90
CA ILE G 61 8.12 -31.55 -9.11
C ILE G 61 7.28 -31.31 -10.36
N ALA G 62 7.74 -31.85 -11.47
CA ALA G 62 7.08 -31.61 -12.74
C ALA G 62 5.62 -32.04 -12.67
N GLY G 63 4.74 -31.16 -13.12
CA GLY G 63 3.32 -31.46 -13.06
C GLY G 63 2.91 -32.59 -13.99
N GLN G 64 3.53 -32.66 -15.16
CA GLN G 64 3.27 -33.72 -16.13
C GLN G 64 1.81 -33.73 -16.56
N TYR G 65 1.19 -32.55 -16.62
CA TYR G 65 -0.11 -32.38 -17.23
C TYR G 65 -0.04 -32.88 -18.67
N ARG G 66 -0.66 -34.02 -18.96
CA ARG G 66 -0.45 -34.62 -20.27
C ARG G 66 -1.57 -35.58 -20.59
N VAL G 67 -1.92 -35.64 -21.88
CA VAL G 67 -2.85 -36.64 -22.38
C VAL G 67 -2.13 -37.98 -22.40
N TYR G 68 -2.71 -38.97 -21.74
CA TYR G 68 -2.05 -40.26 -21.57
C TYR G 68 -2.65 -41.38 -22.42
N SER G 69 -3.92 -41.29 -22.79
CA SER G 69 -4.57 -42.37 -23.51
C SER G 69 -5.67 -41.81 -24.40
N GLU G 70 -5.76 -42.35 -25.61
CA GLU G 70 -6.81 -42.01 -26.55
C GLU G 70 -7.44 -43.28 -27.08
N GLU G 71 -8.76 -43.37 -26.97
CA GLU G 71 -9.52 -44.51 -27.49
C GLU G 71 -10.27 -44.16 -28.77
N GLY G 72 -9.87 -43.08 -29.44
CA GLY G 72 -10.57 -42.63 -30.63
C GLY G 72 -10.83 -41.14 -30.59
N ALA G 73 -11.79 -40.69 -31.40
CA ALA G 73 -12.10 -39.27 -31.45
C ALA G 73 -13.15 -38.86 -30.44
N ASN G 74 -13.73 -39.81 -29.71
CA ASN G 74 -14.82 -39.52 -28.78
C ASN G 74 -14.38 -39.57 -27.32
N LYS G 75 -13.27 -40.23 -27.02
CA LYS G 75 -12.83 -40.37 -25.64
C LYS G 75 -11.35 -40.00 -25.54
N SER G 76 -10.97 -39.42 -24.40
CA SER G 76 -9.57 -39.17 -24.13
C SER G 76 -9.36 -39.04 -22.63
N GLY G 77 -8.09 -39.14 -22.23
CA GLY G 77 -7.75 -39.09 -20.83
C GLY G 77 -6.54 -38.24 -20.52
N LEU G 78 -6.65 -37.40 -19.49
CA LEU G 78 -5.61 -36.48 -19.09
C LEU G 78 -5.13 -36.80 -17.68
N ALA G 79 -3.82 -36.93 -17.54
CA ALA G 79 -3.20 -37.02 -16.22
C ALA G 79 -2.82 -35.62 -15.79
N TRP G 80 -3.42 -35.15 -14.70
CA TRP G 80 -3.15 -33.81 -14.20
C TRP G 80 -2.86 -33.88 -12.71
N PRO G 81 -1.86 -33.14 -12.22
CA PRO G 81 -1.50 -33.20 -10.80
C PRO G 81 -2.49 -32.43 -9.95
N SER G 82 -3.05 -33.09 -8.95
CA SER G 82 -3.94 -32.45 -7.99
C SER G 82 -3.23 -32.08 -6.71
N ALA G 83 -2.05 -32.63 -6.45
CA ALA G 83 -1.38 -32.37 -5.19
C ALA G 83 0.09 -32.76 -5.30
N PHE G 84 0.92 -31.96 -4.65
CA PHE G 84 2.32 -32.28 -4.41
C PHE G 84 2.50 -32.46 -2.91
N LYS G 85 3.57 -33.17 -2.54
CA LYS G 85 3.83 -33.40 -1.13
C LYS G 85 5.31 -33.55 -0.90
N VAL G 86 5.75 -33.10 0.26
CA VAL G 86 7.12 -33.23 0.72
C VAL G 86 7.08 -33.67 2.16
N GLN G 87 7.80 -34.75 2.48
CA GLN G 87 7.79 -35.31 3.82
C GLN G 87 9.20 -35.63 4.25
N LEU G 88 9.55 -35.22 5.46
CA LEU G 88 10.79 -35.63 6.10
C LEU G 88 10.44 -36.46 7.33
N GLN G 89 10.95 -37.68 7.37
CA GLN G 89 10.60 -38.63 8.40
C GLN G 89 11.86 -39.21 9.02
N LEU G 90 11.96 -39.14 10.33
CA LEU G 90 13.04 -39.80 11.05
C LEU G 90 12.57 -41.15 11.57
N PRO G 91 13.42 -42.18 11.54
CA PRO G 91 13.01 -43.46 12.13
C PRO G 91 12.75 -43.31 13.62
N ASP G 92 11.78 -44.10 14.11
CA ASP G 92 11.31 -43.95 15.48
C ASP G 92 12.40 -44.20 16.50
N ASN G 93 13.46 -44.91 16.14
CA ASN G 93 14.53 -45.24 17.07
C ASN G 93 15.60 -44.18 17.19
N GLU G 94 15.45 -43.07 16.46
CA GLU G 94 16.47 -42.03 16.48
C GLU G 94 16.32 -41.13 17.70
N VAL G 95 17.44 -40.52 18.09
CA VAL G 95 17.43 -39.59 19.21
C VAL G 95 17.11 -38.17 18.76
N ALA G 96 17.24 -37.87 17.47
CA ALA G 96 16.99 -36.53 16.97
C ALA G 96 15.50 -36.24 16.95
N GLN G 97 15.19 -34.96 16.79
CA GLN G 97 13.82 -34.49 16.82
C GLN G 97 13.62 -33.40 15.79
N ILE G 98 12.38 -33.27 15.33
CA ILE G 98 12.01 -32.22 14.38
C ILE G 98 11.56 -31.03 15.21
N SER G 99 12.51 -30.15 15.52
CA SER G 99 12.22 -29.03 16.41
C SER G 99 11.31 -28.00 15.76
N ASP G 100 11.59 -27.63 14.51
CA ASP G 100 10.86 -26.51 13.91
C ASP G 100 10.64 -26.75 12.44
N TYR G 101 9.86 -25.86 11.83
CA TYR G 101 9.51 -25.98 10.42
C TYR G 101 8.97 -24.65 9.93
N TYR G 102 8.92 -24.53 8.61
CA TYR G 102 8.40 -23.36 7.92
C TYR G 102 8.25 -23.69 6.45
N PRO G 103 7.19 -23.23 5.78
CA PRO G 103 6.08 -22.43 6.26
C PRO G 103 5.10 -23.21 7.11
N ARG G 104 4.19 -22.50 7.76
CA ARG G 104 3.18 -23.08 8.60
C ARG G 104 1.80 -22.69 8.07
N ASN G 105 0.77 -23.02 8.85
CA ASN G 105 -0.61 -22.75 8.47
C ASN G 105 -1.02 -21.39 9.02
N ASP G 106 -0.70 -20.35 8.25
CA ASP G 106 -1.09 -19.00 8.64
C ASP G 106 -2.60 -18.88 8.68
N ALA G 107 -3.11 -18.16 9.68
CA ALA G 107 -4.53 -17.91 9.79
C ALA G 107 -4.96 -16.93 8.70
N GLU G 108 -5.84 -17.37 7.81
CA GLU G 108 -6.33 -16.55 6.72
C GLU G 108 -7.56 -15.76 7.17
N PHE G 109 -8.15 -15.03 6.25
CA PHE G 109 -9.28 -14.17 6.56
C PHE G 109 -10.08 -13.91 5.30
N ARG G 110 -11.30 -13.41 5.49
CA ARG G 110 -12.16 -12.95 4.41
C ARG G 110 -12.68 -11.57 4.75
N HIS G 111 -12.35 -10.58 3.91
CA HIS G 111 -12.85 -9.23 4.12
C HIS G 111 -14.37 -9.24 4.07
N ASP G 112 -15.01 -8.94 5.19
CA ASP G 112 -16.46 -8.97 5.33
C ASP G 112 -16.94 -7.53 5.42
N SER G 113 -17.65 -7.07 4.38
CA SER G 113 -18.20 -5.71 4.34
C SER G 113 -19.71 -5.80 4.44
N GLY G 114 -20.25 -5.39 5.58
CA GLY G 114 -21.68 -5.38 5.80
C GLY G 114 -22.31 -4.05 5.43
N TYR G 115 -23.62 -4.08 5.21
CA TYR G 115 -24.35 -2.91 4.73
C TYR G 115 -25.52 -2.62 5.65
N GLU G 116 -25.63 -1.34 6.05
CA GLU G 116 -26.84 -0.80 6.69
C GLU G 116 -27.02 0.59 6.09
N VAL G 117 -27.76 0.68 4.98
CA VAL G 117 -27.85 1.91 4.21
C VAL G 117 -29.31 2.19 3.88
N HIS G 118 -29.68 3.47 3.89
CA HIS G 118 -31.05 3.91 3.66
C HIS G 118 -31.08 4.85 2.47
N HIS G 119 -32.05 4.66 1.58
CA HIS G 119 -32.29 5.57 0.47
C HIS G 119 -33.74 6.03 0.53
N GLN G 120 -33.99 7.27 0.13
CA GLN G 120 -35.34 7.79 0.00
C GLN G 120 -35.47 8.55 -1.30
N LYS G 121 -36.61 8.37 -1.97
CA LYS G 121 -36.89 9.03 -3.24
C LYS G 121 -38.31 9.57 -3.22
N LEU G 122 -38.50 10.71 -3.89
CA LEU G 122 -39.80 11.36 -3.97
C LEU G 122 -40.08 11.73 -5.42
N VAL G 123 -41.00 11.01 -6.05
CA VAL G 123 -41.35 11.24 -7.45
C VAL G 123 -42.72 11.89 -7.50
N PHE G 124 -42.89 12.89 -8.36
CA PHE G 124 -44.18 13.54 -8.56
C PHE G 124 -44.34 13.84 -10.04
N PHE G 125 -44.94 12.90 -10.76
CA PHE G 125 -45.16 12.98 -12.19
C PHE G 125 -46.38 13.83 -12.51
N ALA G 126 -46.35 14.48 -13.66
CA ALA G 126 -47.46 15.35 -14.08
C ALA G 126 -47.59 15.31 -15.59
N GLU G 127 -48.79 15.64 -16.06
CA GLU G 127 -49.10 15.72 -17.48
C GLU G 127 -49.50 17.14 -17.86
N ASP G 128 -49.39 17.44 -19.15
CA ASP G 128 -49.76 18.76 -19.64
C ASP G 128 -51.27 19.00 -19.60
N VAL G 129 -52.08 17.95 -19.39
CA VAL G 129 -53.52 18.13 -19.34
C VAL G 129 -54.00 18.47 -17.92
N GLY G 130 -53.10 18.54 -16.96
CA GLY G 130 -53.48 18.87 -15.59
C GLY G 130 -53.77 17.67 -14.74
N SER G 131 -52.84 16.72 -14.70
CA SER G 131 -53.01 15.51 -13.89
C SER G 131 -51.68 15.22 -13.19
N ASN G 132 -51.69 15.29 -11.87
CA ASN G 132 -50.50 15.03 -11.06
C ASN G 132 -50.68 13.74 -10.27
N LYS G 133 -49.58 13.01 -10.11
CA LYS G 133 -49.61 11.71 -9.45
C LYS G 133 -48.20 11.37 -9.01
N GLY G 134 -48.06 10.90 -7.77
CA GLY G 134 -46.71 10.77 -7.23
C GLY G 134 -46.60 9.64 -6.23
N ALA G 135 -45.35 9.43 -5.78
CA ALA G 135 -45.01 8.38 -4.84
C ALA G 135 -43.82 8.82 -3.99
N ILE G 136 -43.72 8.20 -2.81
CA ILE G 136 -42.56 8.35 -1.93
C ILE G 136 -42.06 6.96 -1.60
N ILE G 137 -40.78 6.71 -1.86
CA ILE G 137 -40.18 5.38 -1.81
C ILE G 137 -39.09 5.38 -0.76
N GLY G 138 -39.14 4.39 0.14
CA GLY G 138 -38.07 4.14 1.10
C GLY G 138 -37.42 2.81 0.81
N LEU G 139 -36.10 2.83 0.61
CA LEU G 139 -35.36 1.66 0.16
C LEU G 139 -34.31 1.31 1.19
N MET G 140 -34.21 0.02 1.52
CA MET G 140 -33.26 -0.48 2.49
C MET G 140 -32.20 -1.31 1.79
N VAL G 141 -30.93 -1.05 2.10
CA VAL G 141 -29.82 -1.83 1.59
C VAL G 141 -29.13 -2.49 2.78
N GLY G 142 -29.08 -3.82 2.75
CA GLY G 142 -28.49 -4.59 3.83
C GLY G 142 -27.88 -5.85 3.28
N GLY G 143 -27.20 -6.59 4.15
CA GLY G 143 -26.49 -7.79 3.78
C GLY G 143 -25.00 -7.65 3.96
N VAL G 144 -24.26 -8.51 3.26
CA VAL G 144 -22.81 -8.58 3.41
C VAL G 144 -22.20 -9.00 2.07
N VAL G 145 -20.99 -8.51 1.81
CA VAL G 145 -20.17 -8.96 0.70
C VAL G 145 -18.87 -9.48 1.27
N ILE G 146 -18.48 -10.69 0.85
CA ILE G 146 -17.28 -11.36 1.32
C ILE G 146 -16.28 -11.38 0.16
N ALA G 147 -15.10 -10.81 0.39
CA ALA G 147 -14.06 -10.75 -0.62
C ALA G 147 -12.74 -11.22 -0.05
N TYR G 148 -12.08 -12.12 -0.77
CA TYR G 148 -10.82 -12.69 -0.33
C TYR G 148 -10.06 -13.20 -1.54
N VAL G 149 -8.79 -13.50 -1.33
CA VAL G 149 -7.94 -14.06 -2.39
C VAL G 149 -8.18 -15.55 -2.48
N GLN G 150 -8.43 -16.05 -3.69
CA GLN G 150 -8.70 -17.47 -3.94
C GLN G 150 -7.59 -18.02 -4.83
N PRO G 151 -6.50 -18.51 -4.27
CA PRO G 151 -5.41 -19.01 -5.10
C PRO G 151 -5.74 -20.37 -5.71
N ASP G 152 -5.04 -20.66 -6.81
CA ASP G 152 -5.25 -21.93 -7.49
C ASP G 152 -4.82 -23.10 -6.62
N PHE G 153 -3.69 -22.96 -5.94
CA PHE G 153 -3.14 -24.02 -5.10
C PHE G 153 -2.88 -23.50 -3.70
N LYS G 154 -3.28 -24.29 -2.72
CA LYS G 154 -2.98 -24.01 -1.32
C LYS G 154 -1.71 -24.74 -0.91
N THR G 155 -1.03 -24.18 0.09
CA THR G 155 0.09 -24.83 0.74
C THR G 155 -0.29 -25.10 2.18
N ILE G 156 -0.05 -26.32 2.65
CA ILE G 156 -0.54 -26.78 3.94
C ILE G 156 0.56 -27.53 4.66
N LEU G 157 0.61 -27.37 5.97
CA LEU G 157 1.53 -28.11 6.82
C LEU G 157 0.77 -29.26 7.47
N GLU G 158 1.04 -30.48 7.00
CA GLU G 158 0.39 -31.63 7.59
C GLU G 158 0.79 -31.78 9.05
N SER G 159 -0.12 -32.35 9.83
CA SER G 159 0.10 -32.53 11.27
C SER G 159 1.47 -33.13 11.52
N PRO G 160 2.40 -32.38 12.09
CA PRO G 160 3.75 -32.89 12.32
C PRO G 160 3.91 -33.58 13.66
N THR G 161 5.08 -34.17 13.83
CA THR G 161 5.47 -34.85 15.06
C THR G 161 6.91 -34.49 15.38
N ASP G 162 7.50 -35.23 16.32
CA ASP G 162 8.91 -35.11 16.61
C ASP G 162 9.77 -35.98 15.71
N LYS G 163 9.15 -36.77 14.84
CA LYS G 163 9.86 -37.62 13.90
C LYS G 163 9.43 -37.42 12.46
N LYS G 164 8.22 -36.95 12.22
CA LYS G 164 7.70 -36.75 10.88
C LYS G 164 7.19 -35.32 10.73
N VAL G 165 7.47 -34.74 9.56
CA VAL G 165 6.90 -33.46 9.17
C VAL G 165 6.60 -33.52 7.69
N GLY G 166 5.64 -32.71 7.26
CA GLY G 166 5.21 -32.77 5.88
C GLY G 166 4.35 -31.62 5.42
N TRP G 167 4.63 -31.15 4.22
CA TRP G 167 3.84 -30.15 3.53
C TRP G 167 3.13 -30.79 2.35
N LYS G 168 1.94 -30.28 2.06
CA LYS G 168 1.19 -30.69 0.90
C LYS G 168 0.66 -29.46 0.19
N VAL G 169 0.83 -29.44 -1.13
CA VAL G 169 0.28 -28.42 -1.99
C VAL G 169 -0.94 -29.03 -2.67
N ILE G 170 -2.07 -28.37 -2.55
CA ILE G 170 -3.37 -28.93 -2.90
C ILE G 170 -4.02 -28.06 -3.96
N PHE G 171 -4.70 -28.69 -4.91
CA PHE G 171 -5.48 -27.96 -5.88
C PHE G 171 -6.79 -27.50 -5.25
N ASN G 172 -7.01 -26.19 -5.24
CA ASN G 172 -8.20 -25.61 -4.63
C ASN G 172 -9.26 -25.25 -5.66
N ASN G 173 -8.92 -24.40 -6.61
CA ASN G 173 -9.85 -23.96 -7.65
C ASN G 173 -9.05 -23.55 -8.87
N MET G 174 -9.67 -23.69 -10.03
CA MET G 174 -9.09 -23.22 -11.28
C MET G 174 -10.13 -22.44 -12.06
N VAL G 175 -9.66 -21.40 -12.74
CA VAL G 175 -10.51 -20.55 -13.57
C VAL G 175 -10.27 -20.95 -15.01
N ASN G 176 -11.33 -21.41 -15.67
CA ASN G 176 -11.25 -21.70 -17.10
C ASN G 176 -11.24 -20.39 -17.88
N GLN G 177 -11.35 -20.50 -19.20
CA GLN G 177 -11.20 -19.34 -20.09
C GLN G 177 -11.98 -18.15 -19.55
N ASN G 178 -13.29 -18.32 -19.40
CA ASN G 178 -14.13 -17.31 -18.76
C ASN G 178 -15.40 -17.93 -18.17
N TRP G 179 -15.44 -19.25 -18.04
CA TRP G 179 -16.62 -19.96 -17.56
C TRP G 179 -16.69 -20.02 -16.05
N GLY G 180 -15.69 -19.51 -15.34
CA GLY G 180 -15.73 -19.42 -13.91
C GLY G 180 -14.89 -20.48 -13.24
N PRO G 181 -14.86 -20.46 -11.91
CA PRO G 181 -14.03 -21.41 -11.17
C PRO G 181 -14.57 -22.82 -11.28
N TYR G 182 -13.64 -23.79 -11.16
CA TYR G 182 -14.00 -25.19 -11.13
C TYR G 182 -13.03 -25.93 -10.21
N ASP G 183 -13.55 -26.95 -9.54
CA ASP G 183 -12.77 -27.74 -8.60
C ASP G 183 -12.90 -29.22 -8.96
N ARG G 184 -12.24 -30.06 -8.17
CA ARG G 184 -12.28 -31.50 -8.43
C ARG G 184 -13.67 -32.06 -8.23
N ASP G 185 -14.47 -31.44 -7.36
CA ASP G 185 -15.79 -31.94 -7.02
C ASP G 185 -16.90 -31.30 -7.85
N SER G 186 -16.57 -30.33 -8.70
CA SER G 186 -17.58 -29.72 -9.55
C SER G 186 -18.23 -30.77 -10.43
N TRP G 187 -19.54 -30.66 -10.60
CA TRP G 187 -20.30 -31.63 -11.39
C TRP G 187 -21.50 -30.94 -11.99
N ASN G 188 -21.52 -30.83 -13.30
CA ASN G 188 -22.68 -30.36 -14.04
C ASN G 188 -23.39 -31.54 -14.67
N PRO G 189 -24.69 -31.74 -14.45
CA PRO G 189 -25.35 -32.90 -15.07
C PRO G 189 -25.21 -32.91 -16.59
N VAL G 190 -25.11 -31.73 -17.19
CA VAL G 190 -24.97 -31.65 -18.66
C VAL G 190 -23.55 -32.00 -19.07
N TYR G 191 -22.58 -31.23 -18.58
CA TYR G 191 -21.19 -31.34 -19.02
C TYR G 191 -20.32 -32.08 -18.02
N GLY G 192 -20.86 -32.54 -16.91
CA GLY G 192 -20.02 -33.17 -15.91
C GLY G 192 -19.08 -32.16 -15.30
N ASN G 193 -17.78 -32.45 -15.37
CA ASN G 193 -16.75 -31.59 -14.81
C ASN G 193 -16.10 -30.81 -15.94
N GLN G 194 -16.29 -29.49 -15.94
CA GLN G 194 -15.78 -28.62 -17.00
C GLN G 194 -14.41 -28.07 -16.69
N LEU G 195 -13.62 -28.78 -15.88
CA LEU G 195 -12.38 -28.21 -15.38
C LEU G 195 -11.40 -27.91 -16.50
N PHE G 196 -11.19 -28.86 -17.41
CA PHE G 196 -10.17 -28.74 -18.45
C PHE G 196 -10.75 -28.83 -19.85
N MET G 197 -12.04 -28.57 -20.02
CA MET G 197 -12.66 -28.63 -21.34
C MET G 197 -12.44 -27.32 -22.07
N LYS G 198 -11.71 -27.38 -23.19
CA LYS G 198 -11.50 -26.18 -23.99
C LYS G 198 -12.81 -25.67 -24.56
N THR G 199 -13.67 -26.57 -25.01
CA THR G 199 -14.96 -26.18 -25.56
C THR G 199 -15.99 -27.25 -25.21
N ARG G 200 -17.26 -26.82 -25.19
CA ARG G 200 -18.35 -27.70 -24.83
C ARG G 200 -18.94 -28.44 -26.02
N ASN G 201 -18.91 -27.83 -27.21
CA ASN G 201 -19.47 -28.40 -28.42
C ASN G 201 -18.42 -28.44 -29.52
N GLY G 202 -17.22 -28.90 -29.16
CA GLY G 202 -16.13 -28.91 -30.11
C GLY G 202 -16.28 -30.02 -31.14
N SER G 203 -15.77 -29.75 -32.33
CA SER G 203 -15.75 -30.72 -33.41
C SER G 203 -14.44 -31.49 -33.50
N MET G 204 -13.46 -31.14 -32.68
CA MET G 204 -12.18 -31.83 -32.72
C MET G 204 -12.24 -33.08 -31.83
N LYS G 205 -11.28 -33.97 -32.04
CA LYS G 205 -11.23 -35.16 -31.23
C LYS G 205 -10.93 -34.81 -29.78
N ALA G 206 -11.35 -35.70 -28.88
CA ALA G 206 -11.30 -35.40 -27.46
C ALA G 206 -9.91 -34.95 -27.03
N ALA G 207 -8.87 -35.59 -27.56
CA ALA G 207 -7.52 -35.26 -27.12
C ALA G 207 -7.17 -33.80 -27.37
N ASP G 208 -7.86 -33.17 -28.30
CA ASP G 208 -7.60 -31.78 -28.66
C ASP G 208 -8.54 -30.79 -28.00
N ASN G 209 -9.46 -31.27 -27.16
CA ASN G 209 -10.42 -30.40 -26.50
C ASN G 209 -10.01 -30.05 -25.07
N PHE G 210 -8.77 -30.39 -24.70
CA PHE G 210 -8.25 -30.09 -23.38
C PHE G 210 -7.58 -28.72 -23.37
N LEU G 211 -7.66 -28.06 -22.22
CA LEU G 211 -7.05 -26.74 -22.08
C LEU G 211 -5.56 -26.79 -22.40
N ASP G 212 -5.09 -25.78 -23.10
CA ASP G 212 -3.67 -25.64 -23.34
C ASP G 212 -2.98 -25.36 -22.01
N PRO G 213 -1.92 -26.08 -21.67
CA PRO G 213 -1.29 -25.85 -20.36
C PRO G 213 -0.80 -24.44 -20.16
N ASN G 214 -0.44 -23.74 -21.23
CA ASN G 214 -0.01 -22.35 -21.07
C ASN G 214 -1.10 -21.48 -20.47
N LYS G 215 -2.34 -21.66 -20.90
CA LYS G 215 -3.44 -20.93 -20.31
C LYS G 215 -3.60 -21.27 -18.83
N ALA G 216 -3.46 -22.54 -18.49
CA ALA G 216 -3.65 -23.00 -17.13
C ALA G 216 -2.43 -22.66 -16.28
N SER G 217 -2.58 -22.84 -14.97
CA SER G 217 -1.51 -22.55 -14.04
C SER G 217 -0.28 -23.38 -14.40
N SER G 218 0.89 -22.74 -14.31
CA SER G 218 2.13 -23.43 -14.68
C SER G 218 2.45 -24.56 -13.73
N LEU G 219 1.79 -24.62 -12.57
CA LEU G 219 2.01 -25.73 -11.65
C LEU G 219 1.59 -27.05 -12.27
N LEU G 220 0.61 -27.02 -13.16
CA LEU G 220 0.11 -28.24 -13.76
C LEU G 220 1.07 -28.78 -14.81
N SER G 221 1.64 -27.91 -15.63
CA SER G 221 2.45 -28.34 -16.76
C SER G 221 3.94 -28.39 -16.39
N SER G 222 4.50 -27.24 -16.04
CA SER G 222 5.91 -27.15 -15.74
C SER G 222 6.26 -27.71 -14.37
N GLY G 223 5.43 -27.45 -13.38
CA GLY G 223 5.56 -28.06 -12.07
C GLY G 223 5.63 -27.03 -10.96
N PHE G 224 5.92 -27.52 -9.77
CA PHE G 224 5.96 -26.73 -8.55
C PHE G 224 7.32 -26.85 -7.90
N SER G 225 7.86 -25.71 -7.48
CA SER G 225 9.20 -25.67 -6.91
C SER G 225 9.12 -25.34 -5.42
N PRO G 226 9.18 -26.31 -4.53
CA PRO G 226 9.05 -26.02 -3.11
C PRO G 226 10.27 -25.32 -2.55
N ASP G 227 10.04 -24.63 -1.44
CA ASP G 227 11.11 -24.11 -0.58
C ASP G 227 10.61 -24.31 0.85
N PHE G 228 10.94 -25.44 1.45
CA PHE G 228 10.38 -25.83 2.73
C PHE G 228 11.51 -26.11 3.71
N ALA G 229 11.56 -25.35 4.79
CA ALA G 229 12.61 -25.48 5.78
C ALA G 229 12.13 -26.31 6.96
N THR G 230 13.02 -27.17 7.45
CA THR G 230 12.79 -27.95 8.64
C THR G 230 14.03 -27.81 9.52
N VAL G 231 13.83 -27.88 10.83
CA VAL G 231 14.90 -27.68 11.79
C VAL G 231 14.93 -28.88 12.70
N ILE G 232 15.95 -29.72 12.49
CA ILE G 232 16.27 -30.87 13.33
C ILE G 232 17.15 -30.39 14.46
N THR G 233 16.98 -31.00 15.63
CA THR G 233 17.76 -30.66 16.80
C THR G 233 18.26 -31.95 17.45
N MET G 234 19.53 -31.96 17.83
CA MET G 234 20.14 -33.11 18.48
C MET G 234 20.88 -32.67 19.73
N ASP G 235 20.89 -33.54 20.74
CA ASP G 235 21.63 -33.27 21.96
C ASP G 235 23.09 -33.63 21.76
N ARG G 236 23.98 -32.75 22.21
CA ARG G 236 25.40 -32.97 22.01
C ARG G 236 25.89 -34.23 22.72
N LYS G 237 25.25 -34.57 23.84
CA LYS G 237 25.70 -35.70 24.66
C LYS G 237 25.25 -37.05 24.13
N ALA G 238 24.42 -37.07 23.10
CA ALA G 238 23.95 -38.34 22.56
C ALA G 238 25.13 -39.14 22.02
N SER G 239 25.17 -40.43 22.38
CA SER G 239 26.28 -41.27 21.94
C SER G 239 26.28 -41.46 20.43
N LYS G 240 25.11 -41.60 19.83
CA LYS G 240 24.99 -41.85 18.39
C LYS G 240 24.84 -40.51 17.68
N GLN G 241 25.92 -40.04 17.05
CA GLN G 241 25.95 -38.78 16.35
C GLN G 241 25.71 -38.93 14.86
N GLN G 242 25.11 -40.04 14.44
CA GLN G 242 24.75 -40.26 13.05
C GLN G 242 23.27 -40.61 12.97
N THR G 243 22.58 -40.04 11.98
CA THR G 243 21.16 -40.28 11.80
C THR G 243 20.86 -40.54 10.33
N ASN G 244 19.67 -41.07 10.08
CA ASN G 244 19.19 -41.32 8.73
C ASN G 244 17.82 -40.68 8.61
N ILE G 245 17.67 -39.79 7.62
CA ILE G 245 16.43 -39.05 7.42
C ILE G 245 15.90 -39.35 6.03
N ASP G 246 14.62 -39.67 5.95
CA ASP G 246 13.97 -40.00 4.69
C ASP G 246 13.25 -38.76 4.16
N VAL G 247 13.70 -38.27 3.01
CA VAL G 247 13.06 -37.17 2.32
C VAL G 247 12.23 -37.73 1.19
N ILE G 248 10.95 -37.37 1.15
CA ILE G 248 9.99 -37.96 0.24
C ILE G 248 9.31 -36.84 -0.53
N TYR G 249 9.27 -36.98 -1.84
CA TYR G 249 8.49 -36.13 -2.73
C TYR G 249 7.37 -36.96 -3.34
N GLU G 250 6.21 -36.37 -3.48
CA GLU G 250 5.07 -37.08 -4.06
C GLU G 250 4.34 -36.18 -5.03
N ARG G 251 3.86 -36.79 -6.10
CA ARG G 251 2.96 -36.14 -7.05
C ARG G 251 1.73 -37.02 -7.18
N VAL G 252 0.58 -36.46 -6.81
CA VAL G 252 -0.70 -37.14 -6.93
C VAL G 252 -1.34 -36.72 -8.24
N ARG G 253 -1.58 -37.68 -9.12
CA ARG G 253 -2.11 -37.40 -10.45
C ARG G 253 -3.52 -37.95 -10.55
N ASP G 254 -4.45 -37.07 -10.90
CA ASP G 254 -5.84 -37.43 -11.13
C ASP G 254 -6.10 -37.59 -12.62
N ASP G 255 -7.13 -38.36 -12.93
CA ASP G 255 -7.47 -38.69 -14.31
C ASP G 255 -8.72 -37.91 -14.71
N TYR G 256 -8.59 -37.06 -15.72
CA TYR G 256 -9.69 -36.30 -16.27
C TYR G 256 -10.07 -36.98 -17.58
N GLN G 257 -11.20 -37.69 -17.56
CA GLN G 257 -11.69 -38.42 -18.72
C GLN G 257 -12.72 -37.57 -19.43
N LEU G 258 -12.51 -37.38 -20.73
CA LEU G 258 -13.41 -36.58 -21.56
C LEU G 258 -14.11 -37.51 -22.53
N HIS G 259 -15.44 -37.40 -22.57
CA HIS G 259 -16.29 -38.28 -23.36
C HIS G 259 -17.20 -37.45 -24.24
N TRP G 260 -17.61 -38.06 -25.36
CA TRP G 260 -18.51 -37.45 -26.32
C TRP G 260 -19.89 -38.08 -26.15
N THR G 261 -20.89 -37.24 -25.93
CA THR G 261 -22.27 -37.70 -25.73
C THR G 261 -23.06 -37.72 -27.02
N SER G 262 -22.43 -37.42 -28.16
CA SER G 262 -23.11 -37.30 -29.44
C SER G 262 -23.90 -35.99 -29.52
N THR G 263 -23.99 -35.28 -28.39
CA THR G 263 -24.56 -33.94 -28.35
C THR G 263 -23.54 -32.90 -27.90
N ASN G 264 -22.87 -33.14 -26.78
CA ASN G 264 -21.86 -32.25 -26.26
C ASN G 264 -20.80 -33.08 -25.56
N TRP G 265 -19.84 -32.42 -24.93
CA TRP G 265 -18.76 -33.08 -24.23
C TRP G 265 -19.06 -33.17 -22.74
N LYS G 266 -18.58 -34.25 -22.12
CA LYS G 266 -18.74 -34.45 -20.68
C LYS G 266 -17.39 -34.82 -20.09
N GLY G 267 -17.14 -34.34 -18.89
CA GLY G 267 -15.86 -34.57 -18.21
C GLY G 267 -16.07 -35.19 -16.84
N THR G 268 -15.24 -36.18 -16.54
CA THR G 268 -15.25 -36.83 -15.24
C THR G 268 -13.85 -36.80 -14.66
N ASN G 269 -13.77 -36.81 -13.34
CA ASN G 269 -12.51 -36.66 -12.63
C ASN G 269 -12.37 -37.76 -11.59
N THR G 270 -11.41 -38.66 -11.82
CA THR G 270 -11.08 -39.72 -10.88
C THR G 270 -9.90 -39.24 -10.04
N LYS G 271 -10.11 -39.16 -8.75
CA LYS G 271 -9.11 -38.60 -7.84
C LYS G 271 -8.04 -39.61 -7.49
N ASP G 272 -6.83 -39.10 -7.25
CA ASP G 272 -5.72 -39.89 -6.73
C ASP G 272 -5.56 -41.18 -7.53
N LYS G 273 -5.75 -41.09 -8.84
CA LYS G 273 -5.60 -42.27 -9.69
C LYS G 273 -4.18 -42.82 -9.60
N TRP G 274 -3.18 -41.95 -9.69
CA TRP G 274 -1.79 -42.36 -9.60
C TRP G 274 -1.10 -41.55 -8.51
N THR G 275 -0.08 -42.16 -7.92
CA THR G 275 0.74 -41.51 -6.91
C THR G 275 2.20 -41.84 -7.19
N ASP G 276 2.99 -40.82 -7.49
CA ASP G 276 4.39 -40.98 -7.87
C ASP G 276 5.25 -40.49 -6.71
N ARG G 277 5.94 -41.42 -6.06
CA ARG G 277 6.75 -41.12 -4.89
C ARG G 277 8.22 -41.32 -5.20
N SER G 278 9.04 -40.37 -4.74
CA SER G 278 10.49 -40.45 -4.83
C SER G 278 11.04 -40.24 -3.43
N SER G 279 11.59 -41.29 -2.84
CA SER G 279 12.11 -41.26 -1.50
C SER G 279 13.61 -41.48 -1.53
N GLU G 280 14.32 -40.66 -0.76
CA GLU G 280 15.75 -40.77 -0.61
C GLU G 280 16.07 -40.81 0.88
N ARG G 281 17.14 -41.53 1.22
CA ARG G 281 17.61 -41.60 2.59
C ARG G 281 18.95 -40.88 2.67
N TYR G 282 19.03 -39.92 3.57
CA TYR G 282 20.23 -39.11 3.74
C TYR G 282 20.87 -39.43 5.08
N LYS G 283 22.16 -39.72 5.04
CA LYS G 283 22.96 -39.96 6.23
C LYS G 283 23.46 -38.62 6.75
N ILE G 284 23.15 -38.31 7.99
CA ILE G 284 23.54 -37.07 8.64
C ILE G 284 24.64 -37.40 9.64
N ASP G 285 25.80 -36.79 9.47
CA ASP G 285 26.93 -36.91 10.38
C ASP G 285 27.05 -35.59 11.14
N TRP G 286 26.67 -35.62 12.42
CA TRP G 286 26.66 -34.41 13.24
C TRP G 286 28.04 -34.02 13.74
N GLU G 287 29.00 -34.95 13.73
CA GLU G 287 30.35 -34.65 14.18
C GLU G 287 31.15 -33.96 13.08
N LYS G 288 31.15 -34.53 11.88
CA LYS G 288 31.77 -33.90 10.74
C LYS G 288 30.87 -32.84 10.12
N GLU G 289 29.64 -32.71 10.60
CA GLU G 289 28.69 -31.71 10.11
C GLU G 289 28.55 -31.82 8.60
N GLU G 290 28.01 -32.96 8.16
CA GLU G 290 27.78 -33.18 6.74
C GLU G 290 26.56 -34.05 6.55
N MET G 291 26.07 -34.06 5.31
CA MET G 291 24.97 -34.92 4.89
C MET G 291 25.34 -35.56 3.57
N THR G 292 24.97 -36.82 3.41
CA THR G 292 25.30 -37.56 2.20
C THR G 292 24.11 -38.44 1.82
N ASN G 293 24.16 -38.97 0.61
CA ASN G 293 23.12 -39.88 0.14
C ASN G 293 23.70 -41.26 -0.17
#